data_2L11
#
_entry.id   2L11
#
loop_
_entity.id
_entity.type
_entity.pdbx_description
1 polymer 'Chromobox protein homolog 3'
2 polymer 'Histone H3'
#
loop_
_entity_poly.entity_id
_entity_poly.type
_entity_poly.pdbx_seq_one_letter_code
_entity_poly.pdbx_strand_id
1 'polypeptide(L)' GEFVVEKVLDRRVVNGKVEYFLKWKGFTDADNTWEPEENLDCPELIEAFLNSQK A
2 'polypeptide(L)' ARTKQTAR(M3L)STGGKA B
#
# COMPACT_ATOMS: atom_id res chain seq x y z
N GLY A 1 -8.12 -0.48 11.88
CA GLY A 1 -6.80 -1.11 12.14
C GLY A 1 -5.73 -0.60 11.21
N GLU A 2 -4.55 -0.28 11.75
CA GLU A 2 -3.37 0.10 10.96
C GLU A 2 -2.43 -1.10 10.87
N PHE A 3 -2.35 -1.70 9.68
CA PHE A 3 -1.63 -2.97 9.46
C PHE A 3 -0.31 -2.70 8.70
N VAL A 4 0.71 -3.52 8.99
CA VAL A 4 2.02 -3.42 8.36
C VAL A 4 1.99 -4.05 6.96
N VAL A 5 2.29 -3.21 5.96
CA VAL A 5 2.48 -3.64 4.56
C VAL A 5 3.97 -3.92 4.30
N GLU A 6 4.24 -5.01 3.59
CA GLU A 6 5.61 -5.41 3.20
C GLU A 6 6.09 -4.61 1.98
N LYS A 7 5.25 -4.61 0.91
CA LYS A 7 5.61 -4.04 -0.41
C LYS A 7 4.37 -3.75 -1.26
N VAL A 8 4.59 -3.03 -2.39
CA VAL A 8 3.55 -2.78 -3.41
C VAL A 8 3.75 -3.75 -4.59
N LEU A 9 2.64 -4.22 -5.16
CA LEU A 9 2.61 -5.13 -6.31
C LEU A 9 2.14 -4.40 -7.60
N ASP A 10 1.11 -3.50 -7.46
CA ASP A 10 0.48 -2.83 -8.63
C ASP A 10 -0.12 -1.47 -8.22
N ARG A 11 -0.48 -0.64 -9.23
CA ARG A 11 -1.08 0.72 -9.04
C ARG A 11 -2.15 0.98 -10.11
N ARG A 12 -3.18 1.78 -9.74
CA ARG A 12 -4.24 2.27 -10.63
C ARG A 12 -4.79 3.60 -10.10
N VAL A 13 -5.68 4.24 -10.87
CA VAL A 13 -6.37 5.48 -10.46
C VAL A 13 -7.89 5.27 -10.51
N VAL A 14 -8.54 5.37 -9.33
CA VAL A 14 -10.00 5.26 -9.18
C VAL A 14 -10.55 6.57 -8.60
N ASN A 15 -11.47 7.22 -9.36
CA ASN A 15 -12.19 8.46 -8.95
C ASN A 15 -11.23 9.66 -8.78
N GLY A 16 -10.07 9.59 -9.46
CA GLY A 16 -9.03 10.62 -9.37
C GLY A 16 -7.95 10.32 -8.32
N LYS A 17 -8.30 9.47 -7.33
CA LYS A 17 -7.38 9.01 -6.29
C LYS A 17 -6.55 7.83 -6.83
N VAL A 18 -5.38 7.60 -6.22
CA VAL A 18 -4.40 6.60 -6.70
C VAL A 18 -4.30 5.45 -5.67
N GLU A 19 -4.72 4.25 -6.07
CA GLU A 19 -4.75 3.06 -5.20
C GLU A 19 -3.68 2.06 -5.64
N TYR A 20 -2.94 1.55 -4.65
CA TYR A 20 -1.85 0.58 -4.86
C TYR A 20 -2.28 -0.80 -4.35
N PHE A 21 -2.15 -1.83 -5.19
CA PHE A 21 -2.39 -3.22 -4.79
C PHE A 21 -1.17 -3.67 -3.98
N LEU A 22 -1.37 -3.81 -2.67
CA LEU A 22 -0.28 -4.06 -1.73
C LEU A 22 0.12 -5.54 -1.66
N LYS A 23 1.03 -5.82 -0.73
CA LYS A 23 1.34 -7.16 -0.23
C LYS A 23 1.65 -6.93 1.25
N TRP A 24 0.80 -7.44 2.15
CA TRP A 24 0.92 -7.18 3.59
C TRP A 24 2.01 -8.06 4.23
N LYS A 25 2.65 -7.50 5.26
CA LYS A 25 3.61 -8.20 6.11
C LYS A 25 2.86 -8.96 7.23
N GLY A 26 1.77 -8.33 7.73
CA GLY A 26 0.93 -8.92 8.79
C GLY A 26 0.06 -10.07 8.30
N PHE A 27 -0.31 -10.02 7.00
CA PHE A 27 -1.24 -10.99 6.37
C PHE A 27 -0.57 -11.72 5.21
N THR A 28 -1.28 -12.74 4.67
CA THR A 28 -0.76 -13.58 3.57
C THR A 28 -0.73 -12.78 2.24
N ASP A 29 0.05 -13.29 1.26
CA ASP A 29 0.30 -12.59 -0.03
C ASP A 29 -0.95 -12.51 -0.91
N ALA A 30 -1.86 -13.47 -0.74
CA ALA A 30 -3.15 -13.52 -1.47
C ALA A 30 -4.22 -12.66 -0.77
N ASP A 31 -3.99 -12.35 0.53
CA ASP A 31 -4.91 -11.53 1.34
C ASP A 31 -4.66 -10.01 1.10
N ASN A 32 -3.69 -9.71 0.20
CA ASN A 32 -3.36 -8.35 -0.23
C ASN A 32 -4.58 -7.60 -0.82
N THR A 33 -4.60 -6.27 -0.60
CA THR A 33 -5.74 -5.41 -0.96
C THR A 33 -5.26 -4.05 -1.52
N TRP A 34 -6.15 -3.40 -2.27
CA TRP A 34 -5.94 -2.06 -2.82
C TRP A 34 -6.11 -0.99 -1.74
N GLU A 35 -5.03 -0.27 -1.43
CA GLU A 35 -5.07 0.85 -0.48
C GLU A 35 -4.53 2.12 -1.15
N PRO A 36 -5.26 3.27 -1.07
CA PRO A 36 -4.81 4.53 -1.70
C PRO A 36 -3.59 5.14 -0.99
N GLU A 37 -2.81 5.94 -1.75
CA GLU A 37 -1.62 6.66 -1.26
C GLU A 37 -1.93 7.56 -0.05
N GLU A 38 -3.18 8.05 0.02
CA GLU A 38 -3.66 8.88 1.13
C GLU A 38 -3.69 8.07 2.46
N ASN A 39 -3.96 6.75 2.36
CA ASN A 39 -3.99 5.83 3.53
C ASN A 39 -2.64 5.14 3.73
N LEU A 40 -1.79 5.14 2.69
CA LEU A 40 -0.43 4.57 2.77
C LEU A 40 0.48 5.53 3.52
N ASP A 41 1.12 5.04 4.58
CA ASP A 41 2.17 5.78 5.29
C ASP A 41 3.55 5.21 4.89
N CYS A 42 3.59 4.58 3.70
CA CYS A 42 4.80 3.96 3.14
C CYS A 42 5.26 4.74 1.88
N PRO A 43 6.15 5.78 2.04
CA PRO A 43 6.76 6.50 0.89
C PRO A 43 7.85 5.65 0.21
N GLU A 44 8.53 4.84 1.04
CA GLU A 44 9.61 3.93 0.63
C GLU A 44 9.13 2.94 -0.46
N LEU A 45 7.98 2.29 -0.18
CA LEU A 45 7.41 1.24 -1.06
C LEU A 45 6.86 1.83 -2.37
N ILE A 46 6.26 3.04 -2.28
CA ILE A 46 5.73 3.75 -3.45
C ILE A 46 6.87 4.14 -4.41
N GLU A 47 7.93 4.77 -3.86
CA GLU A 47 9.12 5.17 -4.63
C GLU A 47 9.76 3.95 -5.32
N ALA A 48 9.99 2.90 -4.51
CA ALA A 48 10.65 1.67 -4.96
C ALA A 48 9.87 0.98 -6.10
N PHE A 49 8.53 1.00 -5.97
CA PHE A 49 7.60 0.45 -6.97
C PHE A 49 7.70 1.19 -8.33
N LEU A 50 7.77 2.54 -8.26
CA LEU A 50 7.89 3.40 -9.45
C LEU A 50 9.26 3.20 -10.13
N ASN A 51 10.29 2.99 -9.28
CA ASN A 51 11.67 2.68 -9.72
C ASN A 51 11.73 1.30 -10.41
N SER A 52 10.85 0.37 -9.99
CA SER A 52 10.73 -0.98 -10.59
C SER A 52 10.13 -0.90 -12.01
N GLN A 53 9.14 0.00 -12.18
CA GLN A 53 8.45 0.22 -13.46
C GLN A 53 9.34 0.92 -14.49
N LYS A 54 10.29 1.72 -13.99
CA LYS A 54 11.21 2.48 -14.82
C LYS A 54 12.63 1.84 -14.75
N ALA B 1 17.24 -3.55 10.65
CA ALA B 1 17.27 -4.75 9.78
C ALA B 1 15.84 -5.15 9.36
N ARG B 2 14.84 -4.78 10.17
CA ARG B 2 13.42 -5.08 9.91
C ARG B 2 12.74 -3.87 9.24
N THR B 3 12.51 -3.99 7.93
CA THR B 3 11.88 -2.95 7.12
C THR B 3 10.35 -3.08 7.18
N LYS B 4 9.76 -2.44 8.21
CA LYS B 4 8.30 -2.37 8.38
C LYS B 4 7.78 -1.03 7.88
N GLN B 5 6.73 -1.08 7.06
CA GLN B 5 6.02 0.10 6.57
C GLN B 5 4.53 -0.04 6.95
N THR B 6 3.92 1.06 7.40
CA THR B 6 2.54 1.06 7.90
C THR B 6 1.56 1.54 6.81
N ALA B 7 0.34 0.98 6.85
CA ALA B 7 -0.77 1.34 5.95
C ALA B 7 -2.11 1.11 6.65
N ARG B 8 -3.07 1.99 6.35
CA ARG B 8 -4.41 1.97 6.95
C ARG B 8 -5.41 1.47 5.89
N SER B 10 -8.69 1.37 3.92
CA SER B 10 -9.76 2.27 3.52
C SER B 10 -11.12 1.55 3.62
N THR B 11 -11.68 1.56 4.84
CA THR B 11 -13.00 1.02 5.12
C THR B 11 -14.06 2.03 4.67
N GLY B 12 -14.43 1.97 3.38
CA GLY B 12 -15.28 2.98 2.73
C GLY B 12 -14.45 3.93 1.87
N GLY B 13 -15.00 5.13 1.61
CA GLY B 13 -14.33 6.12 0.77
C GLY B 13 -15.09 7.44 0.82
N LYS B 14 -14.45 8.49 1.40
CA LYS B 14 -15.09 9.80 1.59
C LYS B 14 -15.19 10.56 0.25
N ALA B 15 -16.31 10.34 -0.45
CA ALA B 15 -16.64 11.04 -1.68
C ALA B 15 -17.65 12.17 -1.35
N GLY A 1 -7.76 -0.05 11.25
CA GLY A 1 -6.65 0.88 11.52
C GLY A 1 -5.52 0.73 10.51
N GLU A 2 -4.30 1.05 10.94
CA GLU A 2 -3.08 0.93 10.12
C GLU A 2 -2.47 -0.45 10.36
N PHE A 3 -1.83 -1.01 9.32
CA PHE A 3 -1.21 -2.33 9.36
C PHE A 3 0.05 -2.34 8.46
N VAL A 4 0.99 -3.24 8.76
CA VAL A 4 2.23 -3.40 8.00
C VAL A 4 1.98 -4.04 6.62
N VAL A 5 2.15 -3.23 5.57
CA VAL A 5 2.27 -3.71 4.19
C VAL A 5 3.73 -4.08 3.92
N GLU A 6 3.94 -5.21 3.24
CA GLU A 6 5.27 -5.69 2.85
C GLU A 6 5.79 -4.89 1.65
N LYS A 7 4.99 -4.86 0.56
CA LYS A 7 5.33 -4.10 -0.67
C LYS A 7 4.09 -3.83 -1.54
N VAL A 8 4.25 -2.89 -2.48
CA VAL A 8 3.27 -2.58 -3.53
C VAL A 8 3.50 -3.51 -4.74
N LEU A 9 2.40 -4.08 -5.27
CA LEU A 9 2.43 -4.98 -6.45
C LEU A 9 2.00 -4.23 -7.71
N ASP A 10 0.98 -3.35 -7.58
CA ASP A 10 0.35 -2.68 -8.75
C ASP A 10 -0.17 -1.28 -8.36
N ARG A 11 -0.49 -0.46 -9.38
CA ARG A 11 -0.97 0.92 -9.21
C ARG A 11 -2.20 1.15 -10.12
N ARG A 12 -3.18 1.93 -9.65
CA ARG A 12 -4.39 2.30 -10.41
C ARG A 12 -4.89 3.68 -9.98
N VAL A 13 -5.89 4.21 -10.70
CA VAL A 13 -6.57 5.47 -10.38
C VAL A 13 -8.09 5.23 -10.34
N VAL A 14 -8.72 5.52 -9.18
CA VAL A 14 -10.18 5.36 -8.98
C VAL A 14 -10.74 6.68 -8.41
N ASN A 15 -11.77 7.24 -9.08
CA ASN A 15 -12.50 8.45 -8.64
C ASN A 15 -11.59 9.70 -8.61
N GLY A 16 -10.46 9.65 -9.35
CA GLY A 16 -9.51 10.77 -9.40
C GLY A 16 -8.29 10.60 -8.48
N LYS A 17 -8.37 9.62 -7.55
CA LYS A 17 -7.25 9.34 -6.61
C LYS A 17 -6.44 8.14 -7.13
N VAL A 18 -5.24 7.95 -6.57
CA VAL A 18 -4.34 6.83 -6.95
C VAL A 18 -4.32 5.79 -5.83
N GLU A 19 -4.73 4.55 -6.14
CA GLU A 19 -4.73 3.43 -5.18
C GLU A 19 -3.67 2.40 -5.59
N TYR A 20 -2.95 1.86 -4.59
CA TYR A 20 -1.89 0.86 -4.78
C TYR A 20 -2.34 -0.49 -4.21
N PHE A 21 -1.99 -1.57 -4.92
CA PHE A 21 -2.27 -2.95 -4.52
C PHE A 21 -1.24 -3.36 -3.48
N LEU A 22 -1.68 -3.47 -2.22
CA LEU A 22 -0.80 -3.75 -1.10
C LEU A 22 -0.78 -5.23 -0.79
N LYS A 23 0.41 -5.84 -0.85
CA LYS A 23 0.64 -7.17 -0.31
C LYS A 23 1.14 -6.99 1.14
N TRP A 24 0.33 -7.43 2.10
CA TRP A 24 0.56 -7.21 3.53
C TRP A 24 1.60 -8.20 4.08
N LYS A 25 2.35 -7.78 5.11
CA LYS A 25 3.45 -8.57 5.68
C LYS A 25 2.94 -9.49 6.80
N GLY A 26 2.01 -8.97 7.61
CA GLY A 26 1.40 -9.76 8.70
C GLY A 26 0.43 -10.80 8.17
N PHE A 27 -0.25 -10.46 7.07
CA PHE A 27 -1.14 -11.39 6.34
C PHE A 27 -0.37 -12.07 5.20
N THR A 28 -0.95 -13.18 4.70
CA THR A 28 -0.34 -13.99 3.64
C THR A 28 -0.40 -13.29 2.27
N ASP A 29 0.28 -13.88 1.28
CA ASP A 29 0.21 -13.43 -0.13
C ASP A 29 -1.16 -13.71 -0.73
N ALA A 30 -1.91 -14.61 -0.08
CA ALA A 30 -3.30 -14.92 -0.41
C ALA A 30 -4.27 -13.79 0.02
N ASP A 31 -3.81 -12.93 0.98
CA ASP A 31 -4.62 -11.82 1.51
C ASP A 31 -3.88 -10.48 1.26
N ASN A 32 -4.11 -9.94 0.07
CA ASN A 32 -3.63 -8.61 -0.35
C ASN A 32 -4.81 -7.75 -0.86
N THR A 33 -4.85 -6.45 -0.45
CA THR A 33 -5.98 -5.54 -0.73
C THR A 33 -5.48 -4.20 -1.29
N TRP A 34 -6.37 -3.52 -2.05
CA TRP A 34 -6.12 -2.18 -2.60
C TRP A 34 -6.37 -1.11 -1.53
N GLU A 35 -5.37 -0.26 -1.25
CA GLU A 35 -5.52 0.92 -0.39
C GLU A 35 -5.08 2.17 -1.16
N PRO A 36 -5.83 3.32 -1.02
CA PRO A 36 -5.45 4.61 -1.64
C PRO A 36 -4.18 5.22 -1.01
N GLU A 37 -3.51 6.11 -1.75
CA GLU A 37 -2.23 6.72 -1.32
C GLU A 37 -2.41 7.61 -0.08
N GLU A 38 -3.65 8.14 0.10
CA GLU A 38 -4.04 8.94 1.27
C GLU A 38 -3.95 8.11 2.56
N ASN A 39 -4.21 6.79 2.43
CA ASN A 39 -4.11 5.81 3.51
C ASN A 39 -2.65 5.40 3.73
N LEU A 40 -1.86 5.38 2.65
CA LEU A 40 -0.45 4.94 2.71
C LEU A 40 0.39 5.99 3.42
N ASP A 41 1.21 5.53 4.37
CA ASP A 41 2.21 6.36 5.04
C ASP A 41 3.59 5.68 4.86
N CYS A 42 4.02 5.65 3.59
CA CYS A 42 5.26 5.02 3.17
C CYS A 42 5.82 5.69 1.90
N PRO A 43 6.97 6.42 1.98
CA PRO A 43 7.70 6.88 0.77
C PRO A 43 8.53 5.75 0.12
N GLU A 44 8.88 4.74 0.95
CA GLU A 44 9.79 3.64 0.56
C GLU A 44 9.20 2.78 -0.58
N LEU A 45 8.02 2.20 -0.34
CA LEU A 45 7.41 1.18 -1.23
C LEU A 45 6.90 1.79 -2.54
N ILE A 46 6.30 2.99 -2.44
CA ILE A 46 5.75 3.70 -3.60
C ILE A 46 6.87 4.10 -4.58
N GLU A 47 7.91 4.74 -4.04
CA GLU A 47 9.08 5.21 -4.82
C GLU A 47 9.87 4.02 -5.38
N ALA A 48 10.03 2.97 -4.57
CA ALA A 48 10.77 1.74 -4.96
C ALA A 48 10.04 1.00 -6.09
N PHE A 49 8.69 1.01 -6.05
CA PHE A 49 7.83 0.42 -7.08
C PHE A 49 8.06 1.13 -8.44
N LEU A 50 8.09 2.47 -8.40
CA LEU A 50 8.27 3.33 -9.59
C LEU A 50 9.70 3.19 -10.16
N ASN A 51 10.68 3.05 -9.26
CA ASN A 51 12.11 2.89 -9.64
C ASN A 51 12.47 1.43 -9.99
N SER A 52 11.58 0.48 -9.64
CA SER A 52 11.72 -0.94 -10.02
C SER A 52 11.22 -1.15 -11.47
N GLN A 53 10.33 -0.25 -11.92
CA GLN A 53 9.89 -0.17 -13.32
C GLN A 53 11.03 0.35 -14.21
N LYS A 54 11.92 1.17 -13.61
CA LYS A 54 13.12 1.69 -14.28
C LYS A 54 14.30 0.70 -14.16
N ALA B 1 9.38 -8.84 3.89
CA ALA B 1 9.92 -9.78 4.89
C ALA B 1 10.28 -9.03 6.19
N ARG B 2 11.29 -8.14 6.11
CA ARG B 2 11.77 -7.34 7.26
C ARG B 2 11.28 -5.88 7.18
N THR B 3 10.40 -5.59 6.22
CA THR B 3 9.94 -4.22 5.91
C THR B 3 8.70 -3.82 6.76
N LYS B 4 8.84 -2.77 7.62
CA LYS B 4 7.73 -2.23 8.43
C LYS B 4 7.27 -0.89 7.85
N GLN B 5 6.09 -0.88 7.18
CA GLN B 5 5.50 0.35 6.62
C GLN B 5 4.05 0.49 7.10
N THR B 6 3.75 1.66 7.67
CA THR B 6 2.42 2.03 8.13
C THR B 6 1.49 2.29 6.93
N ALA B 7 0.43 1.49 6.81
CA ALA B 7 -0.59 1.65 5.74
C ALA B 7 -1.98 1.46 6.33
N ARG B 8 -2.73 2.57 6.39
CA ARG B 8 -4.11 2.61 6.85
C ARG B 8 -5.04 1.82 5.92
N SER B 10 -9.07 1.52 4.62
CA SER B 10 -10.31 2.29 4.49
C SER B 10 -11.45 1.53 5.20
N THR B 11 -11.51 1.68 6.53
CA THR B 11 -12.48 1.00 7.39
C THR B 11 -13.84 1.72 7.37
N GLY B 12 -13.82 3.02 7.01
CA GLY B 12 -15.02 3.85 6.97
C GLY B 12 -15.15 4.61 5.65
N GLY B 13 -15.53 3.88 4.58
CA GLY B 13 -15.84 4.50 3.29
C GLY B 13 -17.21 5.17 3.31
N LYS B 14 -17.26 6.37 3.89
CA LYS B 14 -18.52 7.07 4.20
C LYS B 14 -18.31 8.61 4.23
N ALA B 15 -19.44 9.34 4.29
CA ALA B 15 -19.45 10.81 4.40
C ALA B 15 -20.35 11.19 5.60
N GLY A 1 -1.83 5.29 9.84
CA GLY A 1 -2.13 3.84 9.72
C GLY A 1 -1.67 3.05 10.92
N GLU A 2 -1.76 1.72 10.81
CA GLU A 2 -1.34 0.78 11.85
C GLU A 2 -0.97 -0.58 11.21
N PHE A 3 -1.66 -0.93 10.10
CA PHE A 3 -1.46 -2.22 9.39
C PHE A 3 -0.09 -2.26 8.71
N VAL A 4 0.48 -3.45 8.55
CA VAL A 4 1.84 -3.64 8.02
C VAL A 4 1.79 -4.34 6.64
N VAL A 5 2.42 -3.69 5.65
CA VAL A 5 2.51 -4.18 4.25
C VAL A 5 3.97 -4.50 3.89
N GLU A 6 4.15 -5.61 3.14
CA GLU A 6 5.45 -6.03 2.61
C GLU A 6 5.88 -5.11 1.45
N LYS A 7 5.03 -5.03 0.40
CA LYS A 7 5.36 -4.28 -0.83
C LYS A 7 4.12 -4.02 -1.69
N VAL A 8 4.28 -3.05 -2.62
CA VAL A 8 3.31 -2.78 -3.69
C VAL A 8 3.60 -3.72 -4.87
N LEU A 9 2.52 -4.16 -5.54
CA LEU A 9 2.61 -5.09 -6.69
C LEU A 9 2.22 -4.36 -7.99
N ASP A 10 1.15 -3.55 -7.92
CA ASP A 10 0.54 -2.92 -9.11
C ASP A 10 -0.13 -1.58 -8.73
N ARG A 11 -0.44 -0.76 -9.74
CA ARG A 11 -0.99 0.61 -9.57
C ARG A 11 -2.32 0.74 -10.34
N ARG A 12 -3.14 1.73 -9.96
CA ARG A 12 -4.38 2.10 -10.67
C ARG A 12 -4.79 3.54 -10.30
N VAL A 13 -5.73 4.11 -11.06
CA VAL A 13 -6.30 5.45 -10.80
C VAL A 13 -7.82 5.32 -10.62
N VAL A 14 -8.31 5.75 -9.44
CA VAL A 14 -9.73 5.66 -9.05
C VAL A 14 -10.23 7.06 -8.66
N ASN A 15 -11.18 7.61 -9.44
CA ASN A 15 -11.87 8.90 -9.15
C ASN A 15 -10.90 10.11 -9.20
N GLY A 16 -9.69 9.87 -9.73
CA GLY A 16 -8.61 10.88 -9.75
C GLY A 16 -7.44 10.53 -8.83
N LYS A 17 -7.71 9.73 -7.77
CA LYS A 17 -6.67 9.29 -6.80
C LYS A 17 -5.91 8.10 -7.39
N VAL A 18 -4.85 7.66 -6.70
CA VAL A 18 -4.02 6.52 -7.12
C VAL A 18 -4.05 5.44 -6.04
N GLU A 19 -4.46 4.20 -6.39
CA GLU A 19 -4.40 3.06 -5.48
C GLU A 19 -3.25 2.13 -5.85
N TYR A 20 -2.54 1.66 -4.83
CA TYR A 20 -1.44 0.70 -4.96
C TYR A 20 -1.87 -0.64 -4.33
N PHE A 21 -1.55 -1.75 -5.02
CA PHE A 21 -1.93 -3.10 -4.59
C PHE A 21 -0.94 -3.56 -3.52
N LEU A 22 -1.42 -3.57 -2.28
CA LEU A 22 -0.60 -3.89 -1.11
C LEU A 22 -0.69 -5.38 -0.81
N LYS A 23 0.43 -6.08 -1.00
CA LYS A 23 0.61 -7.43 -0.47
C LYS A 23 1.10 -7.28 0.98
N TRP A 24 0.21 -7.54 1.93
CA TRP A 24 0.44 -7.30 3.36
C TRP A 24 1.41 -8.33 3.96
N LYS A 25 2.10 -7.92 5.04
CA LYS A 25 3.03 -8.76 5.79
C LYS A 25 2.43 -9.02 7.18
N GLY A 26 2.77 -10.16 7.81
CA GLY A 26 2.17 -10.58 9.10
C GLY A 26 0.82 -11.27 8.89
N PHE A 27 -0.02 -10.63 8.07
CA PHE A 27 -1.23 -11.24 7.47
C PHE A 27 -0.80 -12.35 6.49
N THR A 28 -1.77 -13.20 6.09
CA THR A 28 -1.52 -14.25 5.08
C THR A 28 -1.21 -13.62 3.68
N ASP A 29 -0.45 -14.35 2.85
CA ASP A 29 0.12 -13.82 1.59
C ASP A 29 -0.97 -13.55 0.54
N ALA A 30 -2.05 -14.35 0.58
CA ALA A 30 -3.23 -14.19 -0.30
C ALA A 30 -4.15 -13.06 0.18
N ASP A 31 -3.99 -12.65 1.46
CA ASP A 31 -4.80 -11.58 2.09
C ASP A 31 -4.20 -10.20 1.77
N ASN A 32 -4.26 -9.87 0.46
CA ASN A 32 -3.80 -8.58 -0.10
C ASN A 32 -5.01 -7.76 -0.60
N THR A 33 -4.90 -6.41 -0.54
CA THR A 33 -5.98 -5.47 -0.95
C THR A 33 -5.37 -4.27 -1.71
N TRP A 34 -6.23 -3.52 -2.41
CA TRP A 34 -5.89 -2.22 -3.01
C TRP A 34 -6.10 -1.13 -1.96
N GLU A 35 -5.05 -0.34 -1.67
CA GLU A 35 -5.15 0.83 -0.80
C GLU A 35 -4.63 2.09 -1.52
N PRO A 36 -5.38 3.22 -1.45
CA PRO A 36 -4.94 4.50 -2.05
C PRO A 36 -3.68 5.08 -1.36
N GLU A 37 -3.01 5.98 -2.08
CA GLU A 37 -1.78 6.68 -1.62
C GLU A 37 -2.03 7.50 -0.34
N GLU A 38 -3.31 7.91 -0.14
CA GLU A 38 -3.73 8.68 1.04
C GLU A 38 -3.67 7.81 2.33
N ASN A 39 -3.74 6.48 2.16
CA ASN A 39 -3.71 5.48 3.25
C ASN A 39 -2.27 5.05 3.59
N LEU A 40 -1.35 5.22 2.62
CA LEU A 40 0.04 4.69 2.74
C LEU A 40 0.91 5.57 3.65
N ASP A 41 1.38 5.01 4.77
CA ASP A 41 2.32 5.68 5.69
C ASP A 41 3.75 5.49 5.18
N CYS A 42 3.98 4.37 4.45
CA CYS A 42 5.28 4.04 3.85
C CYS A 42 5.49 4.81 2.54
N PRO A 43 6.43 5.82 2.49
CA PRO A 43 6.79 6.51 1.22
C PRO A 43 7.77 5.67 0.37
N GLU A 44 8.42 4.68 1.04
CA GLU A 44 9.43 3.80 0.45
C GLU A 44 8.82 2.91 -0.65
N LEU A 45 7.74 2.21 -0.29
CA LEU A 45 7.03 1.27 -1.20
C LEU A 45 6.40 1.99 -2.38
N ILE A 46 6.03 3.25 -2.19
CA ILE A 46 5.46 4.07 -3.27
C ILE A 46 6.59 4.41 -4.27
N GLU A 47 7.66 5.02 -3.72
CA GLU A 47 8.75 5.60 -4.50
C GLU A 47 9.50 4.54 -5.32
N ALA A 48 10.00 3.50 -4.61
CA ALA A 48 10.82 2.42 -5.20
C ALA A 48 10.09 1.71 -6.34
N PHE A 49 8.78 1.48 -6.13
CA PHE A 49 7.86 0.86 -7.13
C PHE A 49 7.71 1.75 -8.39
N LEU A 50 7.64 3.08 -8.20
CA LEU A 50 7.53 4.04 -9.32
C LEU A 50 8.83 4.04 -10.15
N ASN A 51 9.99 3.93 -9.46
CA ASN A 51 11.33 3.82 -10.10
C ASN A 51 11.50 2.46 -10.81
N SER A 52 10.80 1.42 -10.29
CA SER A 52 10.80 0.07 -10.89
C SER A 52 10.15 0.07 -12.30
N GLN A 53 9.28 1.07 -12.54
CA GLN A 53 8.54 1.23 -13.82
C GLN A 53 9.14 2.38 -14.66
N LYS A 54 10.13 3.09 -14.09
CA LYS A 54 10.74 4.27 -14.70
C LYS A 54 12.21 3.94 -15.10
N ALA B 1 16.57 -7.06 9.15
CA ALA B 1 16.13 -8.19 8.31
C ALA B 1 14.82 -7.85 7.59
N ARG B 2 13.76 -7.65 8.40
CA ARG B 2 12.40 -7.40 7.92
C ARG B 2 11.89 -6.03 8.42
N THR B 3 11.38 -5.21 7.49
CA THR B 3 10.87 -3.85 7.78
C THR B 3 9.36 -3.86 8.02
N LYS B 4 8.91 -3.14 9.08
CA LYS B 4 7.48 -2.98 9.38
C LYS B 4 6.94 -1.69 8.75
N GLN B 5 6.81 -1.73 7.42
CA GLN B 5 6.23 -0.64 6.62
C GLN B 5 4.72 -0.57 6.86
N THR B 6 4.20 0.63 7.06
CA THR B 6 2.87 0.86 7.60
C THR B 6 1.94 1.46 6.53
N ALA B 7 0.65 1.13 6.67
CA ALA B 7 -0.44 1.64 5.84
C ALA B 7 -1.76 1.51 6.60
N ARG B 8 -2.82 2.08 6.02
CA ARG B 8 -4.18 2.00 6.57
C ARG B 8 -5.08 1.29 5.55
N SER B 10 -8.94 1.05 3.93
CA SER B 10 -10.10 1.92 3.72
C SER B 10 -11.26 1.44 4.60
N THR B 11 -11.75 2.34 5.46
CA THR B 11 -12.82 2.07 6.43
C THR B 11 -14.14 1.60 5.77
N GLY B 12 -14.30 1.90 4.48
CA GLY B 12 -15.42 1.41 3.69
C GLY B 12 -15.39 2.02 2.30
N GLY B 13 -16.47 2.70 1.92
CA GLY B 13 -16.59 3.34 0.62
C GLY B 13 -17.51 4.56 0.69
N LYS B 14 -17.26 5.55 -0.17
CA LYS B 14 -18.01 6.81 -0.21
C LYS B 14 -18.12 7.29 -1.67
N ALA B 15 -19.35 7.62 -2.10
CA ALA B 15 -19.66 8.02 -3.48
C ALA B 15 -20.97 8.84 -3.50
N GLY A 1 -0.86 4.18 10.60
CA GLY A 1 -1.23 2.90 9.95
C GLY A 1 -1.68 1.83 10.94
N GLU A 2 -2.35 0.79 10.41
CA GLU A 2 -2.87 -0.33 11.24
C GLU A 2 -1.87 -1.51 11.22
N PHE A 3 -1.54 -1.97 10.00
CA PHE A 3 -0.69 -3.16 9.78
C PHE A 3 0.42 -2.82 8.78
N VAL A 4 1.59 -3.43 8.98
CA VAL A 4 2.74 -3.29 8.07
C VAL A 4 2.44 -3.93 6.70
N VAL A 5 2.78 -3.19 5.64
CA VAL A 5 2.71 -3.67 4.25
C VAL A 5 4.11 -4.06 3.77
N GLU A 6 4.22 -5.25 3.17
CA GLU A 6 5.50 -5.78 2.67
C GLU A 6 5.95 -5.00 1.43
N LYS A 7 5.09 -4.95 0.40
CA LYS A 7 5.40 -4.30 -0.88
C LYS A 7 4.13 -3.94 -1.66
N VAL A 8 4.31 -3.04 -2.65
CA VAL A 8 3.28 -2.68 -3.63
C VAL A 8 3.27 -3.73 -4.76
N LEU A 9 2.08 -4.24 -5.05
CA LEU A 9 1.85 -5.24 -6.11
C LEU A 9 1.61 -4.53 -7.45
N ASP A 10 0.63 -3.60 -7.44
CA ASP A 10 0.14 -2.92 -8.66
C ASP A 10 -0.40 -1.53 -8.28
N ARG A 11 -0.57 -0.68 -9.28
CA ARG A 11 -1.14 0.67 -9.13
C ARG A 11 -2.24 0.88 -10.18
N ARG A 12 -3.33 1.55 -9.80
CA ARG A 12 -4.41 1.95 -10.71
C ARG A 12 -4.84 3.41 -10.40
N VAL A 13 -5.68 3.96 -11.28
CA VAL A 13 -6.30 5.28 -11.11
C VAL A 13 -7.84 5.12 -11.19
N VAL A 14 -8.53 5.41 -10.07
CA VAL A 14 -10.02 5.40 -10.00
C VAL A 14 -10.49 6.75 -9.44
N ASN A 15 -11.43 7.40 -10.16
CA ASN A 15 -12.01 8.72 -9.79
C ASN A 15 -10.93 9.85 -9.86
N GLY A 16 -9.80 9.54 -10.55
CA GLY A 16 -8.67 10.46 -10.65
C GLY A 16 -7.73 10.42 -9.44
N LYS A 17 -7.87 9.38 -8.60
CA LYS A 17 -6.96 9.16 -7.45
C LYS A 17 -6.07 7.95 -7.75
N VAL A 18 -4.92 7.88 -7.08
CA VAL A 18 -3.98 6.76 -7.19
C VAL A 18 -4.21 5.76 -6.05
N GLU A 19 -4.43 4.48 -6.41
CA GLU A 19 -4.55 3.38 -5.43
C GLU A 19 -3.49 2.31 -5.71
N TYR A 20 -2.83 1.83 -4.65
CA TYR A 20 -1.82 0.78 -4.71
C TYR A 20 -2.37 -0.52 -4.08
N PHE A 21 -2.25 -1.64 -4.80
CA PHE A 21 -2.63 -2.97 -4.30
C PHE A 21 -1.54 -3.44 -3.34
N LEU A 22 -1.83 -3.45 -2.05
CA LEU A 22 -0.84 -3.71 -1.01
C LEU A 22 -0.95 -5.13 -0.48
N LYS A 23 0.19 -5.84 -0.48
CA LYS A 23 0.32 -7.15 0.14
C LYS A 23 0.92 -6.92 1.55
N TRP A 24 0.20 -7.35 2.58
CA TRP A 24 0.57 -7.09 3.97
C TRP A 24 1.62 -8.08 4.48
N LYS A 25 2.62 -7.55 5.23
CA LYS A 25 3.78 -8.31 5.69
C LYS A 25 3.41 -9.21 6.88
N GLY A 26 3.82 -10.49 6.81
CA GLY A 26 3.57 -11.48 7.86
C GLY A 26 2.19 -12.14 7.78
N PHE A 27 1.40 -11.75 6.77
CA PHE A 27 0.04 -12.26 6.53
C PHE A 27 0.02 -13.26 5.34
N THR A 28 -1.16 -13.90 5.12
CA THR A 28 -1.35 -14.88 4.04
C THR A 28 -1.24 -14.24 2.64
N ASP A 29 -1.04 -15.08 1.60
CA ASP A 29 -0.84 -14.63 0.20
C ASP A 29 -2.08 -13.90 -0.34
N ALA A 30 -3.26 -14.45 -0.01
CA ALA A 30 -4.57 -13.89 -0.40
C ALA A 30 -4.88 -12.56 0.34
N ASP A 31 -4.15 -12.30 1.43
CA ASP A 31 -4.33 -11.12 2.28
C ASP A 31 -3.60 -9.92 1.63
N ASN A 32 -4.26 -9.37 0.61
CA ASN A 32 -3.84 -8.16 -0.11
C ASN A 32 -5.09 -7.32 -0.49
N THR A 33 -5.04 -6.00 -0.20
CA THR A 33 -6.18 -5.06 -0.38
C THR A 33 -5.75 -3.79 -1.13
N TRP A 34 -6.66 -3.20 -1.94
CA TRP A 34 -6.39 -1.93 -2.66
C TRP A 34 -6.48 -0.75 -1.68
N GLU A 35 -5.32 -0.15 -1.38
CA GLU A 35 -5.20 1.00 -0.47
C GLU A 35 -4.73 2.25 -1.24
N PRO A 36 -5.41 3.42 -1.09
CA PRO A 36 -4.98 4.69 -1.72
C PRO A 36 -3.72 5.27 -1.04
N GLU A 37 -2.90 6.00 -1.83
CA GLU A 37 -1.61 6.58 -1.37
C GLU A 37 -1.75 7.55 -0.18
N GLU A 38 -2.95 8.16 -0.07
CA GLU A 38 -3.29 9.12 1.00
C GLU A 38 -3.31 8.41 2.39
N ASN A 39 -3.69 7.12 2.37
CA ASN A 39 -3.92 6.32 3.58
C ASN A 39 -2.63 5.58 4.01
N LEU A 40 -1.64 5.53 3.09
CA LEU A 40 -0.36 4.83 3.32
C LEU A 40 0.56 5.69 4.18
N ASP A 41 1.28 5.05 5.11
CA ASP A 41 2.32 5.71 5.91
C ASP A 41 3.69 5.46 5.28
N CYS A 42 3.72 4.73 4.15
CA CYS A 42 4.95 4.29 3.49
C CYS A 42 5.16 5.03 2.14
N PRO A 43 5.96 6.13 2.10
CA PRO A 43 6.40 6.77 0.82
C PRO A 43 7.55 5.99 0.18
N GLU A 44 8.21 5.13 0.96
CA GLU A 44 9.38 4.34 0.55
C GLU A 44 8.98 3.24 -0.45
N LEU A 45 7.86 2.54 -0.16
CA LEU A 45 7.32 1.48 -1.05
C LEU A 45 6.75 2.09 -2.34
N ILE A 46 6.08 3.24 -2.21
CA ILE A 46 5.54 3.98 -3.36
C ILE A 46 6.70 4.36 -4.31
N GLU A 47 7.75 4.99 -3.74
CA GLU A 47 8.94 5.43 -4.49
C GLU A 47 9.65 4.25 -5.16
N ALA A 48 9.95 3.20 -4.37
CA ALA A 48 10.69 2.00 -4.81
C ALA A 48 9.98 1.30 -5.98
N PHE A 49 8.64 1.31 -5.92
CA PHE A 49 7.76 0.77 -6.96
C PHE A 49 7.84 1.60 -8.26
N LEU A 50 7.78 2.95 -8.12
CA LEU A 50 7.85 3.88 -9.26
C LEU A 50 9.24 3.79 -9.94
N ASN A 51 10.27 3.58 -9.11
CA ASN A 51 11.68 3.43 -9.55
C ASN A 51 11.89 2.06 -10.22
N SER A 52 11.10 1.06 -9.78
CA SER A 52 11.12 -0.30 -10.34
C SER A 52 10.40 -0.34 -11.72
N GLN A 53 9.56 0.69 -12.00
CA GLN A 53 8.96 0.90 -13.34
C GLN A 53 10.03 1.42 -14.33
N LYS A 54 10.98 2.21 -13.80
CA LYS A 54 12.08 2.81 -14.59
C LYS A 54 13.14 1.73 -14.94
N ALA B 1 11.17 -8.33 2.92
CA ALA B 1 11.18 -6.87 2.68
C ALA B 1 12.23 -6.20 3.55
N ARG B 2 12.88 -5.17 2.99
CA ARG B 2 13.74 -4.25 3.76
C ARG B 2 12.87 -3.29 4.60
N THR B 3 11.61 -3.13 4.17
CA THR B 3 10.67 -2.14 4.72
C THR B 3 10.10 -2.60 6.07
N LYS B 4 9.87 -1.59 6.94
CA LYS B 4 9.26 -1.77 8.27
C LYS B 4 7.98 -0.92 8.37
N GLN B 5 7.72 -0.10 7.34
CA GLN B 5 6.73 0.97 7.39
C GLN B 5 5.29 0.41 7.27
N THR B 6 4.33 1.17 7.82
CA THR B 6 2.96 0.71 8.06
C THR B 6 1.96 1.35 7.05
N ALA B 7 0.69 0.88 7.06
CA ALA B 7 -0.41 1.49 6.29
C ALA B 7 -1.74 1.09 6.93
N ARG B 8 -2.72 2.03 6.91
CA ARG B 8 -4.08 1.78 7.42
C ARG B 8 -4.96 1.20 6.31
N SER B 10 -8.53 0.86 4.44
CA SER B 10 -9.70 1.70 4.17
C SER B 10 -10.98 0.90 4.47
N THR B 11 -11.41 0.95 5.73
CA THR B 11 -12.59 0.23 6.23
C THR B 11 -13.58 1.24 6.87
N GLY B 12 -14.67 1.55 6.14
CA GLY B 12 -15.70 2.46 6.62
C GLY B 12 -16.86 2.55 5.64
N GLY B 13 -16.52 2.77 4.36
CA GLY B 13 -17.52 2.88 3.30
C GLY B 13 -18.37 4.14 3.41
N LYS B 14 -19.49 4.01 4.11
CA LYS B 14 -20.39 5.14 4.43
C LYS B 14 -19.85 5.94 5.63
N ALA B 15 -20.24 7.21 5.70
CA ALA B 15 -19.92 8.12 6.81
C ALA B 15 -21.23 8.77 7.32
N GLY A 1 0.39 3.89 10.51
CA GLY A 1 -0.37 2.76 9.94
C GLY A 1 -0.60 1.64 10.92
N GLU A 2 -1.50 0.71 10.57
CA GLU A 2 -1.93 -0.38 11.47
C GLU A 2 -1.23 -1.70 11.12
N PHE A 3 -0.93 -1.89 9.82
CA PHE A 3 -0.38 -3.15 9.29
C PHE A 3 0.87 -2.87 8.44
N VAL A 4 1.90 -3.71 8.61
CA VAL A 4 3.15 -3.58 7.84
C VAL A 4 2.99 -4.21 6.45
N VAL A 5 2.99 -3.34 5.44
CA VAL A 5 3.10 -3.75 4.04
C VAL A 5 4.59 -4.00 3.70
N GLU A 6 4.87 -5.15 3.08
CA GLU A 6 6.21 -5.50 2.58
C GLU A 6 6.53 -4.70 1.31
N LYS A 7 5.60 -4.72 0.35
CA LYS A 7 5.83 -4.14 -0.98
C LYS A 7 4.51 -3.89 -1.71
N VAL A 8 4.58 -3.06 -2.74
CA VAL A 8 3.47 -2.82 -3.66
C VAL A 8 3.58 -3.82 -4.81
N LEU A 9 2.43 -4.33 -5.25
CA LEU A 9 2.33 -5.35 -6.30
C LEU A 9 1.84 -4.70 -7.60
N ASP A 10 0.77 -3.89 -7.50
CA ASP A 10 0.11 -3.28 -8.67
C ASP A 10 -0.39 -1.87 -8.31
N ARG A 11 -0.71 -1.06 -9.33
CA ARG A 11 -1.12 0.34 -9.18
C ARG A 11 -2.29 0.64 -10.14
N ARG A 12 -3.39 1.18 -9.59
CA ARG A 12 -4.58 1.59 -10.38
C ARG A 12 -4.93 3.05 -10.07
N VAL A 13 -5.76 3.65 -10.93
CA VAL A 13 -6.33 5.00 -10.70
C VAL A 13 -7.86 4.91 -10.81
N VAL A 14 -8.55 5.21 -9.69
CA VAL A 14 -10.02 5.19 -9.60
C VAL A 14 -10.51 6.57 -9.12
N ASN A 15 -11.33 7.23 -9.97
CA ASN A 15 -12.00 8.52 -9.68
C ASN A 15 -10.97 9.66 -9.44
N GLY A 16 -9.83 9.57 -10.13
CA GLY A 16 -8.74 10.54 -9.96
C GLY A 16 -7.70 10.10 -8.92
N LYS A 17 -8.15 9.30 -7.94
CA LYS A 17 -7.31 8.82 -6.83
C LYS A 17 -6.44 7.65 -7.31
N VAL A 18 -5.28 7.49 -6.67
CA VAL A 18 -4.27 6.47 -7.05
C VAL A 18 -4.16 5.43 -5.92
N GLU A 19 -4.57 4.18 -6.22
CA GLU A 19 -4.53 3.05 -5.27
C GLU A 19 -3.42 2.08 -5.63
N TYR A 20 -2.92 1.36 -4.62
CA TYR A 20 -1.80 0.43 -4.74
C TYR A 20 -2.19 -0.90 -4.06
N PHE A 21 -2.05 -2.03 -4.79
CA PHE A 21 -2.34 -3.36 -4.25
C PHE A 21 -1.16 -3.79 -3.36
N LEU A 22 -1.38 -3.78 -2.05
CA LEU A 22 -0.30 -3.94 -1.06
C LEU A 22 -0.17 -5.37 -0.58
N LYS A 23 1.04 -5.94 -0.74
CA LYS A 23 1.44 -7.19 -0.07
C LYS A 23 1.70 -6.88 1.40
N TRP A 24 0.75 -7.30 2.26
CA TRP A 24 0.90 -7.21 3.72
C TRP A 24 1.81 -8.36 4.19
N LYS A 25 2.97 -8.00 4.77
CA LYS A 25 4.04 -8.95 5.11
C LYS A 25 3.59 -10.01 6.13
N GLY A 26 2.82 -9.57 7.14
CA GLY A 26 2.38 -10.46 8.23
C GLY A 26 1.12 -11.27 7.91
N PHE A 27 0.62 -11.17 6.66
CA PHE A 27 -0.67 -11.77 6.23
C PHE A 27 -0.51 -12.55 4.91
N THR A 28 -1.58 -13.29 4.57
CA THR A 28 -1.64 -14.08 3.33
C THR A 28 -1.80 -13.19 2.08
N ASP A 29 -1.48 -13.75 0.91
CA ASP A 29 -1.51 -13.03 -0.36
C ASP A 29 -2.95 -12.77 -0.83
N ALA A 30 -3.85 -13.69 -0.45
CA ALA A 30 -5.30 -13.54 -0.72
C ALA A 30 -5.92 -12.41 0.12
N ASP A 31 -5.26 -12.06 1.24
CA ASP A 31 -5.71 -11.01 2.18
C ASP A 31 -5.10 -9.63 1.82
N ASN A 32 -4.26 -9.59 0.76
CA ASN A 32 -3.71 -8.32 0.21
C ASN A 32 -4.85 -7.45 -0.37
N THR A 33 -4.79 -6.12 -0.14
CA THR A 33 -5.90 -5.19 -0.46
C THR A 33 -5.40 -3.95 -1.24
N TRP A 34 -6.32 -3.32 -2.00
CA TRP A 34 -6.08 -2.03 -2.67
C TRP A 34 -6.20 -0.90 -1.66
N GLU A 35 -5.08 -0.24 -1.38
CA GLU A 35 -5.04 0.92 -0.47
C GLU A 35 -4.50 2.15 -1.20
N PRO A 36 -5.22 3.33 -1.13
CA PRO A 36 -4.77 4.58 -1.78
C PRO A 36 -3.56 5.20 -1.06
N GLU A 37 -2.72 5.90 -1.83
CA GLU A 37 -1.45 6.49 -1.34
C GLU A 37 -1.67 7.52 -0.20
N GLU A 38 -2.87 8.10 -0.15
CA GLU A 38 -3.30 9.02 0.92
C GLU A 38 -3.39 8.30 2.29
N ASN A 39 -3.82 7.04 2.25
CA ASN A 39 -4.07 6.21 3.43
C ASN A 39 -2.76 5.59 3.95
N LEU A 40 -1.75 5.51 3.07
CA LEU A 40 -0.43 4.94 3.39
C LEU A 40 0.45 6.03 4.00
N ASP A 41 1.26 5.68 5.00
CA ASP A 41 2.26 6.62 5.56
C ASP A 41 3.65 6.16 5.13
N CYS A 42 3.67 5.44 3.99
CA CYS A 42 4.88 4.84 3.43
C CYS A 42 5.21 5.43 2.07
N PRO A 43 6.03 6.52 2.01
CA PRO A 43 6.58 7.04 0.73
C PRO A 43 7.64 6.08 0.15
N GLU A 44 8.22 5.25 1.06
CA GLU A 44 9.25 4.27 0.72
C GLU A 44 8.79 3.30 -0.37
N LEU A 45 7.71 2.57 -0.08
CA LEU A 45 7.23 1.47 -0.94
C LEU A 45 6.47 2.00 -2.17
N ILE A 46 5.80 3.16 -2.02
CA ILE A 46 5.11 3.82 -3.15
C ILE A 46 6.14 4.23 -4.21
N GLU A 47 7.14 5.03 -3.79
CA GLU A 47 8.13 5.60 -4.69
C GLU A 47 9.09 4.55 -5.23
N ALA A 48 9.54 3.61 -4.36
CA ALA A 48 10.51 2.56 -4.74
C ALA A 48 9.91 1.60 -5.78
N PHE A 49 8.58 1.35 -5.65
CA PHE A 49 7.80 0.56 -6.63
C PHE A 49 7.84 1.23 -8.01
N LEU A 50 7.66 2.56 -8.03
CA LEU A 50 7.70 3.36 -9.26
C LEU A 50 9.14 3.36 -9.83
N ASN A 51 10.13 3.43 -8.92
CA ASN A 51 11.57 3.45 -9.26
C ASN A 51 12.04 2.07 -9.77
N SER A 52 11.30 1.01 -9.42
CA SER A 52 11.55 -0.36 -9.93
C SER A 52 11.12 -0.46 -11.40
N GLN A 53 10.09 0.32 -11.78
CA GLN A 53 9.56 0.36 -13.15
C GLN A 53 10.49 1.19 -14.07
N LYS A 54 11.12 2.22 -13.48
CA LYS A 54 11.98 3.16 -14.21
C LYS A 54 13.45 2.68 -14.13
N ALA B 1 15.57 -2.73 13.43
CA ALA B 1 14.14 -2.47 13.15
C ALA B 1 13.76 -3.12 11.81
N ARG B 2 13.03 -4.25 11.87
CA ARG B 2 12.50 -4.96 10.69
C ARG B 2 11.15 -4.35 10.23
N THR B 3 10.68 -3.34 10.99
CA THR B 3 9.48 -2.56 10.67
C THR B 3 9.69 -1.76 9.38
N LYS B 4 9.21 -2.33 8.26
CA LYS B 4 9.10 -1.61 6.99
C LYS B 4 8.00 -0.53 7.15
N GLN B 5 8.17 0.62 6.48
CA GLN B 5 7.30 1.80 6.67
C GLN B 5 5.83 1.40 6.37
N THR B 6 4.98 1.63 7.37
CA THR B 6 3.66 0.99 7.48
C THR B 6 2.54 1.75 6.72
N ALA B 7 1.36 1.11 6.70
CA ALA B 7 0.17 1.63 6.02
C ALA B 7 -1.08 1.20 6.78
N ARG B 8 -2.15 1.98 6.61
CA ARG B 8 -3.46 1.70 7.21
C ARG B 8 -4.36 0.99 6.15
N SER B 10 -8.39 0.95 4.61
CA SER B 10 -9.55 1.82 4.41
C SER B 10 -10.80 1.18 5.04
N THR B 11 -11.08 1.58 6.28
CA THR B 11 -12.24 1.10 7.06
C THR B 11 -12.80 2.28 7.88
N GLY B 12 -14.13 2.42 7.89
CA GLY B 12 -14.79 3.51 8.61
C GLY B 12 -16.28 3.28 8.74
N GLY B 13 -16.96 3.26 7.59
CA GLY B 13 -18.41 3.06 7.54
C GLY B 13 -18.98 3.32 6.15
N LYS B 14 -19.60 2.30 5.55
CA LYS B 14 -20.29 2.41 4.24
C LYS B 14 -21.80 2.57 4.44
N ALA B 15 -22.41 3.49 3.70
CA ALA B 15 -23.85 3.76 3.78
C ALA B 15 -24.62 2.78 2.86
N GLY A 1 -7.42 1.15 10.72
CA GLY A 1 -7.04 -0.23 10.32
C GLY A 1 -5.57 -0.32 9.94
N GLU A 2 -4.71 0.18 10.83
CA GLU A 2 -3.27 0.38 10.55
C GLU A 2 -2.52 -0.95 10.73
N PHE A 3 -1.85 -1.41 9.66
CA PHE A 3 -1.06 -2.65 9.68
C PHE A 3 0.25 -2.45 8.89
N VAL A 4 1.28 -3.24 9.23
CA VAL A 4 2.59 -3.16 8.57
C VAL A 4 2.56 -3.88 7.20
N VAL A 5 2.78 -3.09 6.14
CA VAL A 5 2.89 -3.59 4.75
C VAL A 5 4.36 -3.90 4.39
N GLU A 6 4.55 -4.99 3.62
CA GLU A 6 5.84 -5.41 3.11
C GLU A 6 6.22 -4.59 1.86
N LYS A 7 5.37 -4.62 0.81
CA LYS A 7 5.67 -3.96 -0.49
C LYS A 7 4.39 -3.72 -1.32
N VAL A 8 4.54 -2.94 -2.40
CA VAL A 8 3.50 -2.73 -3.43
C VAL A 8 3.71 -3.76 -4.56
N LEU A 9 2.60 -4.28 -5.09
CA LEU A 9 2.58 -5.31 -6.14
C LEU A 9 2.05 -4.73 -7.47
N ASP A 10 1.08 -3.81 -7.35
CA ASP A 10 0.35 -3.25 -8.51
C ASP A 10 -0.26 -1.87 -8.15
N ARG A 11 -0.67 -1.11 -9.16
CA ARG A 11 -1.25 0.25 -8.99
C ARG A 11 -2.53 0.37 -9.84
N ARG A 12 -3.44 1.27 -9.41
CA ARG A 12 -4.67 1.61 -10.15
C ARG A 12 -5.01 3.10 -9.92
N VAL A 13 -5.85 3.64 -10.80
CA VAL A 13 -6.46 4.97 -10.63
C VAL A 13 -7.98 4.79 -10.53
N VAL A 14 -8.57 5.31 -9.43
CA VAL A 14 -10.02 5.29 -9.21
C VAL A 14 -10.53 6.73 -9.26
N ASN A 15 -11.27 7.08 -10.34
CA ASN A 15 -11.73 8.46 -10.66
C ASN A 15 -10.53 9.39 -10.95
N GLY A 16 -9.81 9.77 -9.89
CA GLY A 16 -8.59 10.57 -9.98
C GLY A 16 -7.58 10.24 -8.89
N LYS A 17 -7.99 9.41 -7.91
CA LYS A 17 -7.13 8.96 -6.80
C LYS A 17 -6.25 7.80 -7.28
N VAL A 18 -5.26 7.41 -6.46
CA VAL A 18 -4.39 6.26 -6.75
C VAL A 18 -4.43 5.27 -5.58
N GLU A 19 -4.70 3.99 -5.88
CA GLU A 19 -4.64 2.91 -4.89
C GLU A 19 -3.57 1.89 -5.29
N TYR A 20 -2.81 1.41 -4.30
CA TYR A 20 -1.72 0.45 -4.50
C TYR A 20 -2.11 -0.90 -3.87
N PHE A 21 -1.90 -2.00 -4.63
CA PHE A 21 -2.16 -3.36 -4.17
C PHE A 21 -1.00 -3.80 -3.27
N LEU A 22 -1.27 -3.89 -1.97
CA LEU A 22 -0.23 -4.04 -0.95
C LEU A 22 -0.10 -5.48 -0.46
N LYS A 23 1.11 -6.03 -0.59
CA LYS A 23 1.52 -7.26 0.06
C LYS A 23 1.83 -6.90 1.52
N TRP A 24 0.97 -7.36 2.44
CA TRP A 24 1.15 -7.12 3.89
C TRP A 24 2.17 -8.10 4.47
N LYS A 25 2.91 -7.66 5.51
CA LYS A 25 3.91 -8.50 6.20
C LYS A 25 3.25 -9.77 6.78
N GLY A 26 2.13 -9.57 7.48
CA GLY A 26 1.46 -10.66 8.22
C GLY A 26 0.22 -11.19 7.54
N PHE A 27 0.03 -10.88 6.24
CA PHE A 27 -1.09 -11.42 5.44
C PHE A 27 -0.58 -11.93 4.09
N THR A 28 -1.07 -13.11 3.70
CA THR A 28 -0.64 -13.82 2.49
C THR A 28 -1.32 -13.26 1.22
N ASP A 29 -0.99 -13.88 0.07
CA ASP A 29 -1.34 -13.40 -1.28
C ASP A 29 -2.84 -13.06 -1.44
N ALA A 30 -3.70 -14.00 -1.06
CA ALA A 30 -5.16 -13.90 -1.25
C ALA A 30 -5.81 -12.83 -0.34
N ASP A 31 -5.13 -12.48 0.77
CA ASP A 31 -5.65 -11.51 1.75
C ASP A 31 -5.19 -10.06 1.42
N ASN A 32 -4.15 -9.94 0.57
CA ASN A 32 -3.56 -8.63 0.18
C ASN A 32 -4.61 -7.71 -0.48
N THR A 33 -4.61 -6.41 -0.10
CA THR A 33 -5.71 -5.46 -0.40
C THR A 33 -5.20 -4.17 -1.07
N TRP A 34 -6.12 -3.49 -1.80
CA TRP A 34 -5.89 -2.17 -2.40
C TRP A 34 -6.07 -1.07 -1.34
N GLU A 35 -5.00 -0.30 -1.05
CA GLU A 35 -5.05 0.85 -0.13
C GLU A 35 -4.68 2.13 -0.87
N PRO A 36 -5.44 3.25 -0.67
CA PRO A 36 -5.15 4.54 -1.34
C PRO A 36 -3.93 5.25 -0.73
N GLU A 37 -3.24 6.05 -1.57
CA GLU A 37 -2.04 6.83 -1.19
C GLU A 37 -2.33 7.82 -0.04
N GLU A 38 -3.59 8.27 0.07
CA GLU A 38 -4.03 9.18 1.15
C GLU A 38 -3.85 8.52 2.55
N ASN A 39 -4.07 7.19 2.60
CA ASN A 39 -3.94 6.39 3.83
C ASN A 39 -2.48 5.99 4.09
N LEU A 40 -1.72 5.73 3.00
CA LEU A 40 -0.37 5.13 3.09
C LEU A 40 0.61 6.03 3.85
N ASP A 41 1.41 5.41 4.72
CA ASP A 41 2.54 6.07 5.41
C ASP A 41 3.85 5.51 4.82
N CYS A 42 3.78 5.12 3.54
CA CYS A 42 4.90 4.48 2.83
C CYS A 42 5.39 5.37 1.67
N PRO A 43 6.36 6.30 1.91
CA PRO A 43 7.06 7.00 0.79
C PRO A 43 8.12 6.10 0.14
N GLU A 44 8.64 5.14 0.95
CA GLU A 44 9.67 4.19 0.54
C GLU A 44 9.15 3.24 -0.55
N LEU A 45 8.04 2.54 -0.23
CA LEU A 45 7.47 1.49 -1.10
C LEU A 45 6.95 2.06 -2.42
N ILE A 46 6.30 3.25 -2.35
CA ILE A 46 5.75 3.93 -3.54
C ILE A 46 6.89 4.38 -4.47
N GLU A 47 7.91 5.04 -3.89
CA GLU A 47 9.09 5.53 -4.65
C GLU A 47 9.81 4.37 -5.36
N ALA A 48 10.10 3.32 -4.58
CA ALA A 48 10.79 2.11 -5.04
C ALA A 48 10.00 1.37 -6.14
N PHE A 49 8.67 1.37 -5.98
CA PHE A 49 7.72 0.74 -6.92
C PHE A 49 7.77 1.46 -8.29
N LEU A 50 7.67 2.79 -8.25
CA LEU A 50 7.64 3.63 -9.48
C LEU A 50 8.99 3.56 -10.21
N ASN A 51 10.09 3.54 -9.44
CA ASN A 51 11.47 3.46 -9.96
C ASN A 51 11.85 2.02 -10.39
N SER A 52 11.08 1.02 -9.90
CA SER A 52 11.25 -0.39 -10.33
C SER A 52 10.62 -0.59 -11.73
N GLN A 53 9.59 0.22 -12.03
CA GLN A 53 8.90 0.21 -13.33
C GLN A 53 9.67 1.06 -14.36
N LYS A 54 10.24 2.17 -13.88
CA LYS A 54 11.02 3.10 -14.72
C LYS A 54 12.51 2.69 -14.71
N ALA B 1 13.87 -8.02 8.44
CA ALA B 1 14.46 -6.66 8.26
C ALA B 1 13.64 -5.63 9.04
N ARG B 2 14.30 -4.53 9.51
CA ARG B 2 13.61 -3.38 10.13
C ARG B 2 12.93 -2.53 9.05
N THR B 3 13.41 -2.68 7.78
CA THR B 3 12.83 -2.02 6.61
C THR B 3 11.38 -2.51 6.40
N LYS B 4 10.45 -1.87 7.13
CA LYS B 4 9.04 -2.27 7.21
C LYS B 4 8.17 -1.00 7.32
N GLN B 5 7.35 -0.76 6.30
CA GLN B 5 6.48 0.42 6.23
C GLN B 5 5.09 0.09 6.77
N THR B 6 4.37 1.13 7.21
CA THR B 6 3.00 1.00 7.75
C THR B 6 2.01 1.65 6.76
N ALA B 7 0.88 0.97 6.54
CA ALA B 7 -0.21 1.45 5.70
C ALA B 7 -1.51 1.35 6.48
N ARG B 8 -2.41 2.31 6.24
CA ARG B 8 -3.65 2.46 7.00
C ARG B 8 -4.84 2.00 6.16
N SER B 10 -9.45 1.40 6.44
CA SER B 10 -10.65 2.09 6.95
C SER B 10 -10.73 2.01 8.50
N THR B 11 -11.65 2.81 9.08
CA THR B 11 -11.80 3.00 10.54
C THR B 11 -10.45 3.35 11.21
N GLY B 12 -10.03 4.61 11.00
CA GLY B 12 -8.73 5.09 11.42
C GLY B 12 -8.18 6.09 10.44
N GLY B 13 -7.25 5.63 9.57
CA GLY B 13 -6.60 6.49 8.57
C GLY B 13 -5.66 7.52 9.17
N LYS B 14 -5.35 7.38 10.48
CA LYS B 14 -4.54 8.34 11.26
C LYS B 14 -3.69 7.58 12.28
N ALA B 15 -2.36 7.68 12.15
CA ALA B 15 -1.38 7.08 13.09
C ALA B 15 -0.03 7.80 12.94
N GLY A 1 -0.27 -4.57 16.53
CA GLY A 1 0.13 -3.23 16.03
C GLY A 1 -0.58 -2.86 14.75
N GLU A 2 -0.10 -1.78 14.09
CA GLU A 2 -0.66 -1.31 12.81
C GLU A 2 -0.18 -2.23 11.66
N PHE A 3 -0.84 -2.15 10.48
CA PHE A 3 -0.63 -3.11 9.39
C PHE A 3 0.63 -2.74 8.60
N VAL A 4 1.65 -3.59 8.66
CA VAL A 4 2.88 -3.42 7.89
C VAL A 4 2.67 -3.97 6.50
N VAL A 5 3.05 -3.20 5.48
CA VAL A 5 3.05 -3.66 4.10
C VAL A 5 4.49 -4.02 3.68
N GLU A 6 4.68 -5.29 3.27
CA GLU A 6 5.94 -5.80 2.68
C GLU A 6 6.39 -4.92 1.51
N LYS A 7 5.50 -4.79 0.51
CA LYS A 7 5.81 -4.09 -0.76
C LYS A 7 4.51 -3.76 -1.53
N VAL A 8 4.64 -2.82 -2.47
CA VAL A 8 3.57 -2.46 -3.40
C VAL A 8 3.62 -3.43 -4.60
N LEU A 9 2.54 -4.21 -4.76
CA LEU A 9 2.45 -5.22 -5.83
C LEU A 9 2.00 -4.61 -7.17
N ASP A 10 1.11 -3.60 -7.09
CA ASP A 10 0.46 -3.05 -8.30
C ASP A 10 -0.20 -1.70 -7.99
N ARG A 11 -0.51 -0.93 -9.05
CA ARG A 11 -1.27 0.33 -8.98
C ARG A 11 -2.57 0.21 -9.78
N ARG A 12 -3.62 0.93 -9.34
CA ARG A 12 -4.84 1.17 -10.14
C ARG A 12 -5.17 2.67 -10.07
N VAL A 13 -5.98 3.15 -11.01
CA VAL A 13 -6.61 4.47 -10.96
C VAL A 13 -8.13 4.26 -11.00
N VAL A 14 -8.79 4.49 -9.86
CA VAL A 14 -10.25 4.40 -9.71
C VAL A 14 -10.77 5.74 -9.18
N ASN A 15 -11.78 6.29 -9.89
CA ASN A 15 -12.42 7.60 -9.58
C ASN A 15 -11.44 8.77 -9.78
N GLY A 16 -10.39 8.53 -10.61
CA GLY A 16 -9.33 9.51 -10.84
C GLY A 16 -8.28 9.55 -9.73
N LYS A 17 -8.39 8.62 -8.76
CA LYS A 17 -7.53 8.54 -7.59
C LYS A 17 -6.54 7.37 -7.78
N VAL A 18 -5.31 7.60 -7.30
CA VAL A 18 -4.19 6.64 -7.40
C VAL A 18 -4.18 5.74 -6.15
N GLU A 19 -4.34 4.43 -6.37
CA GLU A 19 -4.37 3.41 -5.31
C GLU A 19 -3.37 2.30 -5.64
N TYR A 20 -3.03 1.50 -4.62
CA TYR A 20 -1.97 0.49 -4.72
C TYR A 20 -2.38 -0.79 -3.97
N PHE A 21 -2.17 -1.96 -4.61
CA PHE A 21 -2.41 -3.25 -3.95
C PHE A 21 -1.23 -3.54 -3.04
N LEU A 22 -1.47 -3.42 -1.72
CA LEU A 22 -0.44 -3.60 -0.72
C LEU A 22 -0.34 -5.06 -0.31
N LYS A 23 0.85 -5.64 -0.44
CA LYS A 23 1.17 -6.93 0.15
C LYS A 23 1.43 -6.67 1.64
N TRP A 24 0.43 -6.93 2.50
CA TRP A 24 0.63 -6.89 3.96
C TRP A 24 1.63 -8.01 4.35
N LYS A 25 2.69 -7.61 5.08
CA LYS A 25 3.91 -8.40 5.31
C LYS A 25 3.64 -9.84 5.81
N GLY A 26 2.88 -9.95 6.91
CA GLY A 26 2.58 -11.25 7.52
C GLY A 26 1.16 -11.72 7.23
N PHE A 27 0.62 -11.33 6.06
CA PHE A 27 -0.75 -11.68 5.63
C PHE A 27 -0.75 -12.13 4.14
N THR A 28 -1.59 -13.14 3.84
CA THR A 28 -1.68 -13.77 2.51
C THR A 28 -2.18 -12.80 1.43
N ASP A 29 -1.90 -13.12 0.14
CA ASP A 29 -2.25 -12.26 -1.01
C ASP A 29 -3.78 -12.09 -1.17
N ALA A 30 -4.53 -13.15 -0.83
CA ALA A 30 -6.01 -13.15 -0.85
C ALA A 30 -6.58 -12.26 0.26
N ASP A 31 -5.75 -11.98 1.27
CA ASP A 31 -6.09 -11.13 2.44
C ASP A 31 -5.54 -9.71 2.25
N ASN A 32 -4.56 -9.55 1.34
CA ASN A 32 -3.98 -8.23 0.98
C ASN A 32 -5.01 -7.35 0.24
N THR A 33 -4.95 -6.01 0.46
CA THR A 33 -6.03 -5.07 0.06
C THR A 33 -5.50 -3.91 -0.81
N TRP A 34 -6.45 -3.21 -1.46
CA TRP A 34 -6.18 -1.97 -2.23
C TRP A 34 -6.27 -0.75 -1.30
N GLU A 35 -5.14 -0.04 -1.14
CA GLU A 35 -5.06 1.17 -0.31
C GLU A 35 -4.58 2.36 -1.16
N PRO A 36 -5.24 3.56 -1.04
CA PRO A 36 -4.81 4.78 -1.75
C PRO A 36 -3.49 5.34 -1.18
N GLU A 37 -2.76 6.10 -2.02
CA GLU A 37 -1.45 6.73 -1.66
C GLU A 37 -1.51 7.54 -0.35
N GLU A 38 -2.69 8.10 -0.05
CA GLU A 38 -2.91 8.91 1.16
C GLU A 38 -2.85 8.03 2.43
N ASN A 39 -3.37 6.80 2.33
CA ASN A 39 -3.52 5.87 3.49
C ASN A 39 -2.26 4.99 3.65
N LEU A 40 -1.23 5.24 2.81
CA LEU A 40 0.08 4.56 2.93
C LEU A 40 0.96 5.39 3.86
N ASP A 41 1.49 4.79 4.93
CA ASP A 41 2.42 5.49 5.83
C ASP A 41 3.85 5.40 5.27
N CYS A 42 4.14 4.28 4.60
CA CYS A 42 5.40 4.04 3.88
C CYS A 42 5.47 4.91 2.59
N PRO A 43 6.33 5.97 2.52
CA PRO A 43 6.59 6.70 1.25
C PRO A 43 7.70 6.05 0.42
N GLU A 44 8.53 5.21 1.08
CA GLU A 44 9.73 4.61 0.51
C GLU A 44 9.36 3.44 -0.44
N LEU A 45 8.28 2.70 -0.10
CA LEU A 45 7.77 1.60 -0.95
C LEU A 45 7.10 2.17 -2.21
N ILE A 46 6.49 3.37 -2.09
CA ILE A 46 5.85 4.05 -3.22
C ILE A 46 6.93 4.52 -4.22
N GLU A 47 7.99 5.13 -3.66
CA GLU A 47 9.14 5.62 -4.43
C GLU A 47 9.85 4.45 -5.13
N ALA A 48 10.06 3.36 -4.40
CA ALA A 48 10.76 2.16 -4.91
C ALA A 48 9.93 1.46 -6.01
N PHE A 49 8.59 1.54 -5.89
CA PHE A 49 7.64 1.06 -6.93
C PHE A 49 7.81 1.86 -8.23
N LEU A 50 8.01 3.19 -8.09
CA LEU A 50 8.23 4.10 -9.21
C LEU A 50 9.65 3.88 -9.81
N ASN A 51 10.62 3.56 -8.93
CA ASN A 51 12.02 3.32 -9.31
C ASN A 51 12.20 1.93 -9.95
N SER A 52 11.17 1.07 -9.77
CA SER A 52 11.07 -0.22 -10.48
C SER A 52 10.75 0.05 -11.96
N GLN A 53 9.93 1.08 -12.20
CA GLN A 53 9.55 1.54 -13.55
C GLN A 53 10.69 2.38 -14.15
N LYS A 54 11.37 3.13 -13.27
CA LYS A 54 12.44 4.07 -13.65
C LYS A 54 13.82 3.37 -13.56
N ALA B 1 13.25 -0.29 14.72
CA ALA B 1 12.71 0.92 15.41
C ALA B 1 12.47 2.04 14.38
N ARG B 2 11.37 2.80 14.57
CA ARG B 2 10.97 3.94 13.68
C ARG B 2 10.79 3.47 12.21
N THR B 3 10.42 2.19 12.05
CA THR B 3 10.35 1.51 10.75
C THR B 3 9.09 1.94 9.97
N LYS B 4 9.25 2.99 9.15
CA LYS B 4 8.17 3.55 8.34
C LYS B 4 7.96 2.70 7.07
N GLN B 5 7.26 1.57 7.27
CA GLN B 5 6.90 0.62 6.21
C GLN B 5 5.45 0.12 6.48
N THR B 6 4.73 0.88 7.30
CA THR B 6 3.37 0.55 7.76
C THR B 6 2.29 1.24 6.89
N ALA B 7 1.03 0.98 7.24
CA ALA B 7 -0.16 1.55 6.62
C ALA B 7 -1.40 1.04 7.37
N ARG B 8 -2.58 1.48 6.92
CA ARG B 8 -3.87 1.11 7.50
C ARG B 8 -4.80 0.60 6.39
N SER B 10 -8.47 0.48 4.50
CA SER B 10 -9.62 1.34 4.20
C SER B 10 -10.93 0.66 4.65
N THR B 11 -11.93 1.46 5.00
CA THR B 11 -13.26 0.98 5.46
C THR B 11 -14.21 0.83 4.24
N GLY B 12 -13.62 0.49 3.07
CA GLY B 12 -14.37 0.29 1.83
C GLY B 12 -15.26 -0.95 1.88
N GLY B 13 -14.66 -2.09 2.31
CA GLY B 13 -15.39 -3.36 2.49
C GLY B 13 -15.83 -3.98 1.16
N LYS B 14 -16.99 -3.51 0.65
CA LYS B 14 -17.52 -3.91 -0.68
C LYS B 14 -16.87 -3.06 -1.79
N ALA B 15 -16.34 -1.88 -1.40
CA ALA B 15 -15.55 -1.00 -2.29
C ALA B 15 -14.12 -1.55 -2.48
N GLY A 1 -7.00 -0.11 12.00
CA GLY A 1 -5.77 -0.89 12.32
C GLY A 1 -4.60 -0.49 11.42
N GLU A 2 -3.44 -0.20 12.04
CA GLU A 2 -2.19 0.08 11.31
C GLU A 2 -1.42 -1.24 11.15
N PHE A 3 -1.25 -1.68 9.90
CA PHE A 3 -0.57 -2.95 9.57
C PHE A 3 0.70 -2.67 8.75
N VAL A 4 1.76 -3.45 9.02
CA VAL A 4 3.01 -3.35 8.28
C VAL A 4 2.84 -4.03 6.90
N VAL A 5 3.09 -3.25 5.84
CA VAL A 5 3.08 -3.74 4.45
C VAL A 5 4.51 -4.07 4.01
N GLU A 6 4.66 -5.24 3.35
CA GLU A 6 5.94 -5.73 2.84
C GLU A 6 6.40 -4.86 1.65
N LYS A 7 5.52 -4.74 0.63
CA LYS A 7 5.82 -4.03 -0.63
C LYS A 7 4.53 -3.71 -1.40
N VAL A 8 4.66 -2.83 -2.41
CA VAL A 8 3.60 -2.56 -3.39
C VAL A 8 3.76 -3.52 -4.58
N LEU A 9 2.63 -3.99 -5.14
CA LEU A 9 2.60 -4.94 -6.25
C LEU A 9 2.17 -4.24 -7.56
N ASP A 10 1.11 -3.43 -7.47
CA ASP A 10 0.53 -2.76 -8.65
C ASP A 10 -0.09 -1.41 -8.27
N ARG A 11 -0.30 -0.57 -9.29
CA ARG A 11 -0.90 0.78 -9.18
C ARG A 11 -2.14 0.84 -10.07
N ARG A 12 -3.11 1.69 -9.71
CA ARG A 12 -4.34 1.90 -10.51
C ARG A 12 -4.91 3.31 -10.25
N VAL A 13 -5.79 3.77 -11.15
CA VAL A 13 -6.52 5.04 -11.01
C VAL A 13 -8.04 4.75 -10.92
N VAL A 14 -8.63 5.08 -9.75
CA VAL A 14 -10.07 4.84 -9.45
C VAL A 14 -10.78 6.19 -9.24
N ASN A 15 -11.65 6.58 -10.20
CA ASN A 15 -12.47 7.84 -10.13
C ASN A 15 -11.60 9.12 -10.08
N GLY A 16 -10.31 8.98 -10.47
CA GLY A 16 -9.35 10.10 -10.45
C GLY A 16 -8.25 9.93 -9.41
N LYS A 17 -8.52 9.14 -8.34
CA LYS A 17 -7.55 8.89 -7.24
C LYS A 17 -6.56 7.78 -7.67
N VAL A 18 -5.50 7.56 -6.87
CA VAL A 18 -4.48 6.53 -7.15
C VAL A 18 -4.41 5.52 -5.99
N GLU A 19 -4.71 4.23 -6.29
CA GLU A 19 -4.64 3.12 -5.32
C GLU A 19 -3.47 2.17 -5.66
N TYR A 20 -2.95 1.50 -4.63
CA TYR A 20 -1.78 0.60 -4.71
C TYR A 20 -2.12 -0.74 -4.03
N PHE A 21 -1.93 -1.86 -4.74
CA PHE A 21 -2.19 -3.21 -4.19
C PHE A 21 -1.03 -3.59 -3.28
N LEU A 22 -1.29 -3.60 -1.98
CA LEU A 22 -0.27 -3.83 -0.96
C LEU A 22 -0.15 -5.32 -0.64
N LYS A 23 1.05 -5.87 -0.81
CA LYS A 23 1.40 -7.16 -0.22
C LYS A 23 1.74 -6.88 1.26
N TRP A 24 0.77 -7.07 2.15
CA TRP A 24 0.96 -6.86 3.58
C TRP A 24 1.93 -7.90 4.15
N LYS A 25 2.89 -7.45 4.99
CA LYS A 25 3.82 -8.33 5.69
C LYS A 25 3.05 -9.13 6.76
N GLY A 26 3.24 -10.46 6.81
CA GLY A 26 2.55 -11.33 7.76
C GLY A 26 1.22 -11.88 7.23
N PHE A 27 0.51 -11.03 6.45
CA PHE A 27 -0.79 -11.36 5.87
C PHE A 27 -0.62 -11.99 4.47
N THR A 28 -1.48 -12.95 4.13
CA THR A 28 -1.39 -13.74 2.89
C THR A 28 -1.80 -12.93 1.64
N ASP A 29 -1.41 -13.45 0.46
CA ASP A 29 -1.69 -12.81 -0.85
C ASP A 29 -3.21 -12.65 -1.08
N ALA A 30 -3.98 -13.62 -0.56
CA ALA A 30 -5.45 -13.63 -0.65
C ALA A 30 -6.09 -12.62 0.32
N ASP A 31 -5.40 -12.33 1.44
CA ASP A 31 -5.88 -11.39 2.47
C ASP A 31 -5.45 -9.94 2.16
N ASN A 32 -4.53 -9.77 1.17
CA ASN A 32 -4.05 -8.43 0.75
C ASN A 32 -5.18 -7.58 0.13
N THR A 33 -4.99 -6.24 0.14
CA THR A 33 -6.02 -5.27 -0.26
C THR A 33 -5.41 -4.06 -1.00
N TRP A 34 -6.24 -3.41 -1.85
CA TRP A 34 -5.90 -2.14 -2.52
C TRP A 34 -6.06 -0.99 -1.52
N GLU A 35 -4.99 -0.20 -1.32
CA GLU A 35 -5.02 0.99 -0.45
C GLU A 35 -4.56 2.23 -1.22
N PRO A 36 -5.35 3.35 -1.17
CA PRO A 36 -4.97 4.64 -1.83
C PRO A 36 -3.72 5.27 -1.18
N GLU A 37 -3.05 6.17 -1.92
CA GLU A 37 -1.79 6.82 -1.47
C GLU A 37 -1.99 7.73 -0.24
N GLU A 38 -3.23 8.22 -0.05
CA GLU A 38 -3.64 9.01 1.13
C GLU A 38 -3.54 8.16 2.41
N ASN A 39 -3.77 6.84 2.25
CA ASN A 39 -3.89 5.88 3.35
C ASN A 39 -2.52 5.23 3.67
N LEU A 40 -1.53 5.41 2.76
CA LEU A 40 -0.18 4.84 2.89
C LEU A 40 0.72 5.76 3.73
N ASP A 41 1.25 5.25 4.85
CA ASP A 41 2.24 5.98 5.66
C ASP A 41 3.64 5.80 5.07
N CYS A 42 3.84 4.63 4.43
CA CYS A 42 5.12 4.23 3.82
C CYS A 42 5.38 4.92 2.45
N PRO A 43 6.31 5.92 2.36
CA PRO A 43 6.68 6.56 1.07
C PRO A 43 7.82 5.82 0.35
N GLU A 44 8.58 4.99 1.10
CA GLU A 44 9.76 4.28 0.59
C GLU A 44 9.35 3.12 -0.32
N LEU A 45 8.23 2.44 0.03
CA LEU A 45 7.65 1.38 -0.80
C LEU A 45 7.09 1.95 -2.11
N ILE A 46 6.46 3.13 -2.03
CA ILE A 46 5.94 3.84 -3.22
C ILE A 46 7.12 4.22 -4.13
N GLU A 47 8.18 4.80 -3.53
CA GLU A 47 9.39 5.26 -4.23
C GLU A 47 10.08 4.10 -4.97
N ALA A 48 10.36 3.01 -4.23
CA ALA A 48 11.06 1.81 -4.78
C ALA A 48 10.23 1.16 -5.91
N PHE A 49 8.89 1.24 -5.76
CA PHE A 49 7.93 0.76 -6.77
C PHE A 49 7.92 1.66 -8.03
N LEU A 50 8.07 2.99 -7.85
CA LEU A 50 8.15 3.95 -8.98
C LEU A 50 9.47 3.72 -9.76
N ASN A 51 10.53 3.39 -9.00
CA ASN A 51 11.86 3.02 -9.55
C ASN A 51 11.78 1.67 -10.30
N SER A 52 10.83 0.80 -9.89
CA SER A 52 10.56 -0.48 -10.57
C SER A 52 9.80 -0.25 -11.89
N GLN A 53 8.87 0.73 -11.87
CA GLN A 53 8.05 1.08 -13.06
C GLN A 53 8.93 1.76 -14.11
N LYS A 54 9.90 2.56 -13.67
CA LYS A 54 10.76 3.35 -14.55
C LYS A 54 11.98 2.48 -14.97
N ALA B 1 12.79 3.46 6.27
CA ALA B 1 14.02 3.33 7.10
C ALA B 1 13.78 3.91 8.49
N ARG B 2 13.33 5.19 8.54
CA ARG B 2 12.98 5.88 9.80
C ARG B 2 11.75 5.17 10.42
N THR B 3 10.60 5.27 9.74
CA THR B 3 9.37 4.56 10.13
C THR B 3 9.38 3.16 9.50
N LYS B 4 8.73 2.20 10.18
CA LYS B 4 8.47 0.87 9.61
C LYS B 4 7.36 1.01 8.58
N GLN B 5 7.55 0.36 7.41
CA GLN B 5 6.66 0.51 6.26
C GLN B 5 5.25 0.01 6.59
N THR B 6 4.37 0.96 6.94
CA THR B 6 3.01 0.67 7.41
C THR B 6 1.98 1.46 6.59
N ALA B 7 0.74 0.97 6.65
CA ALA B 7 -0.44 1.63 6.09
C ALA B 7 -1.66 1.11 6.82
N ARG B 8 -2.78 1.82 6.68
CA ARG B 8 -4.06 1.46 7.30
C ARG B 8 -4.94 0.81 6.21
N SER B 10 -8.59 1.18 4.26
CA SER B 10 -9.55 2.23 3.93
C SER B 10 -10.97 1.84 4.40
N THR B 11 -11.44 2.52 5.45
CA THR B 11 -12.73 2.26 6.06
C THR B 11 -13.86 2.74 5.12
N GLY B 12 -14.45 1.77 4.39
CA GLY B 12 -15.51 2.04 3.42
C GLY B 12 -16.86 2.35 4.07
N GLY B 13 -17.54 3.39 3.57
CA GLY B 13 -18.83 3.84 4.10
C GLY B 13 -20.00 3.23 3.33
N LYS B 14 -20.51 2.09 3.85
CA LYS B 14 -21.70 1.42 3.31
C LYS B 14 -22.98 2.14 3.82
N ALA B 15 -23.23 3.34 3.27
CA ALA B 15 -24.31 4.23 3.72
C ALA B 15 -24.78 5.12 2.55
N GLY A 1 0.43 4.22 11.02
CA GLY A 1 -0.44 3.18 10.44
C GLY A 1 -0.67 2.01 11.39
N GLU A 2 -1.62 1.13 11.02
CA GLU A 2 -2.00 -0.05 11.84
C GLU A 2 -1.42 -1.36 11.25
N PHE A 3 -1.53 -1.49 9.92
CA PHE A 3 -1.29 -2.77 9.20
C PHE A 3 0.00 -2.66 8.37
N VAL A 4 0.97 -3.52 8.67
CA VAL A 4 2.30 -3.47 8.05
C VAL A 4 2.26 -4.09 6.63
N VAL A 5 2.88 -3.37 5.68
CA VAL A 5 2.97 -3.76 4.26
C VAL A 5 4.43 -4.08 3.89
N GLU A 6 4.61 -5.19 3.15
CA GLU A 6 5.90 -5.65 2.60
C GLU A 6 6.38 -4.71 1.47
N LYS A 7 5.52 -4.50 0.44
CA LYS A 7 5.73 -3.49 -0.63
C LYS A 7 4.48 -3.37 -1.53
N VAL A 8 4.47 -2.34 -2.38
CA VAL A 8 3.46 -2.15 -3.43
C VAL A 8 3.76 -3.10 -4.62
N LEU A 9 2.70 -3.66 -5.21
CA LEU A 9 2.80 -4.58 -6.36
C LEU A 9 2.27 -3.93 -7.64
N ASP A 10 1.15 -3.18 -7.52
CA ASP A 10 0.38 -2.68 -8.68
C ASP A 10 -0.25 -1.31 -8.35
N ARG A 11 -0.69 -0.58 -9.39
CA ARG A 11 -1.31 0.76 -9.28
C ARG A 11 -2.60 0.83 -10.13
N ARG A 12 -3.54 1.69 -9.69
CA ARG A 12 -4.79 1.99 -10.43
C ARG A 12 -5.21 3.45 -10.15
N VAL A 13 -6.11 3.98 -10.98
CA VAL A 13 -6.78 5.26 -10.74
C VAL A 13 -8.29 4.99 -10.56
N VAL A 14 -8.77 5.12 -9.31
CA VAL A 14 -10.19 4.96 -8.96
C VAL A 14 -10.87 6.34 -9.05
N ASN A 15 -11.74 6.50 -10.07
CA ASN A 15 -12.46 7.75 -10.39
C ASN A 15 -11.48 8.86 -10.86
N GLY A 16 -10.71 9.40 -9.91
CA GLY A 16 -9.67 10.38 -10.19
C GLY A 16 -8.66 10.46 -9.04
N LYS A 17 -8.40 9.30 -8.40
CA LYS A 17 -7.42 9.17 -7.30
C LYS A 17 -6.49 7.98 -7.58
N VAL A 18 -5.25 8.03 -7.08
CA VAL A 18 -4.29 6.93 -7.20
C VAL A 18 -4.42 5.98 -5.98
N GLU A 19 -4.54 4.67 -6.27
CA GLU A 19 -4.46 3.61 -5.25
C GLU A 19 -3.38 2.59 -5.63
N TYR A 20 -2.76 1.99 -4.62
CA TYR A 20 -1.68 1.01 -4.78
C TYR A 20 -2.06 -0.31 -4.09
N PHE A 21 -1.86 -1.43 -4.80
CA PHE A 21 -2.14 -2.78 -4.29
C PHE A 21 -1.00 -3.21 -3.37
N LEU A 22 -1.29 -3.28 -2.08
CA LEU A 22 -0.30 -3.59 -1.05
C LEU A 22 -0.19 -5.11 -0.83
N LYS A 23 1.03 -5.62 -0.94
CA LYS A 23 1.40 -6.92 -0.42
C LYS A 23 1.64 -6.71 1.09
N TRP A 24 0.74 -7.18 1.94
CA TRP A 24 0.85 -7.02 3.40
C TRP A 24 1.97 -7.94 3.96
N LYS A 25 2.81 -7.36 4.84
CA LYS A 25 4.00 -8.02 5.36
C LYS A 25 3.64 -9.16 6.32
N GLY A 26 2.94 -8.81 7.40
CA GLY A 26 2.58 -9.77 8.45
C GLY A 26 1.17 -10.33 8.31
N PHE A 27 0.71 -10.47 7.06
CA PHE A 27 -0.60 -11.07 6.71
C PHE A 27 -0.41 -11.99 5.50
N THR A 28 -1.40 -12.88 5.25
CA THR A 28 -1.32 -13.92 4.18
C THR A 28 -1.44 -13.29 2.77
N ASP A 29 -1.07 -14.07 1.75
CA ASP A 29 -0.82 -13.57 0.38
C ASP A 29 -2.13 -13.19 -0.37
N ALA A 30 -3.16 -14.04 -0.25
CA ALA A 30 -4.48 -13.82 -0.91
C ALA A 30 -5.30 -12.71 -0.22
N ASP A 31 -4.87 -12.33 1.00
CA ASP A 31 -5.52 -11.26 1.81
C ASP A 31 -5.11 -9.85 1.34
N ASN A 32 -4.09 -9.76 0.45
CA ASN A 32 -3.51 -8.47 0.00
C ASN A 32 -4.53 -7.63 -0.79
N THR A 33 -4.59 -6.30 -0.50
CA THR A 33 -5.69 -5.41 -0.93
C THR A 33 -5.18 -4.03 -1.42
N TRP A 34 -6.05 -3.32 -2.17
CA TRP A 34 -5.81 -1.95 -2.67
C TRP A 34 -6.03 -0.90 -1.57
N GLU A 35 -5.01 -0.09 -1.29
CA GLU A 35 -5.14 1.06 -0.38
C GLU A 35 -4.74 2.35 -1.14
N PRO A 36 -5.52 3.47 -1.02
CA PRO A 36 -5.16 4.77 -1.64
C PRO A 36 -3.87 5.34 -1.01
N GLU A 37 -3.18 6.20 -1.77
CA GLU A 37 -1.91 6.84 -1.34
C GLU A 37 -2.06 7.66 -0.03
N GLU A 38 -3.29 8.14 0.23
CA GLU A 38 -3.63 8.91 1.44
C GLU A 38 -3.65 7.99 2.69
N ASN A 39 -3.94 6.70 2.46
CA ASN A 39 -3.96 5.67 3.53
C ASN A 39 -2.57 5.01 3.70
N LEU A 40 -1.68 5.20 2.70
CA LEU A 40 -0.33 4.63 2.74
C LEU A 40 0.57 5.44 3.65
N ASP A 41 1.19 4.77 4.64
CA ASP A 41 2.17 5.37 5.55
C ASP A 41 3.57 4.74 5.25
N CYS A 42 3.73 4.23 4.03
CA CYS A 42 4.94 3.53 3.58
C CYS A 42 5.56 4.24 2.36
N PRO A 43 6.47 5.25 2.58
CA PRO A 43 7.09 6.04 1.48
C PRO A 43 8.01 5.21 0.55
N GLU A 44 8.90 4.42 1.17
CA GLU A 44 9.96 3.65 0.46
C GLU A 44 9.37 2.58 -0.46
N LEU A 45 8.20 2.07 -0.09
CA LEU A 45 7.52 0.98 -0.81
C LEU A 45 6.81 1.51 -2.07
N ILE A 46 6.26 2.74 -1.98
CA ILE A 46 5.71 3.46 -3.14
C ILE A 46 6.85 3.77 -4.11
N GLU A 47 7.95 4.31 -3.55
CA GLU A 47 9.19 4.63 -4.27
C GLU A 47 9.75 3.40 -4.99
N ALA A 48 9.79 2.26 -4.29
CA ALA A 48 10.38 0.99 -4.81
C ALA A 48 9.60 0.49 -6.03
N PHE A 49 8.28 0.68 -5.99
CA PHE A 49 7.36 0.34 -7.08
C PHE A 49 7.61 1.25 -8.31
N LEU A 50 7.70 2.56 -8.05
CA LEU A 50 7.98 3.58 -9.09
C LEU A 50 9.44 3.45 -9.60
N ASN A 51 10.31 2.87 -8.75
CA ASN A 51 11.75 2.64 -9.04
C ASN A 51 11.90 1.47 -10.02
N SER A 52 10.91 0.57 -10.02
CA SER A 52 10.81 -0.54 -10.99
C SER A 52 10.41 0.00 -12.38
N GLN A 53 9.69 1.14 -12.39
CA GLN A 53 9.34 1.89 -13.62
C GLN A 53 10.53 2.78 -14.09
N LYS A 54 11.53 2.95 -13.20
CA LYS A 54 12.73 3.76 -13.44
C LYS A 54 13.88 2.86 -13.96
N ALA B 1 15.64 -3.06 7.30
CA ALA B 1 15.68 -3.50 8.72
C ALA B 1 15.12 -2.40 9.64
N ARG B 2 14.33 -2.81 10.64
CA ARG B 2 13.74 -1.93 11.70
C ARG B 2 12.54 -1.08 11.19
N THR B 3 12.73 -0.40 10.03
CA THR B 3 11.70 0.43 9.38
C THR B 3 10.39 -0.37 9.14
N LYS B 4 9.44 -0.24 10.09
CA LYS B 4 8.13 -0.90 10.02
C LYS B 4 7.20 -0.07 9.12
N GLN B 5 7.33 -0.30 7.81
CA GLN B 5 6.52 0.37 6.79
C GLN B 5 5.09 -0.18 6.82
N THR B 6 4.14 0.71 7.11
CA THR B 6 2.77 0.35 7.49
C THR B 6 1.76 1.19 6.68
N ALA B 7 0.46 0.93 6.92
CA ALA B 7 -0.64 1.61 6.24
C ALA B 7 -1.94 1.50 7.07
N ARG B 8 -3.00 2.08 6.52
CA ARG B 8 -4.31 2.23 7.17
C ARG B 8 -5.38 1.73 6.20
N SER B 10 -8.87 1.83 6.65
CA SER B 10 -10.06 2.69 6.69
C SER B 10 -9.72 3.99 7.43
N THR B 11 -10.33 5.10 6.98
CA THR B 11 -10.23 6.39 7.66
C THR B 11 -11.05 6.35 8.96
N GLY B 12 -10.41 5.85 10.04
CA GLY B 12 -11.03 5.72 11.37
C GLY B 12 -10.60 6.84 12.30
N GLY B 13 -11.55 7.67 12.75
CA GLY B 13 -11.28 8.76 13.70
C GLY B 13 -11.73 8.36 15.10
N LYS B 14 -13.01 8.63 15.41
CA LYS B 14 -13.62 8.27 16.69
C LYS B 14 -15.16 8.20 16.53
N ALA B 15 -15.83 9.36 16.56
CA ALA B 15 -17.31 9.46 16.47
C ALA B 15 -17.72 10.96 16.34
N GLY A 1 1.38 4.00 10.48
CA GLY A 1 0.11 3.47 9.97
C GLY A 1 -0.60 2.61 11.01
N GLU A 2 -1.25 1.53 10.55
CA GLU A 2 -1.99 0.60 11.43
C GLU A 2 -1.73 -0.86 11.06
N PHE A 3 -1.23 -1.14 9.83
CA PHE A 3 -0.89 -2.51 9.37
C PHE A 3 0.41 -2.49 8.54
N VAL A 4 1.29 -3.48 8.78
CA VAL A 4 2.59 -3.61 8.10
C VAL A 4 2.41 -4.10 6.65
N VAL A 5 3.12 -3.45 5.71
CA VAL A 5 3.15 -3.84 4.29
C VAL A 5 4.62 -4.03 3.83
N GLU A 6 4.85 -5.16 3.14
CA GLU A 6 6.11 -5.51 2.46
C GLU A 6 6.51 -4.39 1.47
N LYS A 7 5.69 -4.21 0.41
CA LYS A 7 5.76 -3.07 -0.53
C LYS A 7 4.57 -3.07 -1.49
N VAL A 8 4.45 -1.95 -2.24
CA VAL A 8 3.48 -1.82 -3.34
C VAL A 8 3.84 -2.81 -4.48
N LEU A 9 2.81 -3.43 -5.06
CA LEU A 9 2.96 -4.43 -6.13
C LEU A 9 2.42 -3.88 -7.46
N ASP A 10 1.40 -2.99 -7.40
CA ASP A 10 0.68 -2.50 -8.60
C ASP A 10 -0.03 -1.17 -8.30
N ARG A 11 -0.43 -0.44 -9.36
CA ARG A 11 -1.07 0.89 -9.27
C ARG A 11 -2.26 0.98 -10.24
N ARG A 12 -3.29 1.75 -9.84
CA ARG A 12 -4.48 2.06 -10.67
C ARG A 12 -5.02 3.44 -10.25
N VAL A 13 -6.02 3.96 -11.00
CA VAL A 13 -6.73 5.20 -10.66
C VAL A 13 -8.25 4.96 -10.72
N VAL A 14 -8.94 5.14 -9.58
CA VAL A 14 -10.41 5.00 -9.45
C VAL A 14 -11.00 6.28 -8.84
N ASN A 15 -11.95 6.91 -9.56
CA ASN A 15 -12.71 8.10 -9.10
C ASN A 15 -11.78 9.32 -8.87
N GLY A 16 -10.65 9.34 -9.61
CA GLY A 16 -9.63 10.39 -9.50
C GLY A 16 -8.52 10.02 -8.51
N LYS A 17 -8.85 9.12 -7.58
CA LYS A 17 -7.94 8.64 -6.52
C LYS A 17 -6.95 7.62 -7.12
N VAL A 18 -5.74 7.58 -6.55
CA VAL A 18 -4.68 6.65 -6.98
C VAL A 18 -4.53 5.54 -5.94
N GLU A 19 -4.83 4.28 -6.35
CA GLU A 19 -4.77 3.11 -5.46
C GLU A 19 -3.52 2.28 -5.74
N TYR A 20 -3.07 1.53 -4.73
CA TYR A 20 -1.83 0.74 -4.75
C TYR A 20 -2.07 -0.63 -4.08
N PHE A 21 -1.79 -1.72 -4.81
CA PHE A 21 -2.01 -3.09 -4.33
C PHE A 21 -0.86 -3.47 -3.38
N LEU A 22 -1.17 -3.56 -2.09
CA LEU A 22 -0.19 -3.76 -1.03
C LEU A 22 -0.06 -5.23 -0.66
N LYS A 23 1.18 -5.76 -0.66
CA LYS A 23 1.47 -7.06 -0.08
C LYS A 23 1.59 -6.83 1.43
N TRP A 24 0.52 -7.08 2.18
CA TRP A 24 0.53 -6.98 3.63
C TRP A 24 1.50 -8.03 4.20
N LYS A 25 2.55 -7.55 4.89
CA LYS A 25 3.70 -8.36 5.29
C LYS A 25 3.30 -9.43 6.33
N GLY A 26 2.35 -9.07 7.21
CA GLY A 26 1.86 -9.97 8.26
C GLY A 26 0.58 -10.73 7.88
N PHE A 27 0.26 -10.76 6.57
CA PHE A 27 -0.97 -11.40 6.05
C PHE A 27 -0.66 -12.17 4.76
N THR A 28 -1.52 -13.15 4.42
CA THR A 28 -1.34 -14.01 3.24
C THR A 28 -1.56 -13.23 1.92
N ASP A 29 -1.07 -13.83 0.82
CA ASP A 29 -1.04 -13.18 -0.51
C ASP A 29 -2.46 -12.94 -1.06
N ALA A 30 -3.39 -13.86 -0.75
CA ALA A 30 -4.80 -13.75 -1.16
C ALA A 30 -5.55 -12.65 -0.35
N ASP A 31 -5.02 -12.32 0.84
CA ASP A 31 -5.63 -11.34 1.77
C ASP A 31 -5.13 -9.90 1.46
N ASN A 32 -4.20 -9.78 0.50
CA ASN A 32 -3.64 -8.47 0.07
C ASN A 32 -4.69 -7.64 -0.69
N THR A 33 -4.75 -6.32 -0.40
CA THR A 33 -5.83 -5.42 -0.87
C THR A 33 -5.26 -4.14 -1.52
N TRP A 34 -6.14 -3.43 -2.25
CA TRP A 34 -5.85 -2.12 -2.84
C TRP A 34 -6.07 -1.00 -1.80
N GLU A 35 -5.00 -0.28 -1.42
CA GLU A 35 -5.09 0.93 -0.57
C GLU A 35 -4.60 2.16 -1.35
N PRO A 36 -5.37 3.28 -1.34
CA PRO A 36 -4.94 4.55 -1.98
C PRO A 36 -3.72 5.18 -1.27
N GLU A 37 -3.10 6.15 -1.97
CA GLU A 37 -1.89 6.88 -1.51
C GLU A 37 -2.13 7.63 -0.17
N GLU A 38 -3.39 8.05 0.07
CA GLU A 38 -3.81 8.70 1.33
C GLU A 38 -3.66 7.75 2.53
N ASN A 39 -3.88 6.44 2.28
CA ASN A 39 -3.74 5.39 3.30
C ASN A 39 -2.25 5.04 3.53
N LEU A 40 -1.44 5.14 2.46
CA LEU A 40 -0.02 4.73 2.52
C LEU A 40 0.76 5.57 3.53
N ASP A 41 1.43 4.90 4.49
CA ASP A 41 2.32 5.55 5.45
C ASP A 41 3.79 5.17 5.09
N CYS A 42 3.96 4.74 3.82
CA CYS A 42 5.24 4.27 3.31
C CYS A 42 5.59 5.01 2.00
N PRO A 43 6.27 6.20 2.09
CA PRO A 43 6.77 6.94 0.90
C PRO A 43 7.94 6.20 0.23
N GLU A 44 8.68 5.42 1.03
CA GLU A 44 9.83 4.62 0.57
C GLU A 44 9.37 3.47 -0.35
N LEU A 45 8.22 2.84 -0.01
CA LEU A 45 7.67 1.70 -0.77
C LEU A 45 6.93 2.18 -2.04
N ILE A 46 6.48 3.47 -2.03
CA ILE A 46 5.97 4.13 -3.26
C ILE A 46 7.14 4.34 -4.24
N GLU A 47 8.22 4.95 -3.70
CA GLU A 47 9.47 5.21 -4.45
C GLU A 47 10.05 3.91 -5.01
N ALA A 48 10.06 2.86 -4.17
CA ALA A 48 10.61 1.53 -4.51
C ALA A 48 9.86 0.92 -5.69
N PHE A 49 8.52 1.03 -5.63
CA PHE A 49 7.60 0.57 -6.69
C PHE A 49 7.91 1.27 -8.03
N LEU A 50 8.04 2.61 -7.98
CA LEU A 50 8.35 3.44 -9.15
C LEU A 50 9.70 3.03 -9.78
N ASN A 51 10.67 2.71 -8.91
CA ASN A 51 12.02 2.25 -9.32
C ASN A 51 11.98 0.81 -9.85
N SER A 52 10.97 0.03 -9.42
CA SER A 52 10.80 -1.38 -9.87
C SER A 52 10.08 -1.45 -11.22
N GLN A 53 9.37 -0.36 -11.60
CA GLN A 53 8.67 -0.28 -12.90
C GLN A 53 9.68 -0.07 -14.06
N LYS A 54 10.29 1.14 -14.11
CA LYS A 54 11.22 1.56 -15.18
C LYS A 54 10.54 1.46 -16.59
N ALA B 1 15.51 -3.30 1.24
CA ALA B 1 14.81 -4.10 0.22
C ALA B 1 13.46 -4.58 0.75
N ARG B 2 13.50 -5.46 1.78
CA ARG B 2 12.29 -5.95 2.47
C ARG B 2 12.10 -5.16 3.77
N THR B 3 11.24 -4.13 3.72
CA THR B 3 10.92 -3.30 4.88
C THR B 3 9.50 -3.62 5.39
N LYS B 4 9.28 -3.46 6.70
CA LYS B 4 7.97 -3.65 7.35
C LYS B 4 7.30 -2.29 7.64
N GLN B 5 7.52 -1.33 6.73
CA GLN B 5 6.93 0.01 6.82
C GLN B 5 5.41 -0.08 6.58
N THR B 6 4.65 0.71 7.33
CA THR B 6 3.18 0.51 7.47
C THR B 6 2.35 1.33 6.47
N ALA B 7 1.06 1.02 6.46
CA ALA B 7 0.03 1.75 5.73
C ALA B 7 -1.30 1.59 6.49
N ARG B 8 -2.35 2.20 5.94
CA ARG B 8 -3.68 2.24 6.56
C ARG B 8 -4.67 1.46 5.69
N SER B 10 -8.30 1.79 6.91
CA SER B 10 -9.53 2.51 7.25
C SER B 10 -9.27 4.00 7.51
N THR B 11 -9.32 4.80 6.42
CA THR B 11 -9.33 6.27 6.49
C THR B 11 -10.72 6.75 6.95
N GLY B 12 -11.76 6.03 6.51
CA GLY B 12 -13.14 6.34 6.87
C GLY B 12 -13.78 7.30 5.86
N GLY B 13 -13.18 8.50 5.75
CA GLY B 13 -13.70 9.54 4.86
C GLY B 13 -14.70 10.44 5.56
N LYS B 14 -15.73 9.83 6.16
CA LYS B 14 -16.78 10.52 6.93
C LYS B 14 -17.49 9.48 7.82
N ALA B 15 -17.92 8.37 7.17
CA ALA B 15 -18.58 7.24 7.84
C ALA B 15 -18.13 5.92 7.14
N GLY A 1 -3.01 -0.76 15.88
CA GLY A 1 -2.61 -1.96 15.10
C GLY A 1 -2.51 -1.64 13.62
N GLU A 2 -1.47 -0.87 13.25
CA GLU A 2 -1.22 -0.44 11.87
C GLU A 2 -0.62 -1.60 11.09
N PHE A 3 -1.18 -1.85 9.91
CA PHE A 3 -0.90 -3.06 9.12
C PHE A 3 0.41 -2.87 8.35
N VAL A 4 1.38 -3.77 8.57
CA VAL A 4 2.68 -3.71 7.87
C VAL A 4 2.50 -4.23 6.44
N VAL A 5 3.02 -3.46 5.47
CA VAL A 5 3.03 -3.86 4.05
C VAL A 5 4.46 -4.23 3.63
N GLU A 6 4.62 -5.49 3.19
CA GLU A 6 5.84 -6.06 2.58
C GLU A 6 6.38 -5.14 1.48
N LYS A 7 5.52 -4.86 0.47
CA LYS A 7 5.84 -3.99 -0.67
C LYS A 7 4.59 -3.68 -1.50
N VAL A 8 4.66 -2.56 -2.23
CA VAL A 8 3.66 -2.20 -3.24
C VAL A 8 3.82 -3.13 -4.46
N LEU A 9 2.77 -3.88 -4.78
CA LEU A 9 2.77 -4.83 -5.89
C LEU A 9 2.37 -4.14 -7.20
N ASP A 10 1.26 -3.38 -7.16
CA ASP A 10 0.63 -2.82 -8.37
C ASP A 10 -0.04 -1.46 -8.05
N ARG A 11 -0.37 -0.68 -9.10
CA ARG A 11 -0.97 0.67 -8.98
C ARG A 11 -2.09 0.82 -10.01
N ARG A 12 -3.24 1.37 -9.58
CA ARG A 12 -4.40 1.64 -10.47
C ARG A 12 -5.01 3.01 -10.12
N VAL A 13 -6.01 3.42 -10.91
CA VAL A 13 -6.81 4.64 -10.69
C VAL A 13 -8.30 4.23 -10.60
N VAL A 14 -8.96 4.57 -9.48
CA VAL A 14 -10.39 4.29 -9.26
C VAL A 14 -11.08 5.55 -8.72
N ASN A 15 -12.11 6.01 -9.46
CA ASN A 15 -12.97 7.16 -9.08
C ASN A 15 -12.18 8.49 -9.10
N GLY A 16 -11.04 8.49 -9.80
CA GLY A 16 -10.14 9.64 -9.88
C GLY A 16 -8.94 9.52 -8.92
N LYS A 17 -9.07 8.66 -7.88
CA LYS A 17 -8.02 8.46 -6.87
C LYS A 17 -6.95 7.49 -7.40
N VAL A 18 -5.80 7.44 -6.72
CA VAL A 18 -4.66 6.58 -7.09
C VAL A 18 -4.46 5.52 -5.99
N GLU A 19 -4.76 4.25 -6.31
CA GLU A 19 -4.66 3.12 -5.36
C GLU A 19 -3.42 2.27 -5.65
N TYR A 20 -2.96 1.56 -4.62
CA TYR A 20 -1.77 0.68 -4.70
C TYR A 20 -2.11 -0.65 -4.00
N PHE A 21 -1.95 -1.77 -4.72
CA PHE A 21 -2.21 -3.10 -4.17
C PHE A 21 -1.04 -3.48 -3.27
N LEU A 22 -1.31 -3.47 -1.97
CA LEU A 22 -0.29 -3.68 -0.95
C LEU A 22 -0.24 -5.15 -0.57
N LYS A 23 0.95 -5.76 -0.69
CA LYS A 23 1.21 -7.06 -0.09
C LYS A 23 1.44 -6.78 1.40
N TRP A 24 0.41 -6.98 2.23
CA TRP A 24 0.56 -6.88 3.68
C TRP A 24 1.45 -8.03 4.18
N LYS A 25 2.55 -7.68 4.86
CA LYS A 25 3.55 -8.66 5.31
C LYS A 25 2.98 -9.59 6.40
N GLY A 26 1.99 -9.09 7.15
CA GLY A 26 1.35 -9.88 8.21
C GLY A 26 0.22 -10.78 7.71
N PHE A 27 -0.17 -10.64 6.42
CA PHE A 27 -1.32 -11.34 5.83
C PHE A 27 -0.92 -12.03 4.52
N THR A 28 -1.76 -12.98 4.07
CA THR A 28 -1.55 -13.74 2.84
C THR A 28 -1.82 -12.86 1.60
N ASP A 29 -1.31 -13.30 0.43
CA ASP A 29 -1.50 -12.60 -0.86
C ASP A 29 -3.01 -12.46 -1.17
N ALA A 30 -3.77 -13.50 -0.81
CA ALA A 30 -5.23 -13.58 -1.04
C ALA A 30 -6.02 -12.68 -0.07
N ASP A 31 -5.41 -12.26 1.05
CA ASP A 31 -6.07 -11.40 2.05
C ASP A 31 -5.67 -9.91 1.86
N ASN A 32 -4.69 -9.66 0.98
CA ASN A 32 -4.17 -8.29 0.69
C ASN A 32 -5.23 -7.41 0.01
N THR A 33 -5.05 -6.06 0.10
CA THR A 33 -6.05 -5.07 -0.36
C THR A 33 -5.39 -3.84 -1.05
N TRP A 34 -6.20 -3.16 -1.87
CA TRP A 34 -5.85 -1.89 -2.53
C TRP A 34 -6.03 -0.72 -1.54
N GLU A 35 -4.97 0.06 -1.31
CA GLU A 35 -5.03 1.27 -0.48
C GLU A 35 -4.54 2.48 -1.28
N PRO A 36 -5.28 3.64 -1.24
CA PRO A 36 -4.86 4.87 -1.93
C PRO A 36 -3.59 5.49 -1.32
N GLU A 37 -2.87 6.31 -2.12
CA GLU A 37 -1.59 6.94 -1.71
C GLU A 37 -1.70 7.79 -0.43
N GLU A 38 -2.87 8.38 -0.22
CA GLU A 38 -3.19 9.21 0.96
C GLU A 38 -3.21 8.38 2.26
N ASN A 39 -3.53 7.10 2.14
CA ASN A 39 -3.68 6.16 3.26
C ASN A 39 -2.34 5.47 3.60
N LEU A 40 -1.36 5.56 2.67
CA LEU A 40 -0.08 4.86 2.79
C LEU A 40 0.87 5.58 3.74
N ASP A 41 1.45 4.82 4.69
CA ASP A 41 2.45 5.31 5.65
C ASP A 41 3.84 4.78 5.25
N CYS A 42 3.94 4.23 4.02
CA CYS A 42 5.17 3.68 3.46
C CYS A 42 5.62 4.55 2.26
N PRO A 43 6.47 5.61 2.51
CA PRO A 43 6.92 6.55 1.45
C PRO A 43 8.09 5.99 0.61
N GLU A 44 8.93 5.14 1.24
CA GLU A 44 10.09 4.51 0.59
C GLU A 44 9.64 3.38 -0.37
N LEU A 45 8.49 2.73 -0.08
CA LEU A 45 7.90 1.70 -0.96
C LEU A 45 7.37 2.33 -2.27
N ILE A 46 6.92 3.60 -2.20
CA ILE A 46 6.47 4.35 -3.39
C ILE A 46 7.66 4.70 -4.29
N GLU A 47 8.73 5.25 -3.67
CA GLU A 47 9.99 5.55 -4.38
C GLU A 47 10.53 4.29 -5.08
N ALA A 48 10.59 3.19 -4.30
CA ALA A 48 11.10 1.88 -4.77
C ALA A 48 10.28 1.41 -5.99
N PHE A 49 8.94 1.42 -5.82
CA PHE A 49 7.98 0.96 -6.83
C PHE A 49 8.16 1.71 -8.19
N LEU A 50 8.21 3.06 -8.12
CA LEU A 50 8.32 3.92 -9.31
C LEU A 50 9.65 3.71 -10.04
N ASN A 51 10.75 3.70 -9.25
CA ASN A 51 12.11 3.48 -9.78
C ASN A 51 12.30 2.06 -10.34
N SER A 52 11.46 1.11 -9.89
CA SER A 52 11.52 -0.30 -10.32
C SER A 52 10.70 -0.57 -11.58
N GLN A 53 9.62 0.22 -11.81
CA GLN A 53 8.75 0.07 -13.01
C GLN A 53 9.55 0.32 -14.30
N LYS A 54 10.53 1.24 -14.21
CA LYS A 54 11.38 1.63 -15.34
C LYS A 54 12.79 2.08 -14.81
N ALA B 1 15.52 3.01 9.37
CA ALA B 1 15.18 4.24 10.09
C ALA B 1 13.77 4.12 10.72
N ARG B 2 13.33 5.23 11.35
CA ARG B 2 11.98 5.37 11.94
C ARG B 2 10.86 5.21 10.87
N THR B 3 11.23 5.43 9.58
CA THR B 3 10.34 5.20 8.43
C THR B 3 10.02 3.69 8.29
N LYS B 4 8.80 3.30 8.67
CA LYS B 4 8.33 1.92 8.59
C LYS B 4 7.52 1.69 7.30
N GLN B 5 7.66 0.48 6.73
CA GLN B 5 6.94 0.04 5.54
C GLN B 5 5.53 -0.41 5.98
N THR B 6 4.66 0.56 6.28
CA THR B 6 3.35 0.33 6.90
C THR B 6 2.26 1.14 6.19
N ALA B 7 1.00 0.85 6.54
CA ALA B 7 -0.17 1.59 6.07
C ALA B 7 -1.40 1.18 6.88
N ARG B 8 -2.46 1.98 6.77
CA ARG B 8 -3.76 1.69 7.38
C ARG B 8 -4.65 1.03 6.31
N SER B 10 -8.16 1.80 4.46
CA SER B 10 -9.40 2.44 3.98
C SER B 10 -10.32 1.35 3.40
N THR B 11 -9.69 0.30 2.83
CA THR B 11 -10.37 -0.92 2.42
C THR B 11 -10.19 -1.96 3.55
N GLY B 12 -10.96 -1.76 4.64
CA GLY B 12 -11.01 -2.69 5.76
C GLY B 12 -11.74 -3.98 5.42
N GLY B 13 -12.47 -3.97 4.30
CA GLY B 13 -13.17 -5.14 3.77
C GLY B 13 -14.62 -4.83 3.44
N LYS B 14 -15.26 -4.06 4.34
CA LYS B 14 -16.69 -3.72 4.23
C LYS B 14 -17.03 -2.62 5.24
N ALA B 15 -16.64 -2.85 6.51
CA ALA B 15 -16.89 -1.93 7.62
C ALA B 15 -15.83 -0.81 7.63
N GLY A 1 -4.01 -0.97 14.74
CA GLY A 1 -2.53 -1.08 14.71
C GLY A 1 -1.97 -0.84 13.31
N GLU A 2 -0.66 -0.58 13.23
CA GLU A 2 0.06 -0.35 11.97
C GLU A 2 0.16 -1.67 11.19
N PHE A 3 -0.60 -1.75 10.09
CA PHE A 3 -0.60 -2.94 9.22
C PHE A 3 0.65 -2.90 8.35
N VAL A 4 1.53 -3.89 8.55
CA VAL A 4 2.80 -3.97 7.84
C VAL A 4 2.59 -4.52 6.42
N VAL A 5 2.87 -3.67 5.43
CA VAL A 5 2.89 -4.04 4.01
C VAL A 5 4.34 -4.30 3.57
N GLU A 6 4.57 -5.44 2.90
CA GLU A 6 5.86 -5.79 2.29
C GLU A 6 6.23 -4.74 1.22
N LYS A 7 5.39 -4.64 0.17
CA LYS A 7 5.57 -3.67 -0.92
C LYS A 7 4.30 -3.55 -1.76
N VAL A 8 4.30 -2.53 -2.62
CA VAL A 8 3.29 -2.33 -3.66
C VAL A 8 3.53 -3.35 -4.79
N LEU A 9 2.44 -3.96 -5.28
CA LEU A 9 2.49 -4.94 -6.38
C LEU A 9 2.03 -4.29 -7.69
N ASP A 10 1.02 -3.39 -7.58
CA ASP A 10 0.39 -2.79 -8.76
C ASP A 10 -0.24 -1.43 -8.39
N ARG A 11 -0.54 -0.61 -9.40
CA ARG A 11 -1.11 0.73 -9.25
C ARG A 11 -2.42 0.83 -10.05
N ARG A 12 -3.40 1.57 -9.52
CA ARG A 12 -4.68 1.86 -10.21
C ARG A 12 -5.05 3.34 -10.00
N VAL A 13 -6.00 3.82 -10.80
CA VAL A 13 -6.64 5.12 -10.60
C VAL A 13 -8.16 4.88 -10.51
N VAL A 14 -8.71 4.99 -9.29
CA VAL A 14 -10.15 4.95 -9.03
C VAL A 14 -10.72 6.36 -9.21
N ASN A 15 -11.36 6.59 -10.36
CA ASN A 15 -11.97 7.87 -10.77
C ASN A 15 -10.88 8.94 -11.04
N GLY A 16 -10.30 9.48 -9.96
CA GLY A 16 -9.21 10.47 -10.05
C GLY A 16 -8.11 10.25 -9.01
N LYS A 17 -8.38 9.35 -8.03
CA LYS A 17 -7.47 9.01 -6.94
C LYS A 17 -6.67 7.76 -7.31
N VAL A 18 -5.43 7.70 -6.86
CA VAL A 18 -4.52 6.55 -7.07
C VAL A 18 -4.52 5.65 -5.83
N GLU A 19 -4.73 4.34 -6.04
CA GLU A 19 -4.61 3.31 -4.99
C GLU A 19 -3.56 2.29 -5.40
N TYR A 20 -2.85 1.72 -4.41
CA TYR A 20 -1.76 0.78 -4.61
C TYR A 20 -2.14 -0.59 -3.99
N PHE A 21 -1.86 -1.68 -4.71
CA PHE A 21 -2.15 -3.05 -4.26
C PHE A 21 -1.07 -3.46 -3.28
N LEU A 22 -1.42 -3.51 -2.01
CA LEU A 22 -0.46 -3.75 -0.94
C LEU A 22 -0.38 -5.23 -0.62
N LYS A 23 0.79 -5.83 -0.86
CA LYS A 23 1.13 -7.14 -0.34
C LYS A 23 1.47 -6.95 1.12
N TRP A 24 0.60 -7.41 2.01
CA TRP A 24 0.80 -7.29 3.46
C TRP A 24 1.86 -8.30 3.92
N LYS A 25 2.92 -7.79 4.55
CA LYS A 25 4.10 -8.58 4.96
C LYS A 25 3.73 -9.66 6.00
N GLY A 26 2.99 -9.25 7.04
CA GLY A 26 2.60 -10.14 8.14
C GLY A 26 1.34 -10.93 7.85
N PHE A 27 0.78 -10.78 6.63
CA PHE A 27 -0.50 -11.41 6.21
C PHE A 27 -0.29 -12.13 4.86
N THR A 28 -1.30 -12.90 4.44
CA THR A 28 -1.21 -13.76 3.23
C THR A 28 -1.45 -12.96 1.93
N ASP A 29 -1.09 -13.58 0.79
CA ASP A 29 -1.34 -13.03 -0.56
C ASP A 29 -2.84 -13.00 -0.87
N ALA A 30 -3.59 -13.94 -0.27
CA ALA A 30 -5.06 -13.99 -0.36
C ALA A 30 -5.72 -12.80 0.38
N ASP A 31 -4.94 -12.12 1.25
CA ASP A 31 -5.42 -11.02 2.11
C ASP A 31 -4.90 -9.65 1.61
N ASN A 32 -4.08 -9.64 0.51
CA ASN A 32 -3.58 -8.40 -0.13
C ASN A 32 -4.74 -7.51 -0.63
N THR A 33 -4.76 -6.23 -0.21
CA THR A 33 -5.87 -5.29 -0.50
C THR A 33 -5.35 -3.98 -1.10
N TRP A 34 -6.18 -3.34 -1.95
CA TRP A 34 -5.91 -2.02 -2.54
C TRP A 34 -6.14 -0.92 -1.49
N GLU A 35 -5.10 -0.15 -1.15
CA GLU A 35 -5.22 0.99 -0.23
C GLU A 35 -4.79 2.29 -0.94
N PRO A 36 -5.56 3.41 -0.78
CA PRO A 36 -5.25 4.69 -1.45
C PRO A 36 -3.93 5.33 -1.00
N GLU A 37 -3.42 6.22 -1.85
CA GLU A 37 -2.16 6.96 -1.65
C GLU A 37 -2.14 7.73 -0.30
N GLU A 38 -3.32 8.27 0.06
CA GLU A 38 -3.54 9.07 1.28
C GLU A 38 -3.51 8.21 2.55
N ASN A 39 -3.77 6.92 2.37
CA ASN A 39 -3.88 5.93 3.47
C ASN A 39 -2.51 5.29 3.76
N LEU A 40 -1.58 5.41 2.81
CA LEU A 40 -0.23 4.85 2.95
C LEU A 40 0.61 5.73 3.88
N ASP A 41 1.26 5.11 4.88
CA ASP A 41 2.27 5.78 5.73
C ASP A 41 3.65 5.28 5.30
N CYS A 42 3.71 4.71 4.09
CA CYS A 42 4.89 4.09 3.52
C CYS A 42 5.30 4.87 2.25
N PRO A 43 6.19 5.92 2.39
CA PRO A 43 6.64 6.74 1.24
C PRO A 43 7.77 6.08 0.43
N GLU A 44 8.56 5.22 1.12
CA GLU A 44 9.68 4.51 0.52
C GLU A 44 9.17 3.38 -0.39
N LEU A 45 7.97 2.84 -0.09
CA LEU A 45 7.30 1.83 -0.96
C LEU A 45 6.79 2.49 -2.25
N ILE A 46 6.23 3.70 -2.13
CA ILE A 46 5.72 4.46 -3.30
C ILE A 46 6.89 4.80 -4.25
N GLU A 47 8.01 5.23 -3.66
CA GLU A 47 9.25 5.54 -4.39
C GLU A 47 9.84 4.28 -5.02
N ALA A 48 9.90 3.20 -4.21
CA ALA A 48 10.50 1.91 -4.62
C ALA A 48 9.72 1.27 -5.76
N PHE A 49 8.39 1.50 -5.77
CA PHE A 49 7.49 1.03 -6.83
C PHE A 49 7.88 1.67 -8.18
N LEU A 50 8.08 3.00 -8.16
CA LEU A 50 8.48 3.77 -9.35
C LEU A 50 9.85 3.30 -9.85
N ASN A 51 10.80 3.13 -8.91
CA ASN A 51 12.18 2.68 -9.21
C ASN A 51 12.18 1.21 -9.68
N SER A 52 11.16 0.43 -9.27
CA SER A 52 11.08 -1.02 -9.59
C SER A 52 10.68 -1.22 -11.06
N GLN A 53 9.45 -0.77 -11.41
CA GLN A 53 8.84 -1.04 -12.74
C GLN A 53 9.18 0.04 -13.79
N LYS A 54 10.11 0.96 -13.44
CA LYS A 54 10.68 1.96 -14.37
C LYS A 54 12.22 1.93 -14.23
N ALA B 1 8.87 -8.91 13.31
CA ALA B 1 9.34 -8.18 12.13
C ALA B 1 9.87 -6.79 12.56
N ARG B 2 11.15 -6.51 12.26
CA ARG B 2 11.78 -5.21 12.58
C ARG B 2 11.41 -4.18 11.50
N THR B 3 11.70 -4.50 10.24
CA THR B 3 11.35 -3.63 9.11
C THR B 3 9.81 -3.65 8.90
N LYS B 4 9.13 -2.65 9.46
CA LYS B 4 7.66 -2.54 9.41
C LYS B 4 7.24 -1.34 8.54
N GLN B 5 7.07 -1.58 7.23
CA GLN B 5 6.56 -0.56 6.30
C GLN B 5 5.07 -0.37 6.61
N THR B 6 4.76 0.76 7.26
CA THR B 6 3.45 1.01 7.87
C THR B 6 2.42 1.59 6.86
N ALA B 7 1.20 1.09 6.96
CA ALA B 7 0.03 1.61 6.27
C ALA B 7 -1.21 1.23 7.07
N ARG B 8 -2.31 1.94 6.83
CA ARG B 8 -3.61 1.62 7.44
C ARG B 8 -4.52 1.01 6.37
N SER B 10 -8.82 1.34 4.81
CA SER B 10 -10.06 2.14 4.79
C SER B 10 -11.11 1.46 5.71
N THR B 11 -11.06 1.84 6.99
CA THR B 11 -11.90 1.26 8.05
C THR B 11 -13.37 1.68 7.90
N GLY B 12 -14.28 0.79 8.31
CA GLY B 12 -15.72 1.00 8.19
C GLY B 12 -16.26 0.42 6.89
N GLY B 13 -16.25 1.24 5.82
CA GLY B 13 -16.77 0.86 4.51
C GLY B 13 -18.24 0.45 4.54
N LYS B 14 -18.45 -0.85 4.79
CA LYS B 14 -19.77 -1.47 4.95
C LYS B 14 -19.55 -2.88 5.54
N ALA B 15 -19.26 -2.91 6.85
CA ALA B 15 -18.98 -4.15 7.60
C ALA B 15 -20.30 -4.91 7.88
N GLY A 1 2.78 0.34 13.47
CA GLY A 1 1.72 1.37 13.44
C GLY A 1 0.33 0.78 13.57
N GLU A 2 -0.14 0.12 12.48
CA GLU A 2 -1.48 -0.50 12.42
C GLU A 2 -1.47 -1.73 11.50
N PHE A 3 -1.39 -1.54 10.17
CA PHE A 3 -1.28 -2.66 9.21
C PHE A 3 0.06 -2.56 8.47
N VAL A 4 0.96 -3.52 8.69
CA VAL A 4 2.30 -3.51 8.08
C VAL A 4 2.25 -4.12 6.68
N VAL A 5 2.91 -3.44 5.72
CA VAL A 5 2.98 -3.86 4.32
C VAL A 5 4.44 -4.17 3.94
N GLU A 6 4.60 -5.33 3.27
CA GLU A 6 5.89 -5.78 2.71
C GLU A 6 6.35 -4.80 1.62
N LYS A 7 5.47 -4.62 0.60
CA LYS A 7 5.72 -3.73 -0.56
C LYS A 7 4.46 -3.60 -1.43
N VAL A 8 4.50 -2.63 -2.36
CA VAL A 8 3.47 -2.45 -3.40
C VAL A 8 3.70 -3.48 -4.54
N LEU A 9 2.60 -3.99 -5.12
CA LEU A 9 2.63 -4.98 -6.21
C LEU A 9 2.20 -4.34 -7.54
N ASP A 10 1.14 -3.52 -7.50
CA ASP A 10 0.55 -2.90 -8.72
C ASP A 10 -0.09 -1.54 -8.35
N ARG A 11 -0.38 -0.72 -9.39
CA ARG A 11 -0.95 0.63 -9.23
C ARG A 11 -2.19 0.80 -10.15
N ARG A 12 -3.19 1.56 -9.65
CA ARG A 12 -4.42 1.89 -10.40
C ARG A 12 -4.84 3.35 -10.10
N VAL A 13 -5.77 3.89 -10.91
CA VAL A 13 -6.46 5.17 -10.63
C VAL A 13 -7.98 4.91 -10.68
N VAL A 14 -8.64 4.94 -9.50
CA VAL A 14 -10.08 4.68 -9.37
C VAL A 14 -10.80 6.01 -9.11
N ASN A 15 -11.82 6.32 -9.95
CA ASN A 15 -12.57 7.60 -9.94
C ASN A 15 -11.66 8.78 -10.37
N GLY A 16 -10.73 9.16 -9.50
CA GLY A 16 -9.73 10.19 -9.78
C GLY A 16 -8.59 10.16 -8.77
N LYS A 17 -8.46 9.04 -8.02
CA LYS A 17 -7.41 8.86 -6.99
C LYS A 17 -6.53 7.68 -7.37
N VAL A 18 -5.31 7.64 -6.81
CA VAL A 18 -4.34 6.57 -7.08
C VAL A 18 -4.33 5.55 -5.92
N GLU A 19 -4.67 4.27 -6.23
CA GLU A 19 -4.48 3.16 -5.27
C GLU A 19 -3.28 2.28 -5.65
N TYR A 20 -2.82 1.50 -4.66
CA TYR A 20 -1.66 0.62 -4.75
C TYR A 20 -2.02 -0.74 -4.10
N PHE A 21 -1.79 -1.84 -4.81
CA PHE A 21 -2.09 -3.21 -4.35
C PHE A 21 -1.00 -3.64 -3.37
N LEU A 22 -1.34 -3.69 -2.09
CA LEU A 22 -0.35 -3.93 -1.04
C LEU A 22 -0.22 -5.41 -0.73
N LYS A 23 1.01 -5.94 -0.87
CA LYS A 23 1.38 -7.23 -0.31
C LYS A 23 1.60 -6.98 1.19
N TRP A 24 0.63 -7.39 2.02
CA TRP A 24 0.71 -7.20 3.47
C TRP A 24 1.73 -8.18 4.09
N LYS A 25 2.50 -7.67 5.05
CA LYS A 25 3.59 -8.41 5.69
C LYS A 25 3.03 -9.16 6.92
N GLY A 26 3.16 -10.49 6.91
CA GLY A 26 2.60 -11.35 7.97
C GLY A 26 1.24 -11.95 7.57
N PHE A 27 0.47 -11.16 6.82
CA PHE A 27 -0.80 -11.60 6.22
C PHE A 27 -0.53 -12.39 4.92
N THR A 28 -1.53 -13.16 4.45
CA THR A 28 -1.43 -13.93 3.19
C THR A 28 -1.73 -13.04 1.97
N ASP A 29 -1.53 -13.59 0.77
CA ASP A 29 -1.83 -12.90 -0.50
C ASP A 29 -3.35 -12.76 -0.72
N ALA A 30 -4.14 -13.56 0.01
CA ALA A 30 -5.61 -13.46 0.01
C ALA A 30 -6.09 -12.21 0.80
N ASP A 31 -5.21 -11.68 1.66
CA ASP A 31 -5.48 -10.44 2.43
C ASP A 31 -5.05 -9.18 1.65
N ASN A 32 -4.17 -9.37 0.63
CA ASN A 32 -3.68 -8.25 -0.22
C ASN A 32 -4.84 -7.43 -0.81
N THR A 33 -4.85 -6.12 -0.51
CA THR A 33 -5.96 -5.20 -0.86
C THR A 33 -5.41 -3.87 -1.41
N TRP A 34 -6.27 -3.15 -2.16
CA TRP A 34 -5.92 -1.86 -2.79
C TRP A 34 -6.06 -0.72 -1.78
N GLU A 35 -4.93 -0.15 -1.38
CA GLU A 35 -4.89 1.01 -0.49
C GLU A 35 -4.36 2.24 -1.27
N PRO A 36 -5.11 3.37 -1.31
CA PRO A 36 -4.65 4.62 -1.93
C PRO A 36 -3.40 5.21 -1.24
N GLU A 37 -2.70 6.10 -1.96
CA GLU A 37 -1.49 6.81 -1.47
C GLU A 37 -1.73 7.53 -0.12
N GLU A 38 -2.99 7.95 0.11
CA GLU A 38 -3.42 8.63 1.35
C GLU A 38 -3.35 7.67 2.56
N ASN A 39 -3.58 6.37 2.30
CA ASN A 39 -3.54 5.30 3.32
C ASN A 39 -2.09 4.88 3.61
N LEU A 40 -1.22 4.99 2.60
CA LEU A 40 0.17 4.51 2.71
C LEU A 40 0.98 5.46 3.60
N ASP A 41 1.48 4.94 4.75
CA ASP A 41 2.39 5.69 5.63
C ASP A 41 3.86 5.48 5.17
N CYS A 42 4.04 4.56 4.19
CA CYS A 42 5.33 4.21 3.60
C CYS A 42 5.60 5.06 2.33
N PRO A 43 6.40 6.17 2.42
CA PRO A 43 6.73 7.01 1.24
C PRO A 43 7.79 6.34 0.34
N GLU A 44 8.61 5.49 0.99
CA GLU A 44 9.73 4.77 0.36
C GLU A 44 9.25 3.57 -0.47
N LEU A 45 8.11 2.95 -0.07
CA LEU A 45 7.53 1.81 -0.83
C LEU A 45 6.77 2.31 -2.08
N ILE A 46 6.26 3.56 -2.01
CA ILE A 46 5.67 4.22 -3.19
C ILE A 46 6.78 4.52 -4.21
N GLU A 47 7.85 5.18 -3.71
CA GLU A 47 9.00 5.61 -4.53
C GLU A 47 9.70 4.42 -5.18
N ALA A 48 10.03 3.39 -4.36
CA ALA A 48 10.78 2.19 -4.79
C ALA A 48 10.04 1.44 -5.90
N PHE A 49 8.72 1.31 -5.73
CA PHE A 49 7.82 0.70 -6.73
C PHE A 49 7.87 1.46 -8.07
N LEU A 50 7.75 2.80 -7.99
CA LEU A 50 7.79 3.69 -9.17
C LEU A 50 9.19 3.66 -9.84
N ASN A 51 10.23 3.35 -9.05
CA ASN A 51 11.62 3.22 -9.56
C ASN A 51 11.86 1.85 -10.22
N SER A 52 11.09 0.82 -9.80
CA SER A 52 11.22 -0.56 -10.33
C SER A 52 10.72 -0.60 -11.79
N GLN A 53 9.51 -0.09 -11.98
CA GLN A 53 8.84 -0.03 -13.29
C GLN A 53 9.36 1.15 -14.13
N LYS A 54 9.47 2.34 -13.51
CA LYS A 54 9.80 3.62 -14.18
C LYS A 54 8.76 3.96 -15.28
N ALA B 1 19.38 0.31 7.02
CA ALA B 1 18.20 -0.16 6.25
C ALA B 1 17.11 -0.65 7.22
N ARG B 2 15.89 -0.10 7.08
CA ARG B 2 14.73 -0.47 7.92
C ARG B 2 13.41 -0.11 7.20
N THR B 3 13.17 -0.75 6.03
CA THR B 3 11.90 -0.60 5.27
C THR B 3 10.82 -1.49 5.93
N LYS B 4 10.40 -1.07 7.14
CA LYS B 4 9.40 -1.76 7.96
C LYS B 4 8.36 -0.71 8.39
N GLN B 5 7.53 -0.31 7.43
CA GLN B 5 6.57 0.79 7.62
C GLN B 5 5.13 0.26 7.53
N THR B 6 4.19 1.04 8.05
CA THR B 6 2.77 0.68 8.11
C THR B 6 1.96 1.35 6.98
N ALA B 7 0.69 1.00 6.96
CA ALA B 7 -0.32 1.52 6.05
C ALA B 7 -1.67 1.42 6.74
N ARG B 8 -2.64 2.15 6.20
CA ARG B 8 -3.97 2.32 6.79
C ARG B 8 -5.00 1.67 5.85
N SER B 10 -9.54 1.42 6.46
CA SER B 10 -10.80 2.15 6.49
C SER B 10 -10.82 3.14 7.67
N THR B 11 -10.64 4.43 7.35
CA THR B 11 -10.77 5.53 8.33
C THR B 11 -12.25 5.67 8.79
N GLY B 12 -13.18 5.30 7.89
CA GLY B 12 -14.60 5.18 8.22
C GLY B 12 -14.95 3.74 8.56
N GLY B 13 -15.38 3.48 9.81
CA GLY B 13 -15.64 2.14 10.32
C GLY B 13 -17.07 1.66 10.04
N LYS B 14 -17.46 1.65 8.75
CA LYS B 14 -18.77 1.14 8.30
C LYS B 14 -18.64 0.56 6.89
N ALA B 15 -18.89 -0.76 6.77
CA ALA B 15 -18.77 -1.51 5.51
C ALA B 15 -20.17 -2.03 5.10
N GLY A 1 -0.93 -3.60 16.07
CA GLY A 1 -0.99 -2.14 15.81
C GLY A 1 -1.59 -1.82 14.45
N GLU A 2 -1.05 -0.78 13.77
CA GLU A 2 -1.50 -0.39 12.43
C GLU A 2 -0.96 -1.40 11.39
N PHE A 3 -1.61 -1.46 10.21
CA PHE A 3 -1.41 -2.55 9.24
C PHE A 3 -0.08 -2.35 8.50
N VAL A 4 0.88 -3.24 8.73
CA VAL A 4 2.22 -3.15 8.12
C VAL A 4 2.18 -3.76 6.71
N VAL A 5 2.83 -3.07 5.77
CA VAL A 5 2.92 -3.49 4.36
C VAL A 5 4.38 -3.75 3.96
N GLU A 6 4.61 -4.94 3.36
CA GLU A 6 5.92 -5.39 2.91
C GLU A 6 6.38 -4.58 1.68
N LYS A 7 5.54 -4.58 0.62
CA LYS A 7 5.85 -3.87 -0.65
C LYS A 7 4.57 -3.51 -1.41
N VAL A 8 4.71 -2.54 -2.35
CA VAL A 8 3.68 -2.21 -3.34
C VAL A 8 3.90 -3.11 -4.59
N LEU A 9 2.78 -3.63 -5.10
CA LEU A 9 2.76 -4.60 -6.21
C LEU A 9 2.35 -3.91 -7.53
N ASP A 10 1.22 -3.16 -7.49
CA ASP A 10 0.58 -2.60 -8.69
C ASP A 10 -0.17 -1.30 -8.35
N ARG A 11 -0.59 -0.54 -9.38
CA ARG A 11 -1.27 0.77 -9.24
C ARG A 11 -2.53 0.85 -10.15
N ARG A 12 -3.59 1.51 -9.64
CA ARG A 12 -4.85 1.80 -10.37
C ARG A 12 -5.25 3.28 -10.11
N VAL A 13 -6.24 3.79 -10.86
CA VAL A 13 -6.80 5.15 -10.66
C VAL A 13 -8.34 5.05 -10.52
N VAL A 14 -8.84 5.32 -9.30
CA VAL A 14 -10.28 5.35 -8.98
C VAL A 14 -10.75 6.81 -8.78
N ASN A 15 -11.51 7.32 -9.77
CA ASN A 15 -12.24 8.62 -9.70
C ASN A 15 -11.27 9.80 -9.41
N GLY A 16 -10.13 9.80 -10.10
CA GLY A 16 -9.12 10.87 -9.98
C GLY A 16 -8.03 10.56 -8.95
N LYS A 17 -8.35 9.71 -7.97
CA LYS A 17 -7.43 9.29 -6.93
C LYS A 17 -6.69 8.01 -7.37
N VAL A 18 -5.47 7.83 -6.85
CA VAL A 18 -4.64 6.65 -7.12
C VAL A 18 -4.76 5.65 -5.96
N GLU A 19 -4.87 4.35 -6.28
CA GLU A 19 -4.72 3.27 -5.29
C GLU A 19 -3.56 2.35 -5.72
N TYR A 20 -3.13 1.49 -4.80
CA TYR A 20 -2.00 0.57 -4.97
C TYR A 20 -2.39 -0.80 -4.40
N PHE A 21 -1.81 -1.88 -4.92
CA PHE A 21 -2.03 -3.24 -4.39
C PHE A 21 -0.94 -3.53 -3.35
N LEU A 22 -1.34 -3.57 -2.08
CA LEU A 22 -0.40 -3.71 -0.96
C LEU A 22 -0.20 -5.18 -0.59
N LYS A 23 1.04 -5.65 -0.76
CA LYS A 23 1.48 -6.92 -0.18
C LYS A 23 1.71 -6.64 1.31
N TRP A 24 0.74 -7.01 2.15
CA TRP A 24 0.82 -6.79 3.59
C TRP A 24 1.88 -7.70 4.25
N LYS A 25 2.68 -7.10 5.13
CA LYS A 25 3.80 -7.73 5.82
C LYS A 25 3.27 -8.61 6.97
N GLY A 26 3.59 -9.91 6.92
CA GLY A 26 3.11 -10.87 7.91
C GLY A 26 1.71 -11.43 7.59
N PHE A 27 1.12 -10.98 6.47
CA PHE A 27 -0.22 -11.43 6.00
C PHE A 27 -0.09 -12.11 4.63
N THR A 28 -1.03 -13.03 4.34
CA THR A 28 -0.99 -13.88 3.14
C THR A 28 -1.47 -13.10 1.88
N ASP A 29 -1.16 -13.66 0.68
CA ASP A 29 -1.50 -13.05 -0.63
C ASP A 29 -3.02 -13.01 -0.86
N ALA A 30 -3.72 -14.00 -0.29
CA ALA A 30 -5.20 -14.08 -0.35
C ALA A 30 -5.87 -12.95 0.47
N ASP A 31 -5.09 -12.34 1.37
CA ASP A 31 -5.56 -11.30 2.30
C ASP A 31 -5.00 -9.91 1.92
N ASN A 32 -4.10 -9.86 0.90
CA ASN A 32 -3.56 -8.58 0.38
C ASN A 32 -4.66 -7.76 -0.32
N THR A 33 -4.75 -6.45 0.00
CA THR A 33 -5.85 -5.57 -0.44
C THR A 33 -5.32 -4.30 -1.13
N TRP A 34 -6.20 -3.65 -1.91
CA TRP A 34 -5.93 -2.37 -2.57
C TRP A 34 -6.19 -1.21 -1.61
N GLU A 35 -5.17 -0.37 -1.37
CA GLU A 35 -5.30 0.83 -0.54
C GLU A 35 -4.94 2.08 -1.35
N PRO A 36 -5.72 3.19 -1.21
CA PRO A 36 -5.38 4.48 -1.84
C PRO A 36 -4.06 5.07 -1.29
N GLU A 37 -3.49 6.01 -2.05
CA GLU A 37 -2.24 6.70 -1.69
C GLU A 37 -2.38 7.49 -0.36
N GLU A 38 -3.62 7.86 -0.03
CA GLU A 38 -3.95 8.59 1.21
C GLU A 38 -3.88 7.66 2.45
N ASN A 39 -4.00 6.34 2.24
CA ASN A 39 -3.90 5.32 3.31
C ASN A 39 -2.43 4.89 3.53
N LEU A 40 -1.55 5.20 2.56
CA LEU A 40 -0.14 4.78 2.62
C LEU A 40 0.64 5.59 3.66
N ASP A 41 1.14 4.89 4.70
CA ASP A 41 2.11 5.45 5.66
C ASP A 41 3.52 4.92 5.29
N CYS A 42 3.60 4.24 4.13
CA CYS A 42 4.82 3.63 3.57
C CYS A 42 5.33 4.46 2.37
N PRO A 43 6.27 5.45 2.58
CA PRO A 43 6.71 6.38 1.52
C PRO A 43 7.75 5.74 0.55
N GLU A 44 8.67 4.94 1.10
CA GLU A 44 9.78 4.34 0.30
C GLU A 44 9.28 3.20 -0.60
N LEU A 45 8.12 2.61 -0.27
CA LEU A 45 7.48 1.57 -1.13
C LEU A 45 6.87 2.20 -2.39
N ILE A 46 6.42 3.47 -2.28
CA ILE A 46 5.90 4.24 -3.42
C ILE A 46 7.06 4.51 -4.40
N GLU A 47 8.19 4.95 -3.82
CA GLU A 47 9.45 5.19 -4.57
C GLU A 47 9.98 3.89 -5.19
N ALA A 48 9.94 2.79 -4.40
CA ALA A 48 10.48 1.48 -4.80
C ALA A 48 9.66 0.88 -5.97
N PHE A 49 8.34 1.19 -5.98
CA PHE A 49 7.42 0.85 -7.07
C PHE A 49 7.85 1.56 -8.38
N LEU A 50 8.22 2.84 -8.25
CA LEU A 50 8.71 3.67 -9.39
C LEU A 50 10.12 3.21 -9.82
N ASN A 51 10.91 2.67 -8.85
CA ASN A 51 12.26 2.10 -9.10
C ASN A 51 12.16 0.71 -9.76
N SER A 52 10.96 0.09 -9.70
CA SER A 52 10.67 -1.17 -10.39
C SER A 52 10.28 -0.88 -11.86
N GLN A 53 10.02 0.40 -12.18
CA GLN A 53 9.70 0.86 -13.54
C GLN A 53 10.98 1.32 -14.26
N LYS A 54 11.73 2.21 -13.56
CA LYS A 54 12.96 2.85 -14.06
C LYS A 54 12.69 3.74 -15.30
N ALA B 1 17.86 0.27 9.39
CA ALA B 1 16.43 0.06 9.09
C ALA B 1 15.62 0.01 10.40
N ARG B 2 15.07 1.17 10.79
CA ARG B 2 14.15 1.30 11.95
C ARG B 2 12.70 1.52 11.47
N THR B 3 12.53 1.49 10.14
CA THR B 3 11.27 1.81 9.47
C THR B 3 10.22 0.69 9.68
N LYS B 4 9.08 1.06 10.28
CA LYS B 4 7.95 0.15 10.55
C LYS B 4 7.25 -0.26 9.24
N GLN B 5 7.19 0.73 8.30
CA GLN B 5 6.66 0.56 6.94
C GLN B 5 5.19 0.10 6.97
N THR B 6 4.28 1.08 7.10
CA THR B 6 2.90 0.84 7.56
C THR B 6 1.87 1.43 6.58
N ALA B 7 0.58 1.21 6.89
CA ALA B 7 -0.56 1.73 6.15
C ALA B 7 -1.85 1.43 6.91
N ARG B 8 -2.94 2.05 6.47
CA ARG B 8 -4.30 1.86 7.02
C ARG B 8 -5.16 1.14 5.97
N SER B 10 -8.94 0.53 4.28
CA SER B 10 -10.28 1.05 4.05
C SER B 10 -11.24 -0.11 4.38
N THR B 11 -11.65 -0.18 5.66
CA THR B 11 -12.48 -1.26 6.19
C THR B 11 -13.89 -1.24 5.56
N GLY B 12 -14.11 -2.15 4.60
CA GLY B 12 -15.32 -2.19 3.78
C GLY B 12 -15.41 -1.03 2.80
N GLY B 13 -14.24 -0.51 2.40
CA GLY B 13 -14.14 0.68 1.53
C GLY B 13 -14.35 2.00 2.28
N LYS B 14 -14.47 1.94 3.63
CA LYS B 14 -14.73 3.12 4.49
C LYS B 14 -13.64 3.30 5.55
N ALA B 15 -13.41 4.56 5.94
CA ALA B 15 -12.46 4.92 7.00
C ALA B 15 -13.22 4.94 8.36
N GLY A 1 2.64 2.52 11.88
CA GLY A 1 2.95 1.19 12.45
C GLY A 1 1.70 0.42 12.84
N GLU A 2 0.78 0.22 11.87
CA GLU A 2 -0.52 -0.45 12.09
C GLU A 2 -0.52 -1.82 11.36
N PHE A 3 -0.88 -1.84 10.06
CA PHE A 3 -0.85 -3.08 9.25
C PHE A 3 0.39 -3.01 8.35
N VAL A 4 1.34 -3.98 8.50
CA VAL A 4 2.62 -3.91 7.78
C VAL A 4 2.50 -4.46 6.35
N VAL A 5 3.11 -3.75 5.40
CA VAL A 5 3.15 -4.12 3.99
C VAL A 5 4.61 -4.34 3.55
N GLU A 6 4.86 -5.53 2.95
CA GLU A 6 6.15 -5.92 2.35
C GLU A 6 6.56 -4.95 1.23
N LYS A 7 5.63 -4.73 0.28
CA LYS A 7 5.88 -3.86 -0.89
C LYS A 7 4.58 -3.61 -1.66
N VAL A 8 4.63 -2.62 -2.55
CA VAL A 8 3.59 -2.40 -3.54
C VAL A 8 3.83 -3.34 -4.73
N LEU A 9 2.76 -4.00 -5.19
CA LEU A 9 2.81 -4.98 -6.30
C LEU A 9 2.33 -4.32 -7.60
N ASP A 10 1.29 -3.47 -7.49
CA ASP A 10 0.64 -2.85 -8.66
C ASP A 10 -0.01 -1.51 -8.27
N ARG A 11 -0.33 -0.69 -9.28
CA ARG A 11 -0.93 0.64 -9.12
C ARG A 11 -2.12 0.78 -10.08
N ARG A 12 -3.17 1.50 -9.63
CA ARG A 12 -4.36 1.81 -10.45
C ARG A 12 -4.88 3.22 -10.10
N VAL A 13 -5.72 3.78 -10.98
CA VAL A 13 -6.38 5.08 -10.76
C VAL A 13 -7.91 4.88 -10.83
N VAL A 14 -8.58 4.99 -9.67
CA VAL A 14 -10.05 4.88 -9.54
C VAL A 14 -10.64 6.24 -9.11
N ASN A 15 -11.46 6.84 -10.01
CA ASN A 15 -12.21 8.10 -9.76
C ASN A 15 -11.26 9.31 -9.57
N GLY A 16 -10.06 9.22 -10.19
CA GLY A 16 -9.03 10.26 -10.06
C GLY A 16 -8.11 10.05 -8.87
N LYS A 17 -8.49 9.12 -7.97
CA LYS A 17 -7.70 8.71 -6.81
C LYS A 17 -6.74 7.60 -7.26
N VAL A 18 -5.55 7.56 -6.68
CA VAL A 18 -4.52 6.55 -6.99
C VAL A 18 -4.41 5.54 -5.84
N GLU A 19 -4.64 4.26 -6.15
CA GLU A 19 -4.53 3.15 -5.19
C GLU A 19 -3.34 2.26 -5.57
N TYR A 20 -2.82 1.54 -4.58
CA TYR A 20 -1.67 0.64 -4.72
C TYR A 20 -2.00 -0.70 -4.05
N PHE A 21 -1.77 -1.81 -4.77
CA PHE A 21 -2.04 -3.16 -4.27
C PHE A 21 -0.92 -3.56 -3.30
N LEU A 22 -1.25 -3.58 -2.02
CA LEU A 22 -0.29 -3.84 -0.96
C LEU A 22 -0.15 -5.33 -0.71
N LYS A 23 1.10 -5.80 -0.85
CA LYS A 23 1.51 -7.10 -0.35
C LYS A 23 1.66 -6.97 1.17
N TRP A 24 0.60 -7.28 1.94
CA TRP A 24 0.67 -7.26 3.41
C TRP A 24 1.65 -8.35 3.89
N LYS A 25 2.74 -7.93 4.55
CA LYS A 25 3.82 -8.83 4.98
C LYS A 25 3.35 -9.75 6.13
N GLY A 26 2.63 -9.15 7.10
CA GLY A 26 2.16 -9.86 8.29
C GLY A 26 0.78 -10.51 8.12
N PHE A 27 0.29 -10.61 6.87
CA PHE A 27 -1.03 -11.20 6.53
C PHE A 27 -0.89 -12.10 5.28
N THR A 28 -1.88 -12.99 5.08
CA THR A 28 -1.90 -13.94 3.96
C THR A 28 -2.10 -13.22 2.62
N ASP A 29 -1.72 -13.93 1.52
CA ASP A 29 -1.73 -13.37 0.17
C ASP A 29 -3.16 -13.07 -0.30
N ALA A 30 -4.10 -13.95 0.08
CA ALA A 30 -5.53 -13.78 -0.24
C ALA A 30 -6.14 -12.53 0.47
N ASP A 31 -5.45 -12.06 1.53
CA ASP A 31 -5.87 -10.91 2.34
C ASP A 31 -5.16 -9.60 1.87
N ASN A 32 -4.27 -9.72 0.86
CA ASN A 32 -3.63 -8.56 0.18
C ASN A 32 -4.68 -7.73 -0.57
N THR A 33 -4.69 -6.40 -0.33
CA THR A 33 -5.77 -5.49 -0.79
C THR A 33 -5.22 -4.14 -1.33
N TRP A 34 -6.04 -3.46 -2.16
CA TRP A 34 -5.74 -2.14 -2.76
C TRP A 34 -6.01 -1.00 -1.76
N GLU A 35 -4.98 -0.20 -1.44
CA GLU A 35 -5.09 0.95 -0.52
C GLU A 35 -4.65 2.25 -1.21
N PRO A 36 -5.43 3.38 -1.08
CA PRO A 36 -5.08 4.68 -1.71
C PRO A 36 -3.85 5.33 -1.04
N GLU A 37 -3.14 6.19 -1.79
CA GLU A 37 -1.88 6.84 -1.36
C GLU A 37 -2.03 7.67 -0.06
N GLU A 38 -3.24 8.18 0.17
CA GLU A 38 -3.59 8.98 1.37
C GLU A 38 -3.57 8.10 2.63
N ASN A 39 -4.02 6.85 2.46
CA ASN A 39 -4.14 5.84 3.51
C ASN A 39 -2.76 5.22 3.83
N LEU A 40 -1.85 5.31 2.84
CA LEU A 40 -0.50 4.75 2.94
C LEU A 40 0.38 5.61 3.84
N ASP A 41 1.16 4.94 4.69
CA ASP A 41 2.14 5.59 5.60
C ASP A 41 3.57 5.23 5.15
N CYS A 42 3.70 4.64 3.94
CA CYS A 42 4.97 4.15 3.40
C CYS A 42 5.38 4.93 2.12
N PRO A 43 6.17 6.05 2.25
CA PRO A 43 6.75 6.77 1.09
C PRO A 43 7.93 5.99 0.46
N GLU A 44 8.58 5.13 1.28
CA GLU A 44 9.68 4.24 0.87
C GLU A 44 9.24 3.32 -0.28
N LEU A 45 8.10 2.62 -0.06
CA LEU A 45 7.57 1.61 -1.00
C LEU A 45 7.05 2.25 -2.30
N ILE A 46 6.50 3.48 -2.20
CA ILE A 46 5.99 4.22 -3.37
C ILE A 46 7.15 4.66 -4.27
N GLU A 47 8.20 5.21 -3.64
CA GLU A 47 9.42 5.66 -4.33
C GLU A 47 10.07 4.50 -5.08
N ALA A 48 10.32 3.42 -4.34
CA ALA A 48 10.98 2.20 -4.83
C ALA A 48 10.20 1.57 -6.01
N PHE A 49 8.87 1.44 -5.83
CA PHE A 49 7.97 0.82 -6.82
C PHE A 49 7.96 1.58 -8.15
N LEU A 50 7.72 2.91 -8.08
CA LEU A 50 7.62 3.80 -9.28
C LEU A 50 8.94 3.80 -10.07
N ASN A 51 10.07 3.68 -9.35
CA ASN A 51 11.42 3.62 -9.96
C ASN A 51 11.69 2.25 -10.59
N SER A 52 11.20 1.17 -9.93
CA SER A 52 11.39 -0.24 -10.39
C SER A 52 10.58 -0.54 -11.67
N GLN A 53 9.61 0.33 -12.00
CA GLN A 53 8.83 0.23 -13.26
C GLN A 53 9.72 0.50 -14.49
N LYS A 54 10.77 1.30 -14.30
CA LYS A 54 11.78 1.56 -15.34
C LYS A 54 12.91 0.52 -15.20
N ALA B 1 17.36 -0.08 6.18
CA ALA B 1 17.01 -1.33 6.91
C ALA B 1 15.74 -1.11 7.75
N ARG B 2 15.81 -0.15 8.68
CA ARG B 2 14.70 0.22 9.56
C ARG B 2 13.71 1.12 8.80
N THR B 3 12.81 0.47 8.04
CA THR B 3 11.81 1.13 7.19
C THR B 3 10.41 0.94 7.81
N LYS B 4 9.76 2.06 8.15
CA LYS B 4 8.39 2.08 8.71
C LYS B 4 7.37 2.02 7.56
N GLN B 5 7.28 0.86 6.92
CA GLN B 5 6.45 0.64 5.74
C GLN B 5 5.14 -0.08 6.12
N THR B 6 4.17 0.75 6.54
CA THR B 6 2.85 0.31 7.02
C THR B 6 1.73 1.17 6.38
N ALA B 7 0.48 0.80 6.65
CA ALA B 7 -0.73 1.51 6.18
C ALA B 7 -1.97 1.01 6.93
N ARG B 8 -3.05 1.82 6.91
CA ARG B 8 -4.37 1.42 7.48
C ARG B 8 -5.18 0.75 6.36
N SER B 10 -8.46 1.59 4.05
CA SER B 10 -9.45 2.50 3.47
C SER B 10 -9.56 3.79 4.31
N THR B 11 -10.00 3.63 5.55
CA THR B 11 -10.13 4.69 6.54
C THR B 11 -8.73 5.09 7.11
N GLY B 12 -8.00 5.88 6.31
CA GLY B 12 -6.74 6.48 6.72
C GLY B 12 -6.94 7.64 7.67
N GLY B 13 -8.04 8.39 7.43
CA GLY B 13 -8.50 9.46 8.33
C GLY B 13 -10.01 9.40 8.52
N LYS B 14 -10.58 10.45 9.15
CA LYS B 14 -12.03 10.56 9.39
C LYS B 14 -12.47 12.02 9.21
N ALA B 15 -13.56 12.20 8.45
CA ALA B 15 -14.19 13.51 8.21
C ALA B 15 -15.65 13.27 7.76
N GLY A 1 -5.55 0.70 13.92
CA GLY A 1 -5.72 -0.45 13.00
C GLY A 1 -4.78 -0.38 11.80
N GLU A 2 -3.59 0.23 12.01
CA GLU A 2 -2.54 0.33 10.99
C GLU A 2 -1.63 -0.90 11.11
N PHE A 3 -1.35 -1.56 9.99
CA PHE A 3 -0.52 -2.77 9.95
C PHE A 3 0.65 -2.56 8.98
N VAL A 4 1.75 -3.32 9.18
CA VAL A 4 2.94 -3.24 8.33
C VAL A 4 2.69 -3.81 6.92
N VAL A 5 3.01 -2.99 5.90
CA VAL A 5 3.04 -3.43 4.49
C VAL A 5 4.49 -3.73 4.08
N GLU A 6 4.73 -4.99 3.68
CA GLU A 6 5.99 -5.50 3.12
C GLU A 6 6.47 -4.65 1.92
N LYS A 7 5.60 -4.56 0.89
CA LYS A 7 5.90 -3.88 -0.39
C LYS A 7 4.60 -3.57 -1.16
N VAL A 8 4.68 -2.65 -2.13
CA VAL A 8 3.61 -2.41 -3.11
C VAL A 8 3.79 -3.40 -4.28
N LEU A 9 2.71 -4.08 -4.64
CA LEU A 9 2.70 -5.10 -5.71
C LEU A 9 2.22 -4.52 -7.06
N ASP A 10 1.22 -3.61 -7.01
CA ASP A 10 0.52 -3.14 -8.22
C ASP A 10 -0.12 -1.75 -7.98
N ARG A 11 -0.49 -1.06 -9.09
CA ARG A 11 -0.99 0.34 -9.06
C ARG A 11 -2.24 0.48 -9.96
N ARG A 12 -3.20 1.33 -9.53
CA ARG A 12 -4.43 1.64 -10.30
C ARG A 12 -4.76 3.14 -10.18
N VAL A 13 -5.64 3.64 -11.08
CA VAL A 13 -6.23 4.99 -10.98
C VAL A 13 -7.76 4.86 -10.94
N VAL A 14 -8.38 5.41 -9.88
CA VAL A 14 -9.83 5.35 -9.65
C VAL A 14 -10.32 6.71 -9.13
N ASN A 15 -11.29 7.31 -9.85
CA ASN A 15 -11.91 8.63 -9.51
C ASN A 15 -10.87 9.78 -9.49
N GLY A 16 -9.75 9.59 -10.21
CA GLY A 16 -8.68 10.59 -10.29
C GLY A 16 -7.58 10.42 -9.25
N LYS A 17 -7.79 9.50 -8.28
CA LYS A 17 -6.76 9.15 -7.28
C LYS A 17 -5.99 7.92 -7.76
N VAL A 18 -4.91 7.60 -7.04
CA VAL A 18 -4.12 6.39 -7.29
C VAL A 18 -4.18 5.50 -6.04
N GLU A 19 -4.58 4.22 -6.22
CA GLU A 19 -4.46 3.20 -5.17
C GLU A 19 -3.33 2.23 -5.50
N TYR A 20 -2.82 1.59 -4.46
CA TYR A 20 -1.72 0.64 -4.54
C TYR A 20 -2.16 -0.67 -3.89
N PHE A 21 -2.00 -1.79 -4.61
CA PHE A 21 -2.27 -3.12 -4.06
C PHE A 21 -1.08 -3.48 -3.19
N LEU A 22 -1.31 -3.48 -1.89
CA LEU A 22 -0.25 -3.69 -0.90
C LEU A 22 0.05 -5.18 -0.72
N LYS A 23 1.10 -5.45 0.04
CA LYS A 23 1.41 -6.78 0.53
C LYS A 23 1.56 -6.65 2.05
N TRP A 24 0.52 -7.05 2.80
CA TRP A 24 0.57 -7.04 4.27
C TRP A 24 1.53 -8.13 4.75
N LYS A 25 2.62 -7.72 5.42
CA LYS A 25 3.72 -8.61 5.79
C LYS A 25 3.29 -9.54 6.94
N GLY A 26 3.22 -10.85 6.63
CA GLY A 26 2.71 -11.86 7.56
C GLY A 26 1.48 -12.56 6.99
N PHE A 27 0.73 -11.81 6.17
CA PHE A 27 -0.49 -12.30 5.50
C PHE A 27 -0.20 -12.74 4.07
N THR A 28 -1.09 -13.60 3.53
CA THR A 28 -1.00 -14.12 2.16
C THR A 28 -1.41 -13.03 1.14
N ASP A 29 -1.00 -13.23 -0.12
CA ASP A 29 -1.28 -12.27 -1.22
C ASP A 29 -2.79 -12.27 -1.58
N ALA A 30 -3.49 -13.35 -1.18
CA ALA A 30 -4.96 -13.48 -1.31
C ALA A 30 -5.67 -12.55 -0.31
N ASP A 31 -5.03 -12.34 0.86
CA ASP A 31 -5.58 -11.51 1.96
C ASP A 31 -5.37 -10.02 1.66
N ASN A 32 -4.28 -9.70 0.93
CA ASN A 32 -3.84 -8.32 0.69
C ASN A 32 -4.88 -7.51 -0.09
N THR A 33 -4.91 -6.19 0.19
CA THR A 33 -6.00 -5.28 -0.24
C THR A 33 -5.43 -4.06 -1.00
N TRP A 34 -6.34 -3.36 -1.72
CA TRP A 34 -6.04 -2.07 -2.35
C TRP A 34 -6.24 -0.97 -1.32
N GLU A 35 -5.16 -0.21 -1.03
CA GLU A 35 -5.24 0.98 -0.19
C GLU A 35 -4.78 2.20 -1.01
N PRO A 36 -5.54 3.34 -0.98
CA PRO A 36 -5.17 4.55 -1.72
C PRO A 36 -3.89 5.20 -1.16
N GLU A 37 -3.26 6.05 -2.00
CA GLU A 37 -2.02 6.80 -1.67
C GLU A 37 -2.19 7.68 -0.40
N GLU A 38 -3.45 8.09 -0.15
CA GLU A 38 -3.85 8.95 0.97
C GLU A 38 -3.88 8.17 2.32
N ASN A 39 -3.92 6.83 2.23
CA ASN A 39 -4.18 5.95 3.40
C ASN A 39 -2.89 5.21 3.85
N LEU A 40 -1.80 5.38 3.08
CA LEU A 40 -0.50 4.70 3.33
C LEU A 40 0.35 5.51 4.32
N ASP A 41 1.32 4.83 4.99
CA ASP A 41 2.41 5.51 5.73
C ASP A 41 3.74 5.31 5.00
N CYS A 42 3.68 4.77 3.77
CA CYS A 42 4.87 4.38 3.01
C CYS A 42 5.00 5.20 1.70
N PRO A 43 5.72 6.37 1.72
CA PRO A 43 6.16 7.06 0.49
C PRO A 43 7.39 6.36 -0.14
N GLU A 44 8.12 5.60 0.71
CA GLU A 44 9.31 4.82 0.32
C GLU A 44 8.93 3.67 -0.63
N LEU A 45 7.84 2.94 -0.29
CA LEU A 45 7.38 1.78 -1.07
C LEU A 45 6.65 2.22 -2.36
N ILE A 46 6.03 3.42 -2.32
CA ILE A 46 5.44 4.06 -3.52
C ILE A 46 6.55 4.38 -4.52
N GLU A 47 7.56 5.11 -4.04
CA GLU A 47 8.70 5.58 -4.86
C GLU A 47 9.49 4.39 -5.42
N ALA A 48 9.78 3.41 -4.55
CA ALA A 48 10.58 2.22 -4.91
C ALA A 48 9.84 1.36 -5.95
N PHE A 49 8.50 1.28 -5.82
CA PHE A 49 7.63 0.64 -6.82
C PHE A 49 7.79 1.33 -8.19
N LEU A 50 7.72 2.68 -8.17
CA LEU A 50 7.83 3.52 -9.38
C LEU A 50 9.25 3.41 -10.01
N ASN A 51 10.27 3.12 -9.17
CA ASN A 51 11.66 2.91 -9.62
C ASN A 51 11.89 1.46 -10.11
N SER A 52 10.99 0.53 -9.72
CA SER A 52 11.07 -0.88 -10.17
C SER A 52 10.41 -1.04 -11.56
N GLN A 53 9.12 -0.60 -11.66
CA GLN A 53 8.34 -0.70 -12.91
C GLN A 53 8.74 0.40 -13.92
N LYS A 54 9.28 1.53 -13.38
CA LYS A 54 9.80 2.67 -14.18
C LYS A 54 8.71 3.29 -15.10
N ALA B 1 18.60 0.23 6.10
CA ALA B 1 18.98 -1.16 5.73
C ALA B 1 17.72 -2.01 5.48
N ARG B 2 16.93 -2.22 6.55
CA ARG B 2 15.66 -2.95 6.50
C ARG B 2 14.61 -2.24 7.38
N THR B 3 13.61 -1.60 6.74
CA THR B 3 12.49 -0.94 7.42
C THR B 3 11.18 -1.69 7.12
N LYS B 4 10.38 -1.89 8.17
CA LYS B 4 9.04 -2.48 8.07
C LYS B 4 8.00 -1.35 8.21
N GLN B 5 7.78 -0.65 7.10
CA GLN B 5 6.90 0.53 7.04
C GLN B 5 5.42 0.10 6.98
N THR B 6 4.55 0.91 7.62
CA THR B 6 3.13 0.57 7.81
C THR B 6 2.21 1.27 6.79
N ALA B 7 0.91 0.95 6.90
CA ALA B 7 -0.18 1.55 6.14
C ALA B 7 -1.49 1.23 6.84
N ARG B 8 -2.52 2.05 6.60
CA ARG B 8 -3.85 1.87 7.19
C ARG B 8 -4.76 1.17 6.19
N SER B 10 -8.76 0.69 4.81
CA SER B 10 -9.93 1.57 4.62
C SER B 10 -10.96 1.39 5.77
N THR B 11 -10.83 2.25 6.80
CA THR B 11 -11.59 2.18 8.05
C THR B 11 -13.05 2.64 7.84
N GLY B 12 -13.89 1.69 7.38
CA GLY B 12 -15.31 1.93 7.15
C GLY B 12 -15.57 2.84 5.95
N GLY B 13 -15.54 4.16 6.20
CA GLY B 13 -15.94 5.18 5.20
C GLY B 13 -17.46 5.24 5.10
N LYS B 14 -18.02 4.15 4.58
CA LYS B 14 -19.45 3.87 4.58
C LYS B 14 -19.60 2.35 4.44
N ALA B 15 -19.72 1.66 5.57
CA ALA B 15 -19.73 0.19 5.63
C ALA B 15 -20.77 -0.27 6.67
N GLY A 1 -6.32 0.77 12.15
CA GLY A 1 -5.70 -0.48 11.70
C GLY A 1 -4.55 -0.22 10.73
N GLU A 2 -3.45 0.34 11.27
CA GLU A 2 -2.23 0.62 10.51
C GLU A 2 -1.32 -0.61 10.60
N PHE A 3 -1.42 -1.48 9.60
CA PHE A 3 -0.65 -2.74 9.56
C PHE A 3 0.63 -2.53 8.75
N VAL A 4 1.62 -3.40 9.01
CA VAL A 4 2.91 -3.37 8.29
C VAL A 4 2.75 -4.06 6.92
N VAL A 5 3.09 -3.32 5.86
CA VAL A 5 3.09 -3.80 4.48
C VAL A 5 4.55 -4.07 4.04
N GLU A 6 4.77 -5.23 3.42
CA GLU A 6 6.08 -5.62 2.87
C GLU A 6 6.44 -4.77 1.65
N LYS A 7 5.49 -4.65 0.71
CA LYS A 7 5.73 -3.98 -0.59
C LYS A 7 4.41 -3.71 -1.32
N VAL A 8 4.50 -2.83 -2.33
CA VAL A 8 3.44 -2.65 -3.34
C VAL A 8 3.65 -3.69 -4.45
N LEU A 9 2.54 -4.31 -4.87
CA LEU A 9 2.51 -5.31 -5.94
C LEU A 9 2.04 -4.67 -7.25
N ASP A 10 0.98 -3.86 -7.16
CA ASP A 10 0.29 -3.32 -8.34
C ASP A 10 -0.29 -1.92 -8.04
N ARG A 11 -0.67 -1.21 -9.10
CA ARG A 11 -1.16 0.18 -9.02
C ARG A 11 -2.36 0.36 -9.98
N ARG A 12 -3.48 0.89 -9.46
CA ARG A 12 -4.68 1.22 -10.26
C ARG A 12 -5.04 2.70 -10.06
N VAL A 13 -5.86 3.23 -10.98
CA VAL A 13 -6.36 4.62 -10.93
C VAL A 13 -7.89 4.60 -11.02
N VAL A 14 -8.56 4.99 -9.92
CA VAL A 14 -10.02 5.03 -9.83
C VAL A 14 -10.47 6.46 -9.51
N ASN A 15 -11.35 7.01 -10.36
CA ASN A 15 -11.95 8.37 -10.20
C ASN A 15 -10.88 9.48 -10.24
N GLY A 16 -9.70 9.15 -10.82
CA GLY A 16 -8.56 10.07 -10.88
C GLY A 16 -7.53 9.83 -9.78
N LYS A 17 -7.98 9.22 -8.65
CA LYS A 17 -7.11 8.90 -7.50
C LYS A 17 -6.38 7.57 -7.78
N VAL A 18 -5.32 7.30 -7.03
CA VAL A 18 -4.47 6.12 -7.23
C VAL A 18 -4.52 5.22 -5.99
N GLU A 19 -4.83 3.92 -6.20
CA GLU A 19 -4.74 2.88 -5.16
C GLU A 19 -3.56 1.94 -5.49
N TYR A 20 -3.01 1.31 -4.45
CA TYR A 20 -1.86 0.39 -4.55
C TYR A 20 -2.22 -0.92 -3.84
N PHE A 21 -2.03 -2.07 -4.53
CA PHE A 21 -2.28 -3.40 -3.96
C PHE A 21 -1.11 -3.77 -3.06
N LEU A 22 -1.36 -3.74 -1.76
CA LEU A 22 -0.32 -3.90 -0.75
C LEU A 22 -0.18 -5.35 -0.32
N LYS A 23 1.04 -5.91 -0.52
CA LYS A 23 1.41 -7.19 0.06
C LYS A 23 1.71 -6.94 1.55
N TRP A 24 0.69 -7.12 2.39
CA TRP A 24 0.83 -6.96 3.84
C TRP A 24 1.72 -8.05 4.43
N LYS A 25 2.65 -7.65 5.31
CA LYS A 25 3.47 -8.57 6.09
C LYS A 25 2.62 -9.33 7.09
N GLY A 26 2.83 -10.64 7.15
CA GLY A 26 2.13 -11.51 8.06
C GLY A 26 0.83 -12.07 7.46
N PHE A 27 0.16 -11.26 6.62
CA PHE A 27 -1.14 -11.59 6.01
C PHE A 27 -0.93 -12.27 4.64
N THR A 28 -1.87 -13.17 4.28
CA THR A 28 -1.84 -13.92 3.01
C THR A 28 -2.11 -13.01 1.79
N ASP A 29 -1.72 -13.50 0.60
CA ASP A 29 -1.84 -12.77 -0.68
C ASP A 29 -3.32 -12.55 -1.08
N ALA A 30 -4.18 -13.48 -0.65
CA ALA A 30 -5.64 -13.38 -0.85
C ALA A 30 -6.28 -12.36 0.12
N ASP A 31 -5.63 -12.17 1.29
CA ASP A 31 -6.08 -11.22 2.33
C ASP A 31 -5.48 -9.82 2.09
N ASN A 32 -4.48 -9.73 1.18
CA ASN A 32 -3.89 -8.45 0.76
C ASN A 32 -4.95 -7.58 0.05
N THR A 33 -4.88 -6.26 0.28
CA THR A 33 -5.97 -5.32 -0.11
C THR A 33 -5.41 -4.06 -0.82
N TRP A 34 -6.30 -3.38 -1.56
CA TRP A 34 -6.01 -2.09 -2.20
C TRP A 34 -6.17 -0.96 -1.20
N GLU A 35 -5.09 -0.18 -1.01
CA GLU A 35 -5.14 1.04 -0.20
C GLU A 35 -4.72 2.24 -1.05
N PRO A 36 -5.52 3.35 -1.06
CA PRO A 36 -5.16 4.58 -1.79
C PRO A 36 -3.84 5.20 -1.28
N GLU A 37 -3.26 6.07 -2.12
CA GLU A 37 -1.98 6.76 -1.90
C GLU A 37 -1.93 7.55 -0.55
N GLU A 38 -3.12 7.96 -0.08
CA GLU A 38 -3.31 8.72 1.17
C GLU A 38 -3.21 7.83 2.42
N ASN A 39 -3.56 6.54 2.26
CA ASN A 39 -3.49 5.54 3.35
C ASN A 39 -2.06 5.06 3.59
N LEU A 40 -1.18 5.22 2.59
CA LEU A 40 0.21 4.76 2.66
C LEU A 40 1.03 5.65 3.60
N ASP A 41 1.55 5.06 4.68
CA ASP A 41 2.50 5.74 5.60
C ASP A 41 3.96 5.40 5.21
N CYS A 42 4.13 4.52 4.19
CA CYS A 42 5.42 4.00 3.73
C CYS A 42 5.88 4.73 2.43
N PRO A 43 6.77 5.78 2.53
CA PRO A 43 7.27 6.52 1.33
C PRO A 43 8.33 5.71 0.54
N GLU A 44 9.03 4.80 1.26
CA GLU A 44 10.05 3.90 0.70
C GLU A 44 9.47 3.01 -0.42
N LEU A 45 8.31 2.41 -0.13
CA LEU A 45 7.62 1.48 -1.05
C LEU A 45 7.04 2.21 -2.25
N ILE A 46 6.57 3.44 -2.05
CA ILE A 46 6.01 4.28 -3.13
C ILE A 46 7.12 4.64 -4.12
N GLU A 47 8.24 5.16 -3.58
CA GLU A 47 9.42 5.58 -4.36
C GLU A 47 10.00 4.40 -5.17
N ALA A 48 10.25 3.27 -4.46
CA ALA A 48 10.90 2.08 -5.04
C ALA A 48 10.04 1.43 -6.14
N PHE A 49 8.71 1.47 -5.97
CA PHE A 49 7.76 0.91 -6.95
C PHE A 49 7.72 1.79 -8.23
N LEU A 50 7.45 3.09 -8.03
CA LEU A 50 7.18 4.05 -9.13
C LEU A 50 8.43 4.32 -9.98
N ASN A 51 9.61 4.39 -9.33
CA ASN A 51 10.89 4.71 -10.00
C ASN A 51 11.49 3.47 -10.67
N SER A 52 11.01 2.26 -10.29
CA SER A 52 11.45 1.01 -10.92
C SER A 52 10.77 0.82 -12.30
N GLN A 53 9.70 1.60 -12.54
CA GLN A 53 8.96 1.59 -13.82
C GLN A 53 9.77 2.31 -14.91
N LYS A 54 10.20 3.54 -14.61
CA LYS A 54 11.00 4.38 -15.54
C LYS A 54 12.46 3.84 -15.64
N ALA B 1 16.71 0.17 4.39
CA ALA B 1 15.78 1.17 4.91
C ALA B 1 15.47 0.89 6.39
N ARG B 2 15.18 1.96 7.16
CA ARG B 2 14.73 1.88 8.57
C ARG B 2 13.31 2.45 8.72
N THR B 3 12.81 3.14 7.66
CA THR B 3 11.44 3.68 7.62
C THR B 3 10.40 2.57 7.84
N LYS B 4 9.54 2.75 8.85
CA LYS B 4 8.46 1.79 9.17
C LYS B 4 7.50 1.73 7.97
N GLN B 5 7.49 0.57 7.29
CA GLN B 5 6.64 0.38 6.11
C GLN B 5 5.22 0.03 6.57
N THR B 6 4.54 1.07 7.04
CA THR B 6 3.21 0.99 7.61
C THR B 6 2.21 1.55 6.58
N ALA B 7 0.96 1.09 6.67
CA ALA B 7 -0.14 1.65 5.89
C ALA B 7 -1.46 1.37 6.61
N ARG B 8 -2.32 2.37 6.57
CA ARG B 8 -3.66 2.34 7.17
C ARG B 8 -4.63 1.64 6.21
N SER B 10 -8.53 1.18 4.76
CA SER B 10 -9.73 2.01 4.58
C SER B 10 -10.90 1.51 5.46
N THR B 11 -10.74 0.31 6.03
CA THR B 11 -11.68 -0.29 6.97
C THR B 11 -10.92 -1.12 8.02
N GLY B 12 -10.63 -0.49 9.16
CA GLY B 12 -10.14 -1.17 10.36
C GLY B 12 -11.31 -1.45 11.31
N GLY B 13 -12.32 -2.16 10.75
CA GLY B 13 -13.63 -2.31 11.39
C GLY B 13 -14.63 -1.31 10.82
N LYS B 14 -15.81 -1.23 11.45
CA LYS B 14 -16.91 -0.34 11.01
C LYS B 14 -17.62 0.27 12.22
N ALA B 15 -18.26 1.44 12.01
CA ALA B 15 -18.93 2.22 13.06
C ALA B 15 -20.25 2.82 12.52
N GLY A 1 -6.34 0.93 12.21
CA GLY A 1 -6.15 -0.11 11.18
C GLY A 1 -4.88 0.08 10.36
N GLU A 2 -3.84 0.65 11.00
CA GLU A 2 -2.51 0.79 10.40
C GLU A 2 -1.68 -0.47 10.72
N PHE A 3 -1.18 -1.15 9.68
CA PHE A 3 -0.30 -2.33 9.79
C PHE A 3 0.87 -2.20 8.80
N VAL A 4 1.97 -2.90 9.10
CA VAL A 4 3.14 -2.95 8.21
C VAL A 4 2.84 -3.74 6.92
N VAL A 5 2.76 -3.01 5.80
CA VAL A 5 2.67 -3.62 4.47
C VAL A 5 4.07 -4.13 4.05
N GLU A 6 4.11 -5.30 3.40
CA GLU A 6 5.35 -5.89 2.86
C GLU A 6 5.87 -5.05 1.68
N LYS A 7 5.03 -4.91 0.64
CA LYS A 7 5.40 -4.20 -0.61
C LYS A 7 4.17 -3.92 -1.48
N VAL A 8 4.36 -3.02 -2.46
CA VAL A 8 3.39 -2.74 -3.54
C VAL A 8 3.58 -3.77 -4.66
N LEU A 9 2.47 -4.29 -5.19
CA LEU A 9 2.46 -5.26 -6.30
C LEU A 9 1.93 -4.62 -7.59
N ASP A 10 1.03 -3.62 -7.45
CA ASP A 10 0.33 -3.01 -8.60
C ASP A 10 -0.24 -1.63 -8.22
N ARG A 11 -0.63 -0.85 -9.24
CA ARG A 11 -1.18 0.51 -9.10
C ARG A 11 -2.36 0.69 -10.10
N ARG A 12 -3.47 1.29 -9.61
CA ARG A 12 -4.66 1.63 -10.41
C ARG A 12 -5.12 3.07 -10.07
N VAL A 13 -6.14 3.55 -10.79
CA VAL A 13 -6.80 4.83 -10.51
C VAL A 13 -8.32 4.61 -10.35
N VAL A 14 -8.84 4.85 -9.14
CA VAL A 14 -10.28 4.82 -8.84
C VAL A 14 -10.67 6.15 -8.17
N ASN A 15 -11.77 6.76 -8.68
CA ASN A 15 -12.28 8.08 -8.23
C ASN A 15 -11.34 9.23 -8.67
N GLY A 16 -10.41 8.92 -9.60
CA GLY A 16 -9.37 9.87 -10.01
C GLY A 16 -8.20 9.92 -9.04
N LYS A 17 -8.18 8.99 -8.07
CA LYS A 17 -7.14 8.87 -7.02
C LYS A 17 -6.34 7.58 -7.26
N VAL A 18 -5.10 7.57 -6.76
CA VAL A 18 -4.11 6.51 -7.04
C VAL A 18 -4.13 5.48 -5.90
N GLU A 19 -4.43 4.21 -6.22
CA GLU A 19 -4.52 3.12 -5.23
C GLU A 19 -3.50 2.02 -5.56
N TYR A 20 -2.84 1.50 -4.52
CA TYR A 20 -1.79 0.49 -4.66
C TYR A 20 -2.23 -0.84 -4.04
N PHE A 21 -2.03 -1.94 -4.79
CA PHE A 21 -2.34 -3.31 -4.34
C PHE A 21 -1.24 -3.76 -3.39
N LEU A 22 -1.56 -3.84 -2.12
CA LEU A 22 -0.59 -4.07 -1.06
C LEU A 22 -0.56 -5.53 -0.65
N LYS A 23 0.63 -6.14 -0.77
CA LYS A 23 0.94 -7.38 -0.07
C LYS A 23 1.28 -6.96 1.36
N TRP A 24 0.45 -7.36 2.33
CA TRP A 24 0.67 -7.06 3.76
C TRP A 24 1.64 -8.08 4.37
N LYS A 25 2.56 -7.59 5.21
CA LYS A 25 3.74 -8.36 5.67
C LYS A 25 3.34 -9.62 6.46
N GLY A 26 2.61 -9.41 7.58
CA GLY A 26 2.11 -10.50 8.42
C GLY A 26 0.74 -11.03 8.00
N PHE A 27 0.42 -10.93 6.69
CA PHE A 27 -0.80 -11.48 6.08
C PHE A 27 -0.46 -12.19 4.75
N THR A 28 -1.43 -12.96 4.23
CA THR A 28 -1.24 -13.79 3.02
C THR A 28 -1.42 -12.96 1.73
N ASP A 29 -1.10 -13.60 0.57
CA ASP A 29 -1.26 -13.00 -0.77
C ASP A 29 -2.76 -12.87 -1.14
N ALA A 30 -3.57 -13.80 -0.61
CA ALA A 30 -5.04 -13.80 -0.81
C ALA A 30 -5.72 -12.67 0.00
N ASP A 31 -5.03 -12.21 1.07
CA ASP A 31 -5.56 -11.17 1.99
C ASP A 31 -5.06 -9.75 1.58
N ASN A 32 -4.46 -9.65 0.38
CA ASN A 32 -4.03 -8.37 -0.22
C ASN A 32 -5.23 -7.47 -0.59
N THR A 33 -5.07 -6.15 -0.40
CA THR A 33 -6.14 -5.16 -0.61
C THR A 33 -5.59 -3.87 -1.25
N TRP A 34 -6.47 -3.12 -1.94
CA TRP A 34 -6.13 -1.85 -2.61
C TRP A 34 -6.27 -0.67 -1.66
N GLU A 35 -5.14 -0.06 -1.27
CA GLU A 35 -5.13 1.12 -0.39
C GLU A 35 -4.53 2.33 -1.14
N PRO A 36 -5.24 3.49 -1.19
CA PRO A 36 -4.73 4.70 -1.86
C PRO A 36 -3.51 5.31 -1.17
N GLU A 37 -2.72 6.08 -1.93
CA GLU A 37 -1.50 6.78 -1.46
C GLU A 37 -1.77 7.71 -0.25
N GLU A 38 -3.00 8.27 -0.19
CA GLU A 38 -3.44 9.13 0.92
C GLU A 38 -3.56 8.31 2.22
N ASN A 39 -3.96 7.05 2.05
CA ASN A 39 -4.23 6.11 3.13
C ASN A 39 -2.96 5.33 3.53
N LEU A 40 -1.94 5.31 2.64
CA LEU A 40 -0.63 4.68 2.92
C LEU A 40 0.15 5.49 3.97
N ASP A 41 1.16 4.87 4.57
CA ASP A 41 2.07 5.52 5.53
C ASP A 41 3.51 5.07 5.20
N CYS A 42 3.76 4.86 3.89
CA CYS A 42 5.05 4.39 3.38
C CYS A 42 5.32 4.99 1.97
N PRO A 43 6.08 6.13 1.89
CA PRO A 43 6.58 6.65 0.59
C PRO A 43 7.78 5.82 0.08
N GLU A 44 8.37 5.03 0.98
CA GLU A 44 9.50 4.15 0.70
C GLU A 44 9.14 3.10 -0.37
N LEU A 45 7.93 2.50 -0.24
CA LEU A 45 7.42 1.50 -1.20
C LEU A 45 7.00 2.16 -2.53
N ILE A 46 6.28 3.28 -2.44
CA ILE A 46 5.74 3.99 -3.62
C ILE A 46 6.89 4.45 -4.55
N GLU A 47 7.93 5.02 -3.93
CA GLU A 47 9.15 5.46 -4.63
C GLU A 47 9.86 4.25 -5.25
N ALA A 48 10.14 3.21 -4.43
CA ALA A 48 10.84 1.97 -4.88
C ALA A 48 10.11 1.27 -6.04
N PHE A 49 8.77 1.39 -6.03
CA PHE A 49 7.87 0.84 -7.06
C PHE A 49 8.07 1.58 -8.41
N LEU A 50 8.20 2.92 -8.34
CA LEU A 50 8.42 3.77 -9.53
C LEU A 50 9.89 3.67 -10.02
N ASN A 51 10.81 3.47 -9.06
CA ASN A 51 12.27 3.36 -9.32
C ASN A 51 12.60 2.00 -9.95
N SER A 52 11.74 1.00 -9.65
CA SER A 52 11.80 -0.33 -10.26
C SER A 52 11.50 -0.25 -11.78
N GLN A 53 10.63 0.71 -12.15
CA GLN A 53 10.18 0.93 -13.53
C GLN A 53 11.27 1.63 -14.37
N LYS A 54 12.12 2.45 -13.72
CA LYS A 54 13.28 3.08 -14.37
C LYS A 54 14.40 2.03 -14.56
N ALA B 1 14.00 4.57 8.64
CA ALA B 1 15.20 3.74 8.91
C ALA B 1 14.79 2.28 9.18
N ARG B 2 15.73 1.34 8.87
CA ARG B 2 15.57 -0.13 9.07
C ARG B 2 14.43 -0.73 8.18
N THR B 3 13.99 0.04 7.16
CA THR B 3 12.87 -0.30 6.27
C THR B 3 11.59 -0.58 7.10
N LYS B 4 10.95 0.52 7.58
CA LYS B 4 9.68 0.46 8.31
C LYS B 4 8.58 1.05 7.42
N GLN B 5 7.94 0.17 6.63
CA GLN B 5 6.99 0.57 5.61
C GLN B 5 5.57 0.11 6.04
N THR B 6 4.76 1.07 6.49
CA THR B 6 3.40 0.84 7.03
C THR B 6 2.33 1.46 6.12
N ALA B 7 1.07 1.11 6.38
CA ALA B 7 -0.08 1.63 5.64
C ALA B 7 -1.35 1.35 6.43
N ARG B 8 -2.40 2.09 6.13
CA ARG B 8 -3.68 2.02 6.85
C ARG B 8 -4.74 1.41 5.92
N SER B 10 -8.06 2.51 6.09
CA SER B 10 -9.11 3.56 6.01
C SER B 10 -8.51 4.89 6.50
N THR B 11 -8.50 5.90 5.60
CA THR B 11 -8.02 7.26 5.90
C THR B 11 -8.78 7.85 7.12
N GLY B 12 -10.11 7.75 7.06
CA GLY B 12 -10.96 8.00 8.21
C GLY B 12 -11.02 6.75 9.10
N GLY B 13 -9.94 6.52 9.88
CA GLY B 13 -9.78 5.33 10.73
C GLY B 13 -10.64 5.38 11.98
N LYS B 14 -11.94 5.11 11.80
CA LYS B 14 -12.96 5.14 12.87
C LYS B 14 -14.12 4.18 12.52
N ALA B 15 -14.79 3.64 13.55
CA ALA B 15 -15.93 2.72 13.37
C ALA B 15 -17.24 3.54 13.40
N GLY A 1 3.30 0.47 13.32
CA GLY A 1 1.88 0.77 13.00
C GLY A 1 1.00 -0.45 13.15
N GLU A 2 -0.31 -0.28 12.87
CA GLU A 2 -1.29 -1.37 13.07
C GLU A 2 -1.17 -2.45 11.99
N PHE A 3 -1.11 -2.06 10.71
CA PHE A 3 -0.88 -3.03 9.62
C PHE A 3 0.40 -2.67 8.87
N VAL A 4 1.38 -3.57 8.97
CA VAL A 4 2.66 -3.44 8.27
C VAL A 4 2.53 -3.95 6.85
N VAL A 5 3.09 -3.19 5.90
CA VAL A 5 3.14 -3.57 4.49
C VAL A 5 4.60 -3.83 4.08
N GLU A 6 4.81 -4.99 3.43
CA GLU A 6 6.09 -5.38 2.83
C GLU A 6 6.45 -4.42 1.68
N LYS A 7 5.61 -4.42 0.62
CA LYS A 7 5.82 -3.60 -0.59
C LYS A 7 4.53 -3.56 -1.41
N VAL A 8 4.51 -2.68 -2.41
CA VAL A 8 3.44 -2.62 -3.41
C VAL A 8 3.69 -3.67 -4.51
N LEU A 9 2.61 -4.26 -5.03
CA LEU A 9 2.66 -5.30 -6.09
C LEU A 9 2.14 -4.75 -7.43
N ASP A 10 1.16 -3.82 -7.37
CA ASP A 10 0.51 -3.28 -8.58
C ASP A 10 -0.03 -1.85 -8.29
N ARG A 11 -0.32 -1.08 -9.35
CA ARG A 11 -0.84 0.30 -9.23
C ARG A 11 -2.01 0.48 -10.20
N ARG A 12 -3.05 1.22 -9.76
CA ARG A 12 -4.24 1.51 -10.59
C ARG A 12 -4.83 2.89 -10.22
N VAL A 13 -5.80 3.34 -11.03
CA VAL A 13 -6.55 4.58 -10.79
C VAL A 13 -8.05 4.24 -10.64
N VAL A 14 -8.63 4.59 -9.48
CA VAL A 14 -10.07 4.40 -9.19
C VAL A 14 -10.62 5.70 -8.61
N ASN A 15 -11.71 6.21 -9.21
CA ASN A 15 -12.42 7.47 -8.81
C ASN A 15 -11.53 8.71 -9.06
N GLY A 16 -10.51 8.54 -9.92
CA GLY A 16 -9.49 9.56 -10.14
C GLY A 16 -8.31 9.45 -9.18
N LYS A 17 -8.51 8.72 -8.06
CA LYS A 17 -7.49 8.55 -7.00
C LYS A 17 -6.45 7.50 -7.43
N VAL A 18 -5.30 7.51 -6.75
CA VAL A 18 -4.15 6.65 -7.08
C VAL A 18 -4.02 5.55 -6.02
N GLU A 19 -4.36 4.31 -6.40
CA GLU A 19 -4.33 3.14 -5.50
C GLU A 19 -3.14 2.23 -5.81
N TYR A 20 -2.69 1.52 -4.78
CA TYR A 20 -1.57 0.58 -4.84
C TYR A 20 -2.02 -0.71 -4.14
N PHE A 21 -1.70 -1.88 -4.73
CA PHE A 21 -1.97 -3.17 -4.09
C PHE A 21 -0.87 -3.42 -3.05
N LEU A 22 -1.22 -3.27 -1.78
CA LEU A 22 -0.29 -3.43 -0.66
C LEU A 22 -0.23 -4.88 -0.23
N LYS A 23 0.95 -5.50 -0.43
CA LYS A 23 1.28 -6.79 0.14
C LYS A 23 1.52 -6.55 1.63
N TRP A 24 0.50 -6.82 2.46
CA TRP A 24 0.63 -6.74 3.92
C TRP A 24 1.60 -7.83 4.39
N LYS A 25 2.64 -7.39 5.09
CA LYS A 25 3.76 -8.23 5.50
C LYS A 25 3.29 -9.32 6.48
N GLY A 26 3.40 -10.59 6.04
CA GLY A 26 3.00 -11.74 6.85
C GLY A 26 1.58 -12.23 6.55
N PHE A 27 0.86 -11.50 5.67
CA PHE A 27 -0.53 -11.81 5.27
C PHE A 27 -0.56 -12.30 3.82
N THR A 28 -1.43 -13.29 3.55
CA THR A 28 -1.57 -13.91 2.22
C THR A 28 -2.05 -12.89 1.16
N ASP A 29 -1.68 -13.14 -0.11
CA ASP A 29 -1.89 -12.20 -1.24
C ASP A 29 -3.38 -12.04 -1.60
N ALA A 30 -4.19 -13.04 -1.25
CA ALA A 30 -5.66 -12.96 -1.39
C ALA A 30 -6.27 -12.01 -0.34
N ASP A 31 -5.62 -11.95 0.84
CA ASP A 31 -6.01 -11.06 1.95
C ASP A 31 -5.51 -9.62 1.72
N ASN A 32 -4.37 -9.49 1.02
CA ASN A 32 -3.77 -8.18 0.69
C ASN A 32 -4.71 -7.32 -0.17
N THR A 33 -4.72 -5.98 0.08
CA THR A 33 -5.80 -5.07 -0.41
C THR A 33 -5.24 -3.88 -1.19
N TRP A 34 -6.15 -3.13 -1.85
CA TRP A 34 -5.83 -1.87 -2.55
C TRP A 34 -5.94 -0.69 -1.57
N GLU A 35 -4.81 -0.04 -1.29
CA GLU A 35 -4.76 1.19 -0.48
C GLU A 35 -4.21 2.35 -1.34
N PRO A 36 -4.88 3.54 -1.34
CA PRO A 36 -4.35 4.74 -2.04
C PRO A 36 -3.14 5.35 -1.30
N GLU A 37 -2.28 6.05 -2.06
CA GLU A 37 -1.06 6.73 -1.54
C GLU A 37 -1.40 7.74 -0.42
N GLU A 38 -2.59 8.33 -0.50
CA GLU A 38 -3.10 9.33 0.44
C GLU A 38 -3.42 8.71 1.83
N ASN A 39 -3.39 7.36 1.91
CA ASN A 39 -3.77 6.59 3.10
C ASN A 39 -2.55 5.82 3.68
N LEU A 40 -1.41 5.85 2.96
CA LEU A 40 -0.19 5.09 3.34
C LEU A 40 0.69 5.89 4.30
N ASP A 41 1.32 5.17 5.26
CA ASP A 41 2.33 5.75 6.16
C ASP A 41 3.75 5.53 5.58
N CYS A 42 3.82 4.76 4.48
CA CYS A 42 5.08 4.35 3.84
C CYS A 42 5.30 5.12 2.50
N PRO A 43 6.12 6.23 2.50
CA PRO A 43 6.50 6.93 1.24
C PRO A 43 7.56 6.15 0.44
N GLU A 44 8.38 5.36 1.18
CA GLU A 44 9.48 4.57 0.62
C GLU A 44 8.98 3.54 -0.40
N LEU A 45 7.92 2.80 -0.03
CA LEU A 45 7.35 1.70 -0.86
C LEU A 45 6.63 2.24 -2.11
N ILE A 46 6.07 3.46 -2.00
CA ILE A 46 5.43 4.15 -3.13
C ILE A 46 6.49 4.50 -4.19
N GLU A 47 7.55 5.20 -3.73
CA GLU A 47 8.72 5.59 -4.55
C GLU A 47 9.32 4.36 -5.21
N ALA A 48 9.63 3.36 -4.36
CA ALA A 48 10.44 2.19 -4.73
C ALA A 48 9.73 1.31 -5.76
N PHE A 49 8.38 1.25 -5.68
CA PHE A 49 7.56 0.53 -6.67
C PHE A 49 7.65 1.22 -8.05
N LEU A 50 7.44 2.54 -8.06
CA LEU A 50 7.49 3.35 -9.29
C LEU A 50 8.90 3.31 -9.90
N ASN A 51 9.90 3.20 -9.01
CA ASN A 51 11.33 3.08 -9.35
C ASN A 51 11.60 1.70 -9.97
N SER A 52 10.94 0.68 -9.39
CA SER A 52 11.10 -0.73 -9.80
C SER A 52 10.48 -0.99 -11.18
N GLN A 53 9.43 -0.19 -11.54
CA GLN A 53 8.80 -0.26 -12.88
C GLN A 53 9.84 0.09 -13.98
N LYS A 54 10.83 0.93 -13.62
CA LYS A 54 11.96 1.27 -14.49
C LYS A 54 13.03 0.16 -14.41
N ALA B 1 16.58 1.43 9.88
CA ALA B 1 15.24 1.95 9.52
C ALA B 1 15.28 3.49 9.42
N ARG B 2 14.66 4.05 8.37
CA ARG B 2 14.58 5.51 8.15
C ARG B 2 13.14 5.98 8.31
N THR B 3 12.29 5.52 7.39
CA THR B 3 10.84 5.80 7.37
C THR B 3 10.06 4.57 7.85
N LYS B 4 8.83 4.79 8.33
CA LYS B 4 7.95 3.73 8.88
C LYS B 4 7.09 3.11 7.76
N GLN B 5 7.50 1.89 7.32
CA GLN B 5 6.79 1.10 6.29
C GLN B 5 5.54 0.42 6.89
N THR B 6 4.46 1.21 7.02
CA THR B 6 3.17 0.75 7.55
C THR B 6 2.04 1.44 6.77
N ALA B 7 0.81 1.05 7.11
CA ALA B 7 -0.40 1.67 6.57
C ALA B 7 -1.62 1.23 7.40
N ARG B 8 -2.75 1.84 7.06
CA ARG B 8 -4.03 1.63 7.70
C ARG B 8 -5.04 1.32 6.60
N SER B 10 -8.32 1.18 4.44
CA SER B 10 -9.41 2.13 4.18
C SER B 10 -10.76 1.48 4.53
N THR B 11 -11.20 1.74 5.78
CA THR B 11 -12.44 1.18 6.34
C THR B 11 -13.70 1.79 5.67
N GLY B 12 -13.51 2.94 5.00
CA GLY B 12 -14.60 3.69 4.39
C GLY B 12 -14.80 5.04 5.06
N GLY B 13 -15.47 5.95 4.35
CA GLY B 13 -15.69 7.31 4.84
C GLY B 13 -14.46 8.20 4.70
N LYS B 14 -13.58 7.85 3.72
CA LYS B 14 -12.36 8.62 3.44
C LYS B 14 -12.69 9.75 2.44
N ALA B 15 -13.06 10.92 2.99
CA ALA B 15 -13.35 12.14 2.19
C ALA B 15 -12.14 13.09 2.25
N GLY A 1 -2.05 -2.12 15.73
CA GLY A 1 -2.76 -0.95 15.17
C GLY A 1 -2.64 -0.86 13.66
N GLU A 2 -1.53 -0.29 13.16
CA GLU A 2 -1.28 -0.11 11.72
C GLU A 2 -0.84 -1.44 11.10
N PHE A 3 -1.19 -1.65 9.83
CA PHE A 3 -0.86 -2.86 9.08
C PHE A 3 0.49 -2.67 8.41
N VAL A 4 1.50 -3.47 8.80
CA VAL A 4 2.82 -3.42 8.17
C VAL A 4 2.74 -4.09 6.79
N VAL A 5 3.16 -3.35 5.77
CA VAL A 5 3.11 -3.78 4.37
C VAL A 5 4.54 -4.12 3.87
N GLU A 6 4.64 -5.26 3.18
CA GLU A 6 5.88 -5.76 2.58
C GLU A 6 6.33 -4.84 1.43
N LYS A 7 5.44 -4.68 0.44
CA LYS A 7 5.75 -4.01 -0.83
C LYS A 7 4.47 -3.64 -1.59
N VAL A 8 4.64 -2.80 -2.62
CA VAL A 8 3.59 -2.50 -3.61
C VAL A 8 3.78 -3.44 -4.82
N LEU A 9 2.66 -3.91 -5.38
CA LEU A 9 2.63 -4.90 -6.47
C LEU A 9 2.17 -4.24 -7.78
N ASP A 10 1.18 -3.32 -7.68
CA ASP A 10 0.51 -2.72 -8.86
C ASP A 10 -0.13 -1.37 -8.48
N ARG A 11 -0.48 -0.57 -9.49
CA ARG A 11 -1.06 0.79 -9.33
C ARG A 11 -2.32 0.93 -10.23
N ARG A 12 -3.37 1.58 -9.66
CA ARG A 12 -4.61 1.92 -10.39
C ARG A 12 -4.97 3.39 -10.10
N VAL A 13 -5.87 3.96 -10.94
CA VAL A 13 -6.46 5.29 -10.71
C VAL A 13 -8.00 5.18 -10.88
N VAL A 14 -8.73 5.27 -9.76
CA VAL A 14 -10.20 5.23 -9.72
C VAL A 14 -10.77 6.54 -9.16
N ASN A 15 -11.68 7.17 -9.95
CA ASN A 15 -12.37 8.44 -9.60
C ASN A 15 -11.36 9.60 -9.34
N GLY A 16 -10.17 9.50 -9.95
CA GLY A 16 -9.10 10.48 -9.77
C GLY A 16 -8.14 10.13 -8.64
N LYS A 17 -8.55 9.22 -7.76
CA LYS A 17 -7.75 8.73 -6.63
C LYS A 17 -6.83 7.60 -7.12
N VAL A 18 -5.65 7.49 -6.48
CA VAL A 18 -4.58 6.56 -6.90
C VAL A 18 -4.36 5.52 -5.80
N GLU A 19 -4.65 4.24 -6.11
CA GLU A 19 -4.51 3.13 -5.15
C GLU A 19 -3.36 2.21 -5.56
N TYR A 20 -2.81 1.51 -4.58
CA TYR A 20 -1.67 0.61 -4.74
C TYR A 20 -2.02 -0.76 -4.12
N PHE A 21 -1.79 -1.84 -4.89
CA PHE A 21 -2.07 -3.21 -4.45
C PHE A 21 -0.95 -3.67 -3.53
N LEU A 22 -1.24 -3.75 -2.23
CA LEU A 22 -0.23 -3.99 -1.22
C LEU A 22 -0.16 -5.47 -0.87
N LYS A 23 1.07 -6.01 -0.88
CA LYS A 23 1.37 -7.27 -0.24
C LYS A 23 1.65 -6.93 1.23
N TRP A 24 0.80 -7.43 2.12
CA TRP A 24 0.94 -7.21 3.56
C TRP A 24 2.01 -8.16 4.13
N LYS A 25 2.96 -7.61 4.90
CA LYS A 25 4.18 -8.31 5.31
C LYS A 25 3.88 -9.47 6.28
N GLY A 26 3.04 -9.19 7.28
CA GLY A 26 2.65 -10.17 8.30
C GLY A 26 1.33 -10.88 8.00
N PHE A 27 0.90 -10.85 6.71
CA PHE A 27 -0.40 -11.44 6.27
C PHE A 27 -0.25 -12.17 4.91
N THR A 28 -1.31 -12.89 4.50
CA THR A 28 -1.33 -13.74 3.30
C THR A 28 -1.55 -12.93 1.99
N ASP A 29 -1.40 -13.64 0.87
CA ASP A 29 -1.63 -13.10 -0.50
C ASP A 29 -3.13 -12.90 -0.76
N ALA A 30 -3.97 -13.69 -0.09
CA ALA A 30 -5.44 -13.56 -0.14
C ALA A 30 -5.90 -12.30 0.61
N ASP A 31 -5.05 -11.82 1.54
CA ASP A 31 -5.30 -10.63 2.37
C ASP A 31 -4.88 -9.34 1.63
N ASN A 32 -4.00 -9.48 0.60
CA ASN A 32 -3.54 -8.37 -0.27
C ASN A 32 -4.72 -7.54 -0.80
N THR A 33 -4.71 -6.22 -0.50
CA THR A 33 -5.82 -5.31 -0.84
C THR A 33 -5.30 -3.97 -1.40
N TRP A 34 -6.18 -3.28 -2.15
CA TRP A 34 -5.92 -1.96 -2.73
C TRP A 34 -6.14 -0.86 -1.68
N GLU A 35 -5.05 -0.18 -1.29
CA GLU A 35 -5.10 0.97 -0.39
C GLU A 35 -4.56 2.21 -1.13
N PRO A 36 -5.31 3.36 -1.12
CA PRO A 36 -4.84 4.61 -1.77
C PRO A 36 -3.62 5.24 -1.07
N GLU A 37 -2.89 6.09 -1.81
CA GLU A 37 -1.66 6.75 -1.32
C GLU A 37 -1.92 7.68 -0.12
N GLU A 38 -3.14 8.23 -0.04
CA GLU A 38 -3.62 9.07 1.08
C GLU A 38 -3.80 8.23 2.37
N ASN A 39 -3.91 6.91 2.18
CA ASN A 39 -4.19 5.95 3.25
C ASN A 39 -2.89 5.16 3.62
N LEU A 40 -1.81 5.38 2.84
CA LEU A 40 -0.50 4.74 3.08
C LEU A 40 0.36 5.60 4.00
N ASP A 41 1.04 4.94 4.95
CA ASP A 41 2.06 5.58 5.80
C ASP A 41 3.47 5.21 5.25
N CYS A 42 3.50 4.38 4.19
CA CYS A 42 4.74 3.92 3.54
C CYS A 42 4.92 4.63 2.16
N PRO A 43 5.63 5.80 2.10
CA PRO A 43 5.94 6.46 0.81
C PRO A 43 7.23 5.93 0.16
N GLU A 44 8.03 5.18 0.95
CA GLU A 44 9.26 4.52 0.48
C GLU A 44 8.91 3.38 -0.46
N LEU A 45 7.90 2.57 -0.06
CA LEU A 45 7.41 1.41 -0.85
C LEU A 45 6.79 1.88 -2.17
N ILE A 46 6.15 3.06 -2.14
CA ILE A 46 5.60 3.71 -3.35
C ILE A 46 6.76 4.07 -4.30
N GLU A 47 7.73 4.85 -3.77
CA GLU A 47 8.92 5.30 -4.52
C GLU A 47 9.70 4.11 -5.11
N ALA A 48 9.90 3.08 -4.29
CA ALA A 48 10.67 1.87 -4.63
C ALA A 48 10.02 1.13 -5.81
N PHE A 49 8.68 1.03 -5.74
CA PHE A 49 7.84 0.47 -6.81
C PHE A 49 8.01 1.26 -8.12
N LEU A 50 7.88 2.60 -8.03
CA LEU A 50 7.94 3.52 -9.19
C LEU A 50 9.33 3.46 -9.87
N ASN A 51 10.38 3.30 -9.05
CA ASN A 51 11.78 3.22 -9.50
C ASN A 51 12.05 1.85 -10.16
N SER A 52 11.48 0.78 -9.57
CA SER A 52 11.66 -0.61 -10.03
C SER A 52 10.74 -0.95 -11.22
N GLN A 53 9.94 0.02 -11.70
CA GLN A 53 9.17 -0.13 -12.95
C GLN A 53 10.15 -0.14 -14.14
N LYS A 54 11.00 0.91 -14.24
CA LYS A 54 12.02 1.02 -15.31
C LYS A 54 13.42 0.89 -14.68
N ALA B 1 12.73 -3.20 16.20
CA ALA B 1 12.34 -3.13 14.78
C ALA B 1 12.15 -1.67 14.35
N ARG B 2 12.73 -1.30 13.21
CA ARG B 2 12.55 0.03 12.62
C ARG B 2 11.31 -0.02 11.71
N THR B 3 10.13 -0.02 12.34
CA THR B 3 8.83 -0.13 11.66
C THR B 3 8.25 1.27 11.44
N LYS B 4 8.40 1.79 10.23
CA LYS B 4 7.68 3.00 9.74
C LYS B 4 6.90 2.67 8.47
N GLN B 5 7.32 1.61 7.76
CA GLN B 5 6.71 1.20 6.49
C GLN B 5 5.42 0.42 6.75
N THR B 6 4.37 1.19 7.06
CA THR B 6 3.04 0.68 7.40
C THR B 6 1.98 1.33 6.51
N ALA B 7 0.74 0.91 6.71
CA ALA B 7 -0.41 1.43 5.98
C ALA B 7 -1.65 1.34 6.88
N ARG B 8 -2.72 1.93 6.39
CA ARG B 8 -3.98 2.08 7.11
C ARG B 8 -5.10 1.56 6.20
N SER B 10 -8.38 3.19 6.52
CA SER B 10 -9.33 4.28 6.62
C SER B 10 -8.57 5.58 6.90
N THR B 11 -8.36 6.39 5.84
CA THR B 11 -7.68 7.71 5.91
C THR B 11 -8.29 8.61 7.01
N GLY B 12 -9.61 8.52 7.16
CA GLY B 12 -10.36 9.25 8.16
C GLY B 12 -11.86 9.13 7.91
N GLY B 13 -12.28 9.54 6.70
CA GLY B 13 -13.68 9.49 6.27
C GLY B 13 -14.03 10.66 5.37
N LYS B 14 -13.43 10.67 4.16
CA LYS B 14 -13.71 11.71 3.14
C LYS B 14 -15.14 11.49 2.58
N ALA B 15 -16.11 12.21 3.18
CA ALA B 15 -17.53 12.10 2.84
C ALA B 15 -18.06 13.49 2.39
#